data_3UAR
# 
_entry.id   3UAR 
# 
_audit_conform.dict_name       mmcif_pdbx.dic 
_audit_conform.dict_version    5.379 
_audit_conform.dict_location   http://mmcif.pdb.org/dictionaries/ascii/mmcif_pdbx.dic 
# 
loop_
_database_2.database_id 
_database_2.database_code 
_database_2.pdbx_database_accession 
_database_2.pdbx_DOI 
PDB   3UAR         pdb_00003uar 10.2210/pdb3uar/pdb 
RCSB  RCSB068519   ?            ?                   
WWPDB D_1000068519 ?            ?                   
# 
loop_
_pdbx_database_related.db_name 
_pdbx_database_related.db_id 
_pdbx_database_related.details 
_pdbx_database_related.content_type 
PDB         3UAP       . unspecified 
TargetTrack EFI-501774 . unspecified 
# 
_pdbx_database_status.status_code                     REL 
_pdbx_database_status.entry_id                        3UAR 
_pdbx_database_status.recvd_initial_deposition_date   2011-10-21 
_pdbx_database_status.deposit_site                    RCSB 
_pdbx_database_status.process_site                    RCSB 
_pdbx_database_status.status_code_sf                  REL 
_pdbx_database_status.status_code_mr                  ? 
_pdbx_database_status.SG_entry                        Y 
_pdbx_database_status.status_code_cs                  ? 
_pdbx_database_status.pdb_format_compatible           Y 
_pdbx_database_status.methods_development_category    ? 
_pdbx_database_status.status_code_nmr_data            ? 
# 
loop_
_audit_author.name 
_audit_author.pdbx_ordinal 
'Patskovsky, Y.'                   1  
'Toro, R.'                         2  
'Bhosle, R.'                       3  
'Zencheck, W.D.'                   4  
'Hillerich, B.'                    5  
'Seidel, R.D.'                     6  
'Washington, E.'                   7  
'Scott Glenn, A.'                  8  
'Chowdhury, S.'                    9  
'Evans, B.'                        10 
'Hammonds, J.'                     11 
'Imker, H.J.'                      12 
'Armstrong, R.N.'                  13 
'Gerlt, J.A.'                      14 
'Almo, S.C.'                       15 
'Enzyme Function Initiative (EFI)' 16 
# 
_citation.id                        primary 
_citation.title                     'Crystal Structure of Glutathione S-Transferase from Methylococcus Capsulatus' 
_citation.journal_abbrev            'To be Published' 
_citation.journal_volume            ? 
_citation.page_first                ? 
_citation.page_last                 ? 
_citation.year                      ? 
_citation.journal_id_ASTM           ? 
_citation.country                   ? 
_citation.journal_id_ISSN           ? 
_citation.journal_id_CSD            0353 
_citation.book_publisher            ? 
_citation.pdbx_database_id_PubMed   ? 
_citation.pdbx_database_id_DOI      ? 
# 
loop_
_citation_author.citation_id 
_citation_author.name 
_citation_author.ordinal 
_citation_author.identifier_ORCID 
primary 'Patskovsky, Y.'  1  ? 
primary 'Toro, R.'        2  ? 
primary 'Bhosle, R.'      3  ? 
primary 'Zencheck, W.D.'  4  ? 
primary 'Hillerich, B.'   5  ? 
primary 'Seidel, R.D.'    6  ? 
primary 'Washington, E.'  7  ? 
primary 'Scott Glenn, A.' 8  ? 
primary 'Chowdhury, S.'   9  ? 
primary 'Evans, B.'       10 ? 
primary 'Hammonds, J.'    11 ? 
primary 'Imker, H.J.'     12 ? 
primary 'Armstrong, R.N.' 13 ? 
primary 'Gerlt, J.A.'     14 ? 
primary 'Almo, S.C.'      15 ? 
# 
_cell.entry_id           3UAR 
_cell.length_a           128.932 
_cell.length_b           128.932 
_cell.length_c           128.932 
_cell.angle_alpha        90.00 
_cell.angle_beta         90.00 
_cell.angle_gamma        90.00 
_cell.Z_PDB              24 
_cell.pdbx_unique_axis   ? 
_cell.length_a_esd       ? 
_cell.length_b_esd       ? 
_cell.length_c_esd       ? 
_cell.angle_alpha_esd    ? 
_cell.angle_beta_esd     ? 
_cell.angle_gamma_esd    ? 
# 
_symmetry.entry_id                         3UAR 
_symmetry.space_group_name_H-M             'P 43 3 2' 
_symmetry.pdbx_full_space_group_name_H-M   ? 
_symmetry.cell_setting                     ? 
_symmetry.Int_Tables_number                212 
_symmetry.space_group_name_Hall            ? 
# 
loop_
_entity.id 
_entity.type 
_entity.src_method 
_entity.pdbx_description 
_entity.formula_weight 
_entity.pdbx_number_of_molecules 
_entity.pdbx_ec 
_entity.pdbx_mutation 
_entity.pdbx_fragment 
_entity.details 
1 polymer     man 'Glutathione S-transferase' 25875.447 1 2.5.1.18 ? ? ? 
2 non-polymer syn GLUTATHIONE                 307.323   1 ?        ? ? ? 
3 non-polymer syn GLYCEROL                    92.094    1 ?        ? ? ? 
4 water       nat water                       18.015    8 ?        ? ? ? 
# 
_entity_poly.entity_id                      1 
_entity_poly.type                           'polypeptide(L)' 
_entity_poly.nstd_linkage                   no 
_entity_poly.nstd_monomer                   no 
_entity_poly.pdbx_seq_one_letter_code       
;MVMKLYYFPGACSLAPHIVLREAGLDFELENVDLGTKKTGSGADFLQVNPKGYVPALQLDDGQVLTEDQVILQYLADLKP
ESGLMPPSGTFERYRLLEWLAFISTEIHKTFGPFWNPESPEASKQIALGLLSRRLDYVEDRLEAGGPWLMGDRYSVADAY
LSTVLGWCEYLKIDLSKWPRILAYLERNQARPAVQAAMKAEGLIQAENLYFQSHHHHHHWSHPQFEK
;
_entity_poly.pdbx_seq_one_letter_code_can   
;MVMKLYYFPGACSLAPHIVLREAGLDFELENVDLGTKKTGSGADFLQVNPKGYVPALQLDDGQVLTEDQVILQYLADLKP
ESGLMPPSGTFERYRLLEWLAFISTEIHKTFGPFWNPESPEASKQIALGLLSRRLDYVEDRLEAGGPWLMGDRYSVADAY
LSTVLGWCEYLKIDLSKWPRILAYLERNQARPAVQAAMKAEGLIQAENLYFQSHHHHHHWSHPQFEK
;
_entity_poly.pdbx_strand_id                 A 
_entity_poly.pdbx_target_identifier         EFI-501774 
# 
loop_
_entity_poly_seq.entity_id 
_entity_poly_seq.num 
_entity_poly_seq.mon_id 
_entity_poly_seq.hetero 
1 1   MET n 
1 2   VAL n 
1 3   MET n 
1 4   LYS n 
1 5   LEU n 
1 6   TYR n 
1 7   TYR n 
1 8   PHE n 
1 9   PRO n 
1 10  GLY n 
1 11  ALA n 
1 12  CYS n 
1 13  SER n 
1 14  LEU n 
1 15  ALA n 
1 16  PRO n 
1 17  HIS n 
1 18  ILE n 
1 19  VAL n 
1 20  LEU n 
1 21  ARG n 
1 22  GLU n 
1 23  ALA n 
1 24  GLY n 
1 25  LEU n 
1 26  ASP n 
1 27  PHE n 
1 28  GLU n 
1 29  LEU n 
1 30  GLU n 
1 31  ASN n 
1 32  VAL n 
1 33  ASP n 
1 34  LEU n 
1 35  GLY n 
1 36  THR n 
1 37  LYS n 
1 38  LYS n 
1 39  THR n 
1 40  GLY n 
1 41  SER n 
1 42  GLY n 
1 43  ALA n 
1 44  ASP n 
1 45  PHE n 
1 46  LEU n 
1 47  GLN n 
1 48  VAL n 
1 49  ASN n 
1 50  PRO n 
1 51  LYS n 
1 52  GLY n 
1 53  TYR n 
1 54  VAL n 
1 55  PRO n 
1 56  ALA n 
1 57  LEU n 
1 58  GLN n 
1 59  LEU n 
1 60  ASP n 
1 61  ASP n 
1 62  GLY n 
1 63  GLN n 
1 64  VAL n 
1 65  LEU n 
1 66  THR n 
1 67  GLU n 
1 68  ASP n 
1 69  GLN n 
1 70  VAL n 
1 71  ILE n 
1 72  LEU n 
1 73  GLN n 
1 74  TYR n 
1 75  LEU n 
1 76  ALA n 
1 77  ASP n 
1 78  LEU n 
1 79  LYS n 
1 80  PRO n 
1 81  GLU n 
1 82  SER n 
1 83  GLY n 
1 84  LEU n 
1 85  MET n 
1 86  PRO n 
1 87  PRO n 
1 88  SER n 
1 89  GLY n 
1 90  THR n 
1 91  PHE n 
1 92  GLU n 
1 93  ARG n 
1 94  TYR n 
1 95  ARG n 
1 96  LEU n 
1 97  LEU n 
1 98  GLU n 
1 99  TRP n 
1 100 LEU n 
1 101 ALA n 
1 102 PHE n 
1 103 ILE n 
1 104 SER n 
1 105 THR n 
1 106 GLU n 
1 107 ILE n 
1 108 HIS n 
1 109 LYS n 
1 110 THR n 
1 111 PHE n 
1 112 GLY n 
1 113 PRO n 
1 114 PHE n 
1 115 TRP n 
1 116 ASN n 
1 117 PRO n 
1 118 GLU n 
1 119 SER n 
1 120 PRO n 
1 121 GLU n 
1 122 ALA n 
1 123 SER n 
1 124 LYS n 
1 125 GLN n 
1 126 ILE n 
1 127 ALA n 
1 128 LEU n 
1 129 GLY n 
1 130 LEU n 
1 131 LEU n 
1 132 SER n 
1 133 ARG n 
1 134 ARG n 
1 135 LEU n 
1 136 ASP n 
1 137 TYR n 
1 138 VAL n 
1 139 GLU n 
1 140 ASP n 
1 141 ARG n 
1 142 LEU n 
1 143 GLU n 
1 144 ALA n 
1 145 GLY n 
1 146 GLY n 
1 147 PRO n 
1 148 TRP n 
1 149 LEU n 
1 150 MET n 
1 151 GLY n 
1 152 ASP n 
1 153 ARG n 
1 154 TYR n 
1 155 SER n 
1 156 VAL n 
1 157 ALA n 
1 158 ASP n 
1 159 ALA n 
1 160 TYR n 
1 161 LEU n 
1 162 SER n 
1 163 THR n 
1 164 VAL n 
1 165 LEU n 
1 166 GLY n 
1 167 TRP n 
1 168 CYS n 
1 169 GLU n 
1 170 TYR n 
1 171 LEU n 
1 172 LYS n 
1 173 ILE n 
1 174 ASP n 
1 175 LEU n 
1 176 SER n 
1 177 LYS n 
1 178 TRP n 
1 179 PRO n 
1 180 ARG n 
1 181 ILE n 
1 182 LEU n 
1 183 ALA n 
1 184 TYR n 
1 185 LEU n 
1 186 GLU n 
1 187 ARG n 
1 188 ASN n 
1 189 GLN n 
1 190 ALA n 
1 191 ARG n 
1 192 PRO n 
1 193 ALA n 
1 194 VAL n 
1 195 GLN n 
1 196 ALA n 
1 197 ALA n 
1 198 MET n 
1 199 LYS n 
1 200 ALA n 
1 201 GLU n 
1 202 GLY n 
1 203 LEU n 
1 204 ILE n 
1 205 GLN n 
1 206 ALA n 
1 207 GLU n 
1 208 ASN n 
1 209 LEU n 
1 210 TYR n 
1 211 PHE n 
1 212 GLN n 
1 213 SER n 
1 214 HIS n 
1 215 HIS n 
1 216 HIS n 
1 217 HIS n 
1 218 HIS n 
1 219 HIS n 
1 220 TRP n 
1 221 SER n 
1 222 HIS n 
1 223 PRO n 
1 224 GLN n 
1 225 PHE n 
1 226 GLU n 
1 227 LYS n 
# 
_entity_src_gen.entity_id                          1 
_entity_src_gen.pdbx_src_id                        1 
_entity_src_gen.pdbx_alt_source_flag               sample 
_entity_src_gen.pdbx_seq_type                      ? 
_entity_src_gen.pdbx_beg_seq_num                   ? 
_entity_src_gen.pdbx_end_seq_num                   ? 
_entity_src_gen.gene_src_common_name               ? 
_entity_src_gen.gene_src_genus                     ? 
_entity_src_gen.pdbx_gene_src_gene                 'gst, MCA0074' 
_entity_src_gen.gene_src_species                   ? 
_entity_src_gen.gene_src_strain                    'ATCC 33009 / NCIMB 11132 / Bath' 
_entity_src_gen.gene_src_tissue                    ? 
_entity_src_gen.gene_src_tissue_fraction           ? 
_entity_src_gen.gene_src_details                   ? 
_entity_src_gen.pdbx_gene_src_fragment             ? 
_entity_src_gen.pdbx_gene_src_scientific_name      'Methylococcus capsulatus' 
_entity_src_gen.pdbx_gene_src_ncbi_taxonomy_id     243233 
_entity_src_gen.pdbx_gene_src_variant              ? 
_entity_src_gen.pdbx_gene_src_cell_line            ? 
_entity_src_gen.pdbx_gene_src_atcc                 ? 
_entity_src_gen.pdbx_gene_src_organ                ? 
_entity_src_gen.pdbx_gene_src_organelle            ? 
_entity_src_gen.pdbx_gene_src_cell                 ? 
_entity_src_gen.pdbx_gene_src_cellular_location    ? 
_entity_src_gen.host_org_common_name               ? 
_entity_src_gen.pdbx_host_org_scientific_name      'Escherichia coli' 
_entity_src_gen.pdbx_host_org_ncbi_taxonomy_id     469008 
_entity_src_gen.host_org_genus                     ? 
_entity_src_gen.pdbx_host_org_gene                 ? 
_entity_src_gen.pdbx_host_org_organ                ? 
_entity_src_gen.host_org_species                   ? 
_entity_src_gen.pdbx_host_org_tissue               ? 
_entity_src_gen.pdbx_host_org_tissue_fraction      ? 
_entity_src_gen.pdbx_host_org_strain               'BL21(DE3)' 
_entity_src_gen.pdbx_host_org_variant              ? 
_entity_src_gen.pdbx_host_org_cell_line            ? 
_entity_src_gen.pdbx_host_org_atcc                 ? 
_entity_src_gen.pdbx_host_org_culture_collection   ? 
_entity_src_gen.pdbx_host_org_cell                 ? 
_entity_src_gen.pdbx_host_org_organelle            ? 
_entity_src_gen.pdbx_host_org_cellular_location    ? 
_entity_src_gen.pdbx_host_org_vector_type          PLASMID 
_entity_src_gen.pdbx_host_org_vector               ? 
_entity_src_gen.host_org_details                   ? 
_entity_src_gen.expression_system_id               ? 
_entity_src_gen.plasmid_name                       PET 
_entity_src_gen.plasmid_details                    ? 
_entity_src_gen.pdbx_description                   ? 
# 
_struct_ref.id                         1 
_struct_ref.db_name                    UNP 
_struct_ref.db_code                    Q60CN1_METCA 
_struct_ref.pdbx_db_accession          Q60CN1 
_struct_ref.entity_id                  1 
_struct_ref.pdbx_seq_one_letter_code   
;MKLYYFPGACSLAPHIVLREAGLDFELENVDLGTKKTGSGADFLQVNPKGYVPALQLDDGQVLTEDQVILQYLADLKPES
GLMPPSGTFERYRLLEWLAFISTEIHKTFGPFWNPESPEASKQIALGLLSRRLDYVEDRLEAGGPWLMGDRYSVADAYLS
TVLGWCEYLKIDLSKWPRILAYLERNQARPAVQAAMKAEGLIQ
;
_struct_ref.pdbx_align_begin           1 
_struct_ref.pdbx_db_isoform            ? 
# 
_struct_ref_seq.align_id                      1 
_struct_ref_seq.ref_id                        1 
_struct_ref_seq.pdbx_PDB_id_code              3UAR 
_struct_ref_seq.pdbx_strand_id                A 
_struct_ref_seq.seq_align_beg                 3 
_struct_ref_seq.pdbx_seq_align_beg_ins_code   ? 
_struct_ref_seq.seq_align_end                 205 
_struct_ref_seq.pdbx_seq_align_end_ins_code   ? 
_struct_ref_seq.pdbx_db_accession             Q60CN1 
_struct_ref_seq.db_align_beg                  1 
_struct_ref_seq.pdbx_db_align_beg_ins_code    ? 
_struct_ref_seq.db_align_end                  203 
_struct_ref_seq.pdbx_db_align_end_ins_code    ? 
_struct_ref_seq.pdbx_auth_seq_align_beg       1 
_struct_ref_seq.pdbx_auth_seq_align_end       203 
# 
loop_
_struct_ref_seq_dif.align_id 
_struct_ref_seq_dif.pdbx_pdb_id_code 
_struct_ref_seq_dif.mon_id 
_struct_ref_seq_dif.pdbx_pdb_strand_id 
_struct_ref_seq_dif.seq_num 
_struct_ref_seq_dif.pdbx_pdb_ins_code 
_struct_ref_seq_dif.pdbx_seq_db_name 
_struct_ref_seq_dif.pdbx_seq_db_accession_code 
_struct_ref_seq_dif.db_mon_id 
_struct_ref_seq_dif.pdbx_seq_db_seq_num 
_struct_ref_seq_dif.details 
_struct_ref_seq_dif.pdbx_auth_seq_num 
_struct_ref_seq_dif.pdbx_ordinal 
1 3UAR MET A 1   ? UNP Q60CN1 ? ? 'expression tag' -1  1  
1 3UAR VAL A 2   ? UNP Q60CN1 ? ? 'expression tag' 0   2  
1 3UAR ALA A 206 ? UNP Q60CN1 ? ? 'expression tag' 204 3  
1 3UAR GLU A 207 ? UNP Q60CN1 ? ? 'expression tag' 205 4  
1 3UAR ASN A 208 ? UNP Q60CN1 ? ? 'expression tag' 206 5  
1 3UAR LEU A 209 ? UNP Q60CN1 ? ? 'expression tag' 207 6  
1 3UAR TYR A 210 ? UNP Q60CN1 ? ? 'expression tag' 208 7  
1 3UAR PHE A 211 ? UNP Q60CN1 ? ? 'expression tag' 209 8  
1 3UAR GLN A 212 ? UNP Q60CN1 ? ? 'expression tag' 210 9  
1 3UAR SER A 213 ? UNP Q60CN1 ? ? 'expression tag' 211 10 
1 3UAR HIS A 214 ? UNP Q60CN1 ? ? 'expression tag' 212 11 
1 3UAR HIS A 215 ? UNP Q60CN1 ? ? 'expression tag' 213 12 
1 3UAR HIS A 216 ? UNP Q60CN1 ? ? 'expression tag' 214 13 
1 3UAR HIS A 217 ? UNP Q60CN1 ? ? 'expression tag' 215 14 
1 3UAR HIS A 218 ? UNP Q60CN1 ? ? 'expression tag' 216 15 
1 3UAR HIS A 219 ? UNP Q60CN1 ? ? 'expression tag' 217 16 
1 3UAR TRP A 220 ? UNP Q60CN1 ? ? 'expression tag' 218 17 
1 3UAR SER A 221 ? UNP Q60CN1 ? ? 'expression tag' 219 18 
1 3UAR HIS A 222 ? UNP Q60CN1 ? ? 'expression tag' 220 19 
1 3UAR PRO A 223 ? UNP Q60CN1 ? ? 'expression tag' 221 20 
1 3UAR GLN A 224 ? UNP Q60CN1 ? ? 'expression tag' 222 21 
1 3UAR PHE A 225 ? UNP Q60CN1 ? ? 'expression tag' 223 22 
1 3UAR GLU A 226 ? UNP Q60CN1 ? ? 'expression tag' 224 23 
1 3UAR LYS A 227 ? UNP Q60CN1 ? ? 'expression tag' 225 24 
# 
loop_
_chem_comp.id 
_chem_comp.type 
_chem_comp.mon_nstd_flag 
_chem_comp.name 
_chem_comp.pdbx_synonyms 
_chem_comp.formula 
_chem_comp.formula_weight 
ALA 'L-peptide linking' y ALANINE         ?                               'C3 H7 N O2'      89.093  
ARG 'L-peptide linking' y ARGININE        ?                               'C6 H15 N4 O2 1'  175.209 
ASN 'L-peptide linking' y ASPARAGINE      ?                               'C4 H8 N2 O3'     132.118 
ASP 'L-peptide linking' y 'ASPARTIC ACID' ?                               'C4 H7 N O4'      133.103 
CYS 'L-peptide linking' y CYSTEINE        ?                               'C3 H7 N O2 S'    121.158 
GLN 'L-peptide linking' y GLUTAMINE       ?                               'C5 H10 N2 O3'    146.144 
GLU 'L-peptide linking' y 'GLUTAMIC ACID' ?                               'C5 H9 N O4'      147.129 
GLY 'peptide linking'   y GLYCINE         ?                               'C2 H5 N O2'      75.067  
GOL non-polymer         . GLYCEROL        'GLYCERIN; PROPANE-1,2,3-TRIOL' 'C3 H8 O3'        92.094  
GSH non-polymer         . GLUTATHIONE     ?                               'C10 H17 N3 O6 S' 307.323 
HIS 'L-peptide linking' y HISTIDINE       ?                               'C6 H10 N3 O2 1'  156.162 
HOH non-polymer         . WATER           ?                               'H2 O'            18.015  
ILE 'L-peptide linking' y ISOLEUCINE      ?                               'C6 H13 N O2'     131.173 
LEU 'L-peptide linking' y LEUCINE         ?                               'C6 H13 N O2'     131.173 
LYS 'L-peptide linking' y LYSINE          ?                               'C6 H15 N2 O2 1'  147.195 
MET 'L-peptide linking' y METHIONINE      ?                               'C5 H11 N O2 S'   149.211 
PHE 'L-peptide linking' y PHENYLALANINE   ?                               'C9 H11 N O2'     165.189 
PRO 'L-peptide linking' y PROLINE         ?                               'C5 H9 N O2'      115.130 
SER 'L-peptide linking' y SERINE          ?                               'C3 H7 N O3'      105.093 
THR 'L-peptide linking' y THREONINE       ?                               'C4 H9 N O3'      119.119 
TRP 'L-peptide linking' y TRYPTOPHAN      ?                               'C11 H12 N2 O2'   204.225 
TYR 'L-peptide linking' y TYROSINE        ?                               'C9 H11 N O3'     181.189 
VAL 'L-peptide linking' y VALINE          ?                               'C5 H11 N O2'     117.146 
# 
_exptl.entry_id          3UAR 
_exptl.method            'X-RAY DIFFRACTION' 
_exptl.crystals_number   1 
# 
_exptl_crystal.id                    1 
_exptl_crystal.density_meas          ? 
_exptl_crystal.density_Matthews      3.50 
_exptl_crystal.density_percent_sol   64.86 
_exptl_crystal.description           ? 
_exptl_crystal.F_000                 ? 
_exptl_crystal.preparation           ? 
# 
_exptl_crystal_grow.crystal_id      1 
_exptl_crystal_grow.method          ? 
_exptl_crystal_grow.temp            ? 
_exptl_crystal_grow.temp_details    ? 
_exptl_crystal_grow.pH              7.0 
_exptl_crystal_grow.pdbx_details    
'0.2M SODIUM CHLORIDE, 0.1M TRIS-HCL, 30% PEG3000, PH 7.0, VAPOR DIFFUSION, SITTING DROP, TEMPERATURE 294K' 
_exptl_crystal_grow.pdbx_pH_range   ? 
# 
_diffrn.id                     1 
_diffrn.ambient_temp           100 
_diffrn.ambient_temp_details   ? 
_diffrn.crystal_id             1 
# 
_diffrn_detector.diffrn_id              1 
_diffrn_detector.detector               CCD 
_diffrn_detector.type                   'ADSC QUANTUM 315' 
_diffrn_detector.pdbx_collection_date   2011-10-07 
_diffrn_detector.details                MIRRORS 
# 
_diffrn_radiation.diffrn_id                        1 
_diffrn_radiation.wavelength_id                    1 
_diffrn_radiation.pdbx_monochromatic_or_laue_m_l   M 
_diffrn_radiation.monochromator                    ? 
_diffrn_radiation.pdbx_diffrn_protocol             'SINGLE WAVELENGTH' 
_diffrn_radiation.pdbx_scattering_type             x-ray 
# 
_diffrn_radiation_wavelength.id           1 
_diffrn_radiation_wavelength.wavelength   1.075 
_diffrn_radiation_wavelength.wt           1.0 
# 
_diffrn_source.diffrn_id                   1 
_diffrn_source.source                      SYNCHROTRON 
_diffrn_source.type                        'NSLS BEAMLINE X29A' 
_diffrn_source.pdbx_synchrotron_site       NSLS 
_diffrn_source.pdbx_synchrotron_beamline   X29A 
_diffrn_source.pdbx_wavelength             1.075 
_diffrn_source.pdbx_wavelength_list        ? 
# 
_reflns.entry_id                     3UAR 
_reflns.observed_criterion_sigma_I   -5.000 
_reflns.observed_criterion_sigma_F   ? 
_reflns.d_resolution_low             50.000 
_reflns.d_resolution_high            2.50 
_reflns.number_obs                   13203 
_reflns.number_all                   ? 
_reflns.percent_possible_obs         99.9 
_reflns.pdbx_Rsym_value              0.06800 
_reflns.pdbx_netI_over_sigmaI        8.5000 
_reflns.B_iso_Wilson_estimate        90.817 
_reflns.pdbx_redundancy              11.500 
_reflns.R_free_details               ? 
_reflns.limit_h_max                  ? 
_reflns.limit_h_min                  ? 
_reflns.limit_k_max                  ? 
_reflns.limit_k_min                  ? 
_reflns.limit_l_max                  ? 
_reflns.limit_l_min                  ? 
_reflns.observed_criterion_F_max     ? 
_reflns.observed_criterion_F_min     ? 
_reflns.pdbx_chi_squared             ? 
_reflns.pdbx_scaling_rejects         ? 
_reflns.pdbx_Rmerge_I_obs            ? 
_reflns.pdbx_ordinal                 1 
_reflns.pdbx_diffrn_id               1 
# 
_reflns_shell.d_res_high             2.50 
_reflns_shell.d_res_low              2.54 
_reflns_shell.percent_possible_all   100.0 
_reflns_shell.Rmerge_I_obs           0.95000 
_reflns_shell.pdbx_Rsym_value        ? 
_reflns_shell.meanI_over_sigI_obs    0.800 
_reflns_shell.pdbx_redundancy        11.0 
_reflns_shell.percent_possible_obs   ? 
_reflns_shell.number_unique_all      ? 
_reflns_shell.number_measured_all    ? 
_reflns_shell.number_measured_obs    ? 
_reflns_shell.number_unique_obs      ? 
_reflns_shell.pdbx_chi_squared       ? 
_reflns_shell.pdbx_ordinal           1 
_reflns_shell.pdbx_diffrn_id         1 
# 
_refine.entry_id                                 3UAR 
_refine.ls_number_reflns_obs                     11428 
_refine.ls_number_reflns_all                     ? 
_refine.pdbx_ls_sigma_I                          ? 
_refine.pdbx_ls_sigma_F                          ? 
_refine.pdbx_data_cutoff_high_absF               ? 
_refine.pdbx_data_cutoff_low_absF                ? 
_refine.pdbx_data_cutoff_high_rms_absF           ? 
_refine.ls_d_res_low                             42.98 
_refine.ls_d_res_high                            2.60 
_refine.ls_percent_reflns_obs                    99.86 
_refine.ls_R_factor_obs                          0.20498 
_refine.ls_R_factor_R_work                       0.20395 
_refine.ls_R_factor_R_free                       0.23718 
_refine.ls_R_factor_R_free_error                 ? 
_refine.ls_R_factor_R_free_error_details         ? 
_refine.ls_percent_reflns_R_free                 3.1 
_refine.ls_number_reflns_R_free                  365 
_refine.ls_number_parameters                     ? 
_refine.ls_number_restraints                     ? 
_refine.occupancy_min                            ? 
_refine.occupancy_max                            ? 
_refine.correlation_coeff_Fo_to_Fc               0.961 
_refine.correlation_coeff_Fo_to_Fc_free          0.964 
_refine.B_iso_mean                               85.030 
_refine.aniso_B[1][1]                            ? 
_refine.aniso_B[2][2]                            ? 
_refine.aniso_B[3][3]                            ? 
_refine.aniso_B[1][2]                            ? 
_refine.aniso_B[1][3]                            ? 
_refine.aniso_B[2][3]                            ? 
_refine.solvent_model_details                    'BABINET MODEL WITH MASK' 
_refine.solvent_model_param_ksol                 ? 
_refine.solvent_model_param_bsol                 ? 
_refine.pdbx_solvent_vdw_probe_radii             1.00 
_refine.pdbx_solvent_ion_probe_radii             0.80 
_refine.pdbx_solvent_shrinkage_radii             0.80 
_refine.pdbx_ls_cross_valid_method               THROUGHOUT 
_refine.details                                  'HYDROGENS HAVE BEEN ADDED IN THE RIDING POSITIONS' 
_refine.pdbx_starting_model                      'PDB ENTRY 3UAP' 
_refine.pdbx_method_to_determine_struct          MR 
_refine.pdbx_isotropic_thermal_model             ? 
_refine.pdbx_stereochemistry_target_values       'MAXIMUM LIKELIHOOD' 
_refine.pdbx_stereochem_target_val_spec_case     ? 
_refine.pdbx_R_Free_selection_details            RANDOM 
_refine.pdbx_overall_ESU_R_Free                  0.237 
_refine.overall_SU_ML                            0.222 
_refine.pdbx_overall_phase_error                 ? 
_refine.overall_SU_B                             11.395 
_refine.overall_SU_R_Cruickshank_DPI             ? 
_refine.ls_redundancy_reflns_obs                 ? 
_refine.B_iso_min                                ? 
_refine.B_iso_max                                ? 
_refine.overall_SU_R_free                        ? 
_refine.ls_wR_factor_R_free                      ? 
_refine.ls_wR_factor_R_work                      ? 
_refine.overall_FOM_free_R_set                   ? 
_refine.overall_FOM_work_R_set                   ? 
_refine.ls_R_factor_all                          ? 
_refine.pdbx_diffrn_id                           1 
_refine.pdbx_refine_id                           'X-RAY DIFFRACTION' 
_refine.pdbx_overall_ESU_R                       ? 
_refine.pdbx_TLS_residual_ADP_flag               ? 
_refine.pdbx_overall_SU_R_free_Cruickshank_DPI   ? 
_refine.pdbx_overall_SU_R_Blow_DPI               ? 
_refine.pdbx_overall_SU_R_free_Blow_DPI          ? 
# 
_refine_hist.pdbx_refine_id                   'X-RAY DIFFRACTION' 
_refine_hist.cycle_id                         LAST 
_refine_hist.pdbx_number_atoms_protein        1607 
_refine_hist.pdbx_number_atoms_nucleic_acid   0 
_refine_hist.pdbx_number_atoms_ligand         26 
_refine_hist.number_atoms_solvent             8 
_refine_hist.number_atoms_total               1641 
_refine_hist.d_res_high                       2.60 
_refine_hist.d_res_low                        42.98 
# 
loop_
_refine_ls_restr.type 
_refine_ls_restr.dev_ideal 
_refine_ls_restr.dev_ideal_target 
_refine_ls_restr.weight 
_refine_ls_restr.number 
_refine_ls_restr.pdbx_restraint_function 
_refine_ls_restr.pdbx_refine_id 
r_bond_refined_d             0.007  0.022  ? 1690 ? 'X-RAY DIFFRACTION' 
r_bond_other_d               ?      ?      ? ?    ? 'X-RAY DIFFRACTION' 
r_angle_refined_deg          1.045  1.998  ? 2295 ? 'X-RAY DIFFRACTION' 
r_angle_other_deg            ?      ?      ? ?    ? 'X-RAY DIFFRACTION' 
r_dihedral_angle_1_deg       4.593  5.000  ? 206  ? 'X-RAY DIFFRACTION' 
r_dihedral_angle_2_deg       36.521 23.600 ? 75   ? 'X-RAY DIFFRACTION' 
r_dihedral_angle_3_deg       18.276 15.000 ? 281  ? 'X-RAY DIFFRACTION' 
r_dihedral_angle_4_deg       20.479 15.000 ? 12   ? 'X-RAY DIFFRACTION' 
r_chiral_restr               0.059  0.200  ? 247  ? 'X-RAY DIFFRACTION' 
r_gen_planes_refined         0.005  0.021  ? 1291 ? 'X-RAY DIFFRACTION' 
r_gen_planes_other           ?      ?      ? ?    ? 'X-RAY DIFFRACTION' 
r_nbd_refined                ?      ?      ? ?    ? 'X-RAY DIFFRACTION' 
r_nbd_other                  ?      ?      ? ?    ? 'X-RAY DIFFRACTION' 
r_nbtor_refined              ?      ?      ? ?    ? 'X-RAY DIFFRACTION' 
r_nbtor_other                ?      ?      ? ?    ? 'X-RAY DIFFRACTION' 
r_xyhbond_nbd_refined        ?      ?      ? ?    ? 'X-RAY DIFFRACTION' 
r_xyhbond_nbd_other          ?      ?      ? ?    ? 'X-RAY DIFFRACTION' 
r_metal_ion_refined          ?      ?      ? ?    ? 'X-RAY DIFFRACTION' 
r_metal_ion_other            ?      ?      ? ?    ? 'X-RAY DIFFRACTION' 
r_symmetry_vdw_refined       ?      ?      ? ?    ? 'X-RAY DIFFRACTION' 
r_symmetry_vdw_other         ?      ?      ? ?    ? 'X-RAY DIFFRACTION' 
r_symmetry_hbond_refined     ?      ?      ? ?    ? 'X-RAY DIFFRACTION' 
r_symmetry_hbond_other       ?      ?      ? ?    ? 'X-RAY DIFFRACTION' 
r_symmetry_metal_ion_refined ?      ?      ? ?    ? 'X-RAY DIFFRACTION' 
r_symmetry_metal_ion_other   ?      ?      ? ?    ? 'X-RAY DIFFRACTION' 
r_mcbond_it                  2.630  2.000  ? 1017 ? 'X-RAY DIFFRACTION' 
r_mcbond_other               ?      ?      ? ?    ? 'X-RAY DIFFRACTION' 
r_mcangle_it                 4.659  3.000  ? 1632 ? 'X-RAY DIFFRACTION' 
r_scbond_it                  6.689  4.000  ? 673  ? 'X-RAY DIFFRACTION' 
r_scangle_it                 9.725  6.000  ? 661  ? 'X-RAY DIFFRACTION' 
r_rigid_bond_restr           ?      ?      ? ?    ? 'X-RAY DIFFRACTION' 
r_sphericity_free            ?      ?      ? ?    ? 'X-RAY DIFFRACTION' 
r_sphericity_bonded          ?      ?      ? ?    ? 'X-RAY DIFFRACTION' 
# 
_refine_ls_shell.pdbx_total_number_of_bins_used   20 
_refine_ls_shell.d_res_high                       2.600 
_refine_ls_shell.d_res_low                        2.667 
_refine_ls_shell.number_reflns_R_work             828 
_refine_ls_shell.R_factor_R_work                  0.358 
_refine_ls_shell.percent_reflns_obs               100.00 
_refine_ls_shell.R_factor_R_free                  0.451 
_refine_ls_shell.R_factor_R_free_error            ? 
_refine_ls_shell.percent_reflns_R_free            ? 
_refine_ls_shell.number_reflns_R_free             24 
_refine_ls_shell.number_reflns_all                ? 
_refine_ls_shell.R_factor_all                     ? 
_refine_ls_shell.number_reflns_obs                ? 
_refine_ls_shell.redundancy_reflns_obs            ? 
_refine_ls_shell.pdbx_refine_id                   'X-RAY DIFFRACTION' 
# 
_struct.entry_id                  3UAR 
_struct.title                     
'Crystal structure of glutathione transferase (TARGET EFI-501774) from methylococcus capsulatus str. bath with gsh bound' 
_struct.pdbx_model_details        ? 
_struct.pdbx_CASP_flag            ? 
_struct.pdbx_model_type_details   ? 
# 
_struct_keywords.entry_id        3UAR 
_struct_keywords.pdbx_keywords   TRANSFERASE 
_struct_keywords.text            'TRANSFERASE, GSH BINDING SITE, Structural Genomics' 
# 
loop_
_struct_asym.id 
_struct_asym.pdbx_blank_PDB_chainid_flag 
_struct_asym.pdbx_modified 
_struct_asym.entity_id 
_struct_asym.details 
A N N 1 ? 
B N N 2 ? 
C N N 3 ? 
D N N 4 ? 
# 
_struct_biol.id        1 
_struct_biol.details   ? 
# 
loop_
_struct_conf.conf_type_id 
_struct_conf.id 
_struct_conf.pdbx_PDB_helix_id 
_struct_conf.beg_label_comp_id 
_struct_conf.beg_label_asym_id 
_struct_conf.beg_label_seq_id 
_struct_conf.pdbx_beg_PDB_ins_code 
_struct_conf.end_label_comp_id 
_struct_conf.end_label_asym_id 
_struct_conf.end_label_seq_id 
_struct_conf.pdbx_end_PDB_ins_code 
_struct_conf.beg_auth_comp_id 
_struct_conf.beg_auth_asym_id 
_struct_conf.beg_auth_seq_id 
_struct_conf.end_auth_comp_id 
_struct_conf.end_auth_asym_id 
_struct_conf.end_auth_seq_id 
_struct_conf.pdbx_PDB_helix_class 
_struct_conf.details 
_struct_conf.pdbx_PDB_helix_length 
HELX_P HELX_P1  1  SER A 13  ? GLY A 24  ? SER A 11  GLY A 22  1 ? 12 
HELX_P HELX_P2  2  ASP A 44  ? ASN A 49  ? ASP A 42  ASN A 47  1 ? 6  
HELX_P HELX_P3  3  GLU A 67  ? LYS A 79  ? GLU A 65  LYS A 77  1 ? 13 
HELX_P HELX_P4  4  PRO A 80  ? GLY A 83  ? PRO A 78  GLY A 81  5 ? 4  
HELX_P HELX_P5  5  PHE A 91  ? ILE A 107 ? PHE A 89  ILE A 105 1 ? 17 
HELX_P HELX_P6  6  HIS A 108 ? ASN A 116 ? HIS A 106 ASN A 114 5 ? 9  
HELX_P HELX_P7  7  PRO A 120 ? GLY A 145 ? PRO A 118 GLY A 143 1 ? 26 
HELX_P HELX_P8  8  SER A 155 ? GLY A 166 ? SER A 153 GLY A 164 1 ? 12 
HELX_P HELX_P9  9  GLY A 166 ? LEU A 171 ? GLY A 164 LEU A 169 1 ? 6  
HELX_P HELX_P10 10 TRP A 178 ? ALA A 190 ? TRP A 176 ALA A 188 1 ? 13 
HELX_P HELX_P11 11 ARG A 191 ? GLY A 202 ? ARG A 189 GLY A 200 1 ? 12 
# 
_struct_conf_type.id          HELX_P 
_struct_conf_type.criteria    ? 
_struct_conf_type.reference   ? 
# 
_struct_mon_prot_cis.pdbx_id                1 
_struct_mon_prot_cis.label_comp_id          VAL 
_struct_mon_prot_cis.label_seq_id           54 
_struct_mon_prot_cis.label_asym_id          A 
_struct_mon_prot_cis.label_alt_id           . 
_struct_mon_prot_cis.pdbx_PDB_ins_code      ? 
_struct_mon_prot_cis.auth_comp_id           VAL 
_struct_mon_prot_cis.auth_seq_id            52 
_struct_mon_prot_cis.auth_asym_id           A 
_struct_mon_prot_cis.pdbx_label_comp_id_2   PRO 
_struct_mon_prot_cis.pdbx_label_seq_id_2    55 
_struct_mon_prot_cis.pdbx_label_asym_id_2   A 
_struct_mon_prot_cis.pdbx_PDB_ins_code_2    ? 
_struct_mon_prot_cis.pdbx_auth_comp_id_2    PRO 
_struct_mon_prot_cis.pdbx_auth_seq_id_2     53 
_struct_mon_prot_cis.pdbx_auth_asym_id_2    A 
_struct_mon_prot_cis.pdbx_PDB_model_num     1 
_struct_mon_prot_cis.pdbx_omega_angle       6.60 
# 
_struct_sheet.id               A 
_struct_sheet.type             ? 
_struct_sheet.number_strands   5 
_struct_sheet.details          ? 
# 
loop_
_struct_sheet_order.sheet_id 
_struct_sheet_order.range_id_1 
_struct_sheet_order.range_id_2 
_struct_sheet_order.offset 
_struct_sheet_order.sense 
A 1 2 ? anti-parallel 
A 2 3 ? parallel      
A 3 4 ? anti-parallel 
A 4 5 ? anti-parallel 
# 
loop_
_struct_sheet_range.sheet_id 
_struct_sheet_range.id 
_struct_sheet_range.beg_label_comp_id 
_struct_sheet_range.beg_label_asym_id 
_struct_sheet_range.beg_label_seq_id 
_struct_sheet_range.pdbx_beg_PDB_ins_code 
_struct_sheet_range.end_label_comp_id 
_struct_sheet_range.end_label_asym_id 
_struct_sheet_range.end_label_seq_id 
_struct_sheet_range.pdbx_end_PDB_ins_code 
_struct_sheet_range.beg_auth_comp_id 
_struct_sheet_range.beg_auth_asym_id 
_struct_sheet_range.beg_auth_seq_id 
_struct_sheet_range.end_auth_comp_id 
_struct_sheet_range.end_auth_asym_id 
_struct_sheet_range.end_auth_seq_id 
A 1 LYS A 38 ? THR A 39 ? LYS A 36 THR A 37 
A 2 PHE A 27 ? ASP A 33 ? PHE A 25 ASP A 31 
A 3 MET A 3  ? TYR A 7  ? MET A 1  TYR A 5  
A 4 ALA A 56 ? GLN A 58 ? ALA A 54 GLN A 56 
A 5 VAL A 64 ? THR A 66 ? VAL A 62 THR A 64 
# 
loop_
_pdbx_struct_sheet_hbond.sheet_id 
_pdbx_struct_sheet_hbond.range_id_1 
_pdbx_struct_sheet_hbond.range_id_2 
_pdbx_struct_sheet_hbond.range_1_label_atom_id 
_pdbx_struct_sheet_hbond.range_1_label_comp_id 
_pdbx_struct_sheet_hbond.range_1_label_asym_id 
_pdbx_struct_sheet_hbond.range_1_label_seq_id 
_pdbx_struct_sheet_hbond.range_1_PDB_ins_code 
_pdbx_struct_sheet_hbond.range_1_auth_atom_id 
_pdbx_struct_sheet_hbond.range_1_auth_comp_id 
_pdbx_struct_sheet_hbond.range_1_auth_asym_id 
_pdbx_struct_sheet_hbond.range_1_auth_seq_id 
_pdbx_struct_sheet_hbond.range_2_label_atom_id 
_pdbx_struct_sheet_hbond.range_2_label_comp_id 
_pdbx_struct_sheet_hbond.range_2_label_asym_id 
_pdbx_struct_sheet_hbond.range_2_label_seq_id 
_pdbx_struct_sheet_hbond.range_2_PDB_ins_code 
_pdbx_struct_sheet_hbond.range_2_auth_atom_id 
_pdbx_struct_sheet_hbond.range_2_auth_comp_id 
_pdbx_struct_sheet_hbond.range_2_auth_asym_id 
_pdbx_struct_sheet_hbond.range_2_auth_seq_id 
A 1 2 O LYS A 38 ? O LYS A 36 N ASP A 33 ? N ASP A 31 
A 2 3 O GLU A 30 ? O GLU A 28 N LEU A 5  ? N LEU A 3  
A 3 4 N TYR A 6  ? N TYR A 4  O ALA A 56 ? O ALA A 54 
A 4 5 N LEU A 57 ? N LEU A 55 O LEU A 65 ? O LEU A 63 
# 
loop_
_struct_site.id 
_struct_site.pdbx_evidence_code 
_struct_site.pdbx_auth_asym_id 
_struct_site.pdbx_auth_comp_id 
_struct_site.pdbx_auth_seq_id 
_struct_site.pdbx_auth_ins_code 
_struct_site.pdbx_num_residues 
_struct_site.details 
AC1 Software A GSH 226 ? 17 'BINDING SITE FOR RESIDUE GSH A 226' 
AC2 Software A GOL 227 ? 5  'BINDING SITE FOR RESIDUE GOL A 227' 
# 
loop_
_struct_site_gen.id 
_struct_site_gen.site_id 
_struct_site_gen.pdbx_num_res 
_struct_site_gen.label_comp_id 
_struct_site_gen.label_asym_id 
_struct_site_gen.label_seq_id 
_struct_site_gen.pdbx_auth_ins_code 
_struct_site_gen.auth_comp_id 
_struct_site_gen.auth_asym_id 
_struct_site_gen.auth_seq_id 
_struct_site_gen.label_atom_id 
_struct_site_gen.label_alt_id 
_struct_site_gen.symmetry 
_struct_site_gen.details 
1  AC1 17 CYS A 12  ? CYS A 10  . ? 1_555  ? 
2  AC1 17 LEU A 34  ? LEU A 32  . ? 1_555  ? 
3  AC1 17 LYS A 37  ? LYS A 35  . ? 1_555  ? 
4  AC1 17 GLY A 52  ? GLY A 50  . ? 1_555  ? 
5  AC1 17 TYR A 53  ? TYR A 51  . ? 1_555  ? 
6  AC1 17 VAL A 54  ? VAL A 52  . ? 1_555  ? 
7  AC1 17 PRO A 55  ? PRO A 53  . ? 1_555  ? 
8  AC1 17 GLU A 67  ? GLU A 65  . ? 1_555  ? 
9  AC1 17 ASP A 68  ? ASP A 66  . ? 1_555  ? 
10 AC1 17 THR A 105 ? THR A 103 . ? 18_454 ? 
11 AC1 17 GLU A 106 ? GLU A 104 . ? 18_454 ? 
12 AC1 17 HIS A 108 ? HIS A 106 . ? 1_555  ? 
13 AC1 17 LYS A 109 ? LYS A 107 . ? 1_555  ? 
14 AC1 17 TRP A 167 ? TRP A 165 . ? 1_555  ? 
15 AC1 17 HOH D .   ? HOH A 230 . ? 1_555  ? 
16 AC1 17 HOH D .   ? HOH A 231 . ? 1_555  ? 
17 AC1 17 HOH D .   ? HOH A 234 . ? 1_555  ? 
18 AC2 5  LYS A 51  ? LYS A 49  . ? 18_454 ? 
19 AC2 5  GLU A 98  ? GLU A 96  . ? 1_555  ? 
20 AC2 5  TRP A 99  ? TRP A 97  . ? 1_555  ? 
21 AC2 5  TYR A 137 ? TYR A 135 . ? 1_555  ? 
22 AC2 5  ARG A 141 ? ARG A 139 . ? 1_555  ? 
# 
_atom_sites.entry_id                    3UAR 
_atom_sites.fract_transf_matrix[1][1]   -0.00588335 
_atom_sites.fract_transf_matrix[1][2]   -0.00080989 
_atom_sites.fract_transf_matrix[1][3]   -0.00498856 
_atom_sites.fract_transf_matrix[2][1]   0.00369708 
_atom_sites.fract_transf_matrix[2][2]   -0.00590944 
_atom_sites.fract_transf_matrix[2][3]   -0.00340082 
_atom_sites.fract_transf_matrix[3][1]   -0.00344576 
_atom_sites.fract_transf_matrix[3][2]   -0.00495763 
_atom_sites.fract_transf_matrix[3][3]   0.00486869 
_atom_sites.fract_transf_vector[1]      -0.052606 
_atom_sites.fract_transf_vector[2]      0.159917 
_atom_sites.fract_transf_vector[3]      -0.011320 
# 
loop_
_atom_type.symbol 
C 
N 
O 
S 
# 
loop_
_atom_site.group_PDB 
_atom_site.id 
_atom_site.type_symbol 
_atom_site.label_atom_id 
_atom_site.label_alt_id 
_atom_site.label_comp_id 
_atom_site.label_asym_id 
_atom_site.label_entity_id 
_atom_site.label_seq_id 
_atom_site.pdbx_PDB_ins_code 
_atom_site.Cartn_x 
_atom_site.Cartn_y 
_atom_site.Cartn_z 
_atom_site.occupancy 
_atom_site.B_iso_or_equiv 
_atom_site.pdbx_formal_charge 
_atom_site.auth_seq_id 
_atom_site.auth_comp_id 
_atom_site.auth_asym_id 
_atom_site.auth_atom_id 
_atom_site.pdbx_PDB_model_num 
ATOM   1    N N   . VAL A 1 2   ? -5.066  10.969  -19.669 1.00 86.73  ? 0   VAL A N   1 
ATOM   2    C CA  . VAL A 1 2   ? -4.792  11.107  -18.213 1.00 85.57  ? 0   VAL A CA  1 
ATOM   3    C C   . VAL A 1 2   ? -3.775  10.068  -17.731 1.00 87.15  ? 0   VAL A C   1 
ATOM   4    O O   . VAL A 1 2   ? -3.094  9.438   -18.535 1.00 91.34  ? 0   VAL A O   1 
ATOM   5    C CB  . VAL A 1 2   ? -6.081  10.970  -17.400 1.00 85.32  ? 0   VAL A CB  1 
ATOM   6    C CG1 . VAL A 1 2   ? -7.225  11.620  -18.143 1.00 90.12  ? 0   VAL A CG1 1 
ATOM   7    C CG2 . VAL A 1 2   ? -6.389  9.513   -17.135 1.00 85.22  ? 0   VAL A CG2 1 
ATOM   8    N N   . MET A 1 3   ? -3.666  9.907   -16.416 1.00 85.53  ? 1   MET A N   1 
ATOM   9    C CA  . MET A 1 3   ? -2.755  8.929   -15.831 1.00 82.96  ? 1   MET A CA  1 
ATOM   10   C C   . MET A 1 3   ? -3.367  7.533   -15.843 1.00 82.94  ? 1   MET A C   1 
ATOM   11   O O   . MET A 1 3   ? -4.585  7.380   -15.691 1.00 82.53  ? 1   MET A O   1 
ATOM   12   C CB  . MET A 1 3   ? -2.447  9.293   -14.384 1.00 82.47  ? 1   MET A CB  1 
ATOM   13   C CG  . MET A 1 3   ? -1.495  10.444  -14.175 1.00 87.16  ? 1   MET A CG  1 
ATOM   14   S SD  . MET A 1 3   ? -1.354  10.750  -12.393 1.00 85.54  ? 1   MET A SD  1 
ATOM   15   C CE  . MET A 1 3   ? 0.148   11.729  -12.350 1.00 107.28 ? 1   MET A CE  1 
ATOM   16   N N   . LYS A 1 4   ? -2.522  6.514   -15.989 1.00 79.60  ? 2   LYS A N   1 
ATOM   17   C CA  . LYS A 1 4   ? -2.991  5.133   -15.996 1.00 76.67  ? 2   LYS A CA  1 
ATOM   18   C C   . LYS A 1 4   ? -2.333  4.307   -14.898 1.00 76.15  ? 2   LYS A C   1 
ATOM   19   O O   . LYS A 1 4   ? -1.108  4.226   -14.813 1.00 76.19  ? 2   LYS A O   1 
ATOM   20   C CB  . LYS A 1 4   ? -2.723  4.490   -17.350 1.00 77.24  ? 2   LYS A CB  1 
ATOM   21   C CG  . LYS A 1 4   ? -3.621  3.318   -17.651 1.00 82.59  ? 2   LYS A CG  1 
ATOM   22   C CD  . LYS A 1 4   ? -3.379  2.831   -19.060 1.00 91.95  ? 2   LYS A CD  1 
ATOM   23   C CE  . LYS A 1 4   ? -4.653  2.286   -19.660 1.00 98.21  ? 2   LYS A CE  1 
ATOM   24   N NZ  . LYS A 1 4   ? -4.485  2.011   -21.111 1.00 105.60 ? 2   LYS A NZ  1 
ATOM   25   N N   . LEU A 1 5   ? -3.153  3.693   -14.054 1.00 74.44  ? 3   LEU A N   1 
ATOM   26   C CA  . LEU A 1 5   ? -2.630  2.850   -12.988 1.00 75.04  ? 3   LEU A CA  1 
ATOM   27   C C   . LEU A 1 5   ? -2.787  1.382   -13.338 1.00 77.81  ? 3   LEU A C   1 
ATOM   28   O O   . LEU A 1 5   ? -3.906  0.901   -13.571 1.00 77.62  ? 3   LEU A O   1 
ATOM   29   C CB  . LEU A 1 5   ? -3.346  3.120   -11.665 1.00 72.81  ? 3   LEU A CB  1 
ATOM   30   C CG  . LEU A 1 5   ? -2.917  2.226   -10.493 1.00 70.72  ? 3   LEU A CG  1 
ATOM   31   C CD1 . LEU A 1 5   ? -1.485  2.549   -10.027 1.00 64.74  ? 3   LEU A CD1 1 
ATOM   32   C CD2 . LEU A 1 5   ? -3.904  2.339   -9.332  1.00 62.73  ? 3   LEU A CD2 1 
ATOM   33   N N   . TYR A 1 6   ? -1.660  0.679   -13.370 1.00 77.21  ? 4   TYR A N   1 
ATOM   34   C CA  . TYR A 1 6   ? -1.651  -0.762  -13.565 1.00 77.76  ? 4   TYR A CA  1 
ATOM   35   C C   . TYR A 1 6   ? -1.724  -1.439  -12.208 1.00 76.44  ? 4   TYR A C   1 
ATOM   36   O O   . TYR A 1 6   ? -0.851  -1.250  -11.356 1.00 76.06  ? 4   TYR A O   1 
ATOM   37   C CB  . TYR A 1 6   ? -0.392  -1.183  -14.325 1.00 79.33  ? 4   TYR A CB  1 
ATOM   38   C CG  . TYR A 1 6   ? -0.366  -0.621  -15.722 1.00 81.27  ? 4   TYR A CG  1 
ATOM   39   C CD1 . TYR A 1 6   ? 0.164   0.640   -15.971 1.00 84.66  ? 4   TYR A CD1 1 
ATOM   40   C CD2 . TYR A 1 6   ? -0.904  -1.334  -16.789 1.00 82.97  ? 4   TYR A CD2 1 
ATOM   41   C CE1 . TYR A 1 6   ? 0.177   1.170   -17.250 1.00 83.21  ? 4   TYR A CE1 1 
ATOM   42   C CE2 . TYR A 1 6   ? -0.898  -0.811  -18.078 1.00 83.85  ? 4   TYR A CE2 1 
ATOM   43   C CZ  . TYR A 1 6   ? -0.356  0.442   -18.299 1.00 86.96  ? 4   TYR A CZ  1 
ATOM   44   O OH  . TYR A 1 6   ? -0.344  0.972   -19.567 1.00 85.06  ? 4   TYR A OH  1 
ATOM   45   N N   . TYR A 1 7   ? -2.776  -2.218  -11.996 1.00 75.58  ? 5   TYR A N   1 
ATOM   46   C CA  . TYR A 1 7   ? -2.988  -2.803  -10.680 1.00 80.93  ? 5   TYR A CA  1 
ATOM   47   C C   . TYR A 1 7   ? -3.444  -4.252  -10.763 1.00 83.48  ? 5   TYR A C   1 
ATOM   48   O O   . TYR A 1 7   ? -3.838  -4.746  -11.827 1.00 83.17  ? 5   TYR A O   1 
ATOM   49   C CB  . TYR A 1 7   ? -4.064  -2.019  -9.932  1.00 81.08  ? 5   TYR A CB  1 
ATOM   50   C CG  . TYR A 1 7   ? -5.444  -2.379  -10.423 1.00 78.54  ? 5   TYR A CG  1 
ATOM   51   C CD1 . TYR A 1 7   ? -6.307  -3.155  -9.647  1.00 66.23  ? 5   TYR A CD1 1 
ATOM   52   C CD2 . TYR A 1 7   ? -5.866  -1.988  -11.692 1.00 83.45  ? 5   TYR A CD2 1 
ATOM   53   C CE1 . TYR A 1 7   ? -7.573  -3.509  -10.122 1.00 69.29  ? 5   TYR A CE1 1 
ATOM   54   C CE2 . TYR A 1 7   ? -7.121  -2.332  -12.172 1.00 75.06  ? 5   TYR A CE2 1 
ATOM   55   C CZ  . TYR A 1 7   ? -7.969  -3.086  -11.387 1.00 75.07  ? 5   TYR A CZ  1 
ATOM   56   O OH  . TYR A 1 7   ? -9.211  -3.411  -11.884 1.00 83.60  ? 5   TYR A OH  1 
ATOM   57   N N   . PHE A 1 8   ? -3.395  -4.920  -9.617  1.00 85.67  ? 6   PHE A N   1 
ATOM   58   C CA  . PHE A 1 8   ? -4.072  -6.192  -9.442  1.00 88.26  ? 6   PHE A CA  1 
ATOM   59   C C   . PHE A 1 8   ? -4.958  -6.077  -8.207  1.00 88.28  ? 6   PHE A C   1 
ATOM   60   O O   . PHE A 1 8   ? -4.500  -5.655  -7.143  1.00 88.69  ? 6   PHE A O   1 
ATOM   61   C CB  . PHE A 1 8   ? -3.082  -7.349  -9.294  1.00 87.91  ? 6   PHE A CB  1 
ATOM   62   C CG  . PHE A 1 8   ? -3.731  -8.697  -9.373  1.00 92.42  ? 6   PHE A CG  1 
ATOM   63   C CD1 . PHE A 1 8   ? -4.001  -9.418  -8.225  1.00 91.56  ? 6   PHE A CD1 1 
ATOM   64   C CD2 . PHE A 1 8   ? -4.104  -9.229  -10.600 1.00 101.35 ? 6   PHE A CD2 1 
ATOM   65   C CE1 . PHE A 1 8   ? -4.613  -10.654 -8.297  1.00 95.79  ? 6   PHE A CE1 1 
ATOM   66   C CE2 . PHE A 1 8   ? -4.718  -10.463 -10.681 1.00 97.68  ? 6   PHE A CE2 1 
ATOM   67   C CZ  . PHE A 1 8   ? -4.972  -11.178 -9.526  1.00 94.15  ? 6   PHE A CZ  1 
ATOM   68   N N   . PRO A 1 9   ? -6.239  -6.436  -8.353  1.00 86.78  ? 7   PRO A N   1 
ATOM   69   C CA  . PRO A 1 9   ? -7.199  -6.336  -7.264  1.00 86.53  ? 7   PRO A CA  1 
ATOM   70   C C   . PRO A 1 9   ? -6.595  -6.838  -5.964  1.00 87.79  ? 7   PRO A C   1 
ATOM   71   O O   . PRO A 1 9   ? -6.090  -7.956  -5.919  1.00 91.58  ? 7   PRO A O   1 
ATOM   72   C CB  . PRO A 1 9   ? -8.319  -7.275  -7.713  1.00 85.91  ? 7   PRO A CB  1 
ATOM   73   C CG  . PRO A 1 9   ? -8.288  -7.186  -9.202  1.00 84.76  ? 7   PRO A CG  1 
ATOM   74   C CD  . PRO A 1 9   ? -6.831  -7.027  -9.568  1.00 84.54  ? 7   PRO A CD  1 
ATOM   75   N N   . GLY A 1 10  ? -6.634  -6.009  -4.922  1.00 88.45  ? 8   GLY A N   1 
ATOM   76   C CA  . GLY A 1 10  ? -6.161  -6.400  -3.590  1.00 83.88  ? 8   GLY A CA  1 
ATOM   77   C C   . GLY A 1 10  ? -4.660  -6.302  -3.384  1.00 84.55  ? 8   GLY A C   1 
ATOM   78   O O   . GLY A 1 10  ? -4.168  -6.437  -2.259  1.00 85.75  ? 8   GLY A O   1 
ATOM   79   N N   . ALA A 1 11  ? -3.931  -6.073  -4.471  1.00 84.41  ? 9   ALA A N   1 
ATOM   80   C CA  . ALA A 1 11  ? -2.480  -5.961  -4.417  1.00 84.73  ? 9   ALA A CA  1 
ATOM   81   C C   . ALA A 1 11  ? -2.040  -4.635  -3.795  1.00 87.07  ? 9   ALA A C   1 
ATOM   82   O O   . ALA A 1 11  ? -2.858  -3.750  -3.546  1.00 87.90  ? 9   ALA A O   1 
ATOM   83   C CB  . ALA A 1 11  ? -1.898  -6.114  -5.810  1.00 85.19  ? 9   ALA A CB  1 
ATOM   84   N N   . CYS A 1 12  ? -0.741  -4.504  -3.546  1.00 89.34  ? 10  CYS A N   1 
ATOM   85   C CA  . CYS A 1 12  ? -0.178  -3.259  -3.028  1.00 88.47  ? 10  CYS A CA  1 
ATOM   86   C C   . CYS A 1 12  ? -0.546  -2.050  -3.905  1.00 82.97  ? 10  CYS A C   1 
ATOM   87   O O   . CYS A 1 12  ? -0.486  -0.909  -3.457  1.00 77.86  ? 10  CYS A O   1 
ATOM   88   C CB  . CYS A 1 12  ? 1.347   -3.380  -2.879  1.00 90.37  ? 10  CYS A CB  1 
ATOM   89   S SG  . CYS A 1 12  ? 2.239   -3.621  -4.442  1.00 96.36  ? 10  CYS A SG  1 
ATOM   90   N N   . SER A 1 13  ? -0.928  -2.313  -5.151  1.00 80.10  ? 11  SER A N   1 
ATOM   91   C CA  . SER A 1 13  ? -1.376  -1.259  -6.059  1.00 77.04  ? 11  SER A CA  1 
ATOM   92   C C   . SER A 1 13  ? -2.690  -0.605  -5.594  1.00 77.56  ? 11  SER A C   1 
ATOM   93   O O   . SER A 1 13  ? -3.096  0.438   -6.110  1.00 78.62  ? 11  SER A O   1 
ATOM   94   C CB  . SER A 1 13  ? -1.522  -1.816  -7.479  1.00 73.95  ? 11  SER A CB  1 
ATOM   95   O OG  . SER A 1 13  ? -2.318  -2.985  -7.483  1.00 74.22  ? 11  SER A OG  1 
ATOM   96   N N   . LEU A 1 14  ? -3.352  -1.221  -4.618  1.00 77.32  ? 12  LEU A N   1 
ATOM   97   C CA  . LEU A 1 14  ? -4.545  -0.633  -4.015  1.00 75.01  ? 12  LEU A CA  1 
ATOM   98   C C   . LEU A 1 14  ? -4.207  0.647   -3.242  1.00 76.35  ? 12  LEU A C   1 
ATOM   99   O O   . LEU A 1 14  ? -5.013  1.577   -3.190  1.00 74.66  ? 12  LEU A O   1 
ATOM   100  C CB  . LEU A 1 14  ? -5.220  -1.631  -3.075  1.00 72.13  ? 12  LEU A CB  1 
ATOM   101  C CG  . LEU A 1 14  ? -6.417  -1.061  -2.308  1.00 78.82  ? 12  LEU A CG  1 
ATOM   102  C CD1 . LEU A 1 14  ? -7.550  -0.663  -3.256  1.00 77.84  ? 12  LEU A CD1 1 
ATOM   103  C CD2 . LEU A 1 14  ? -6.913  -2.046  -1.267  1.00 69.59  ? 12  LEU A CD2 1 
ATOM   104  N N   . ALA A 1 15  ? -3.019  0.692   -2.641  1.00 70.89  ? 13  ALA A N   1 
ATOM   105  C CA  . ALA A 1 15  ? -2.599  1.876   -1.903  1.00 71.49  ? 13  ALA A CA  1 
ATOM   106  C C   . ALA A 1 15  ? -2.635  3.149   -2.770  1.00 78.33  ? 13  ALA A C   1 
ATOM   107  O O   . ALA A 1 15  ? -3.364  4.090   -2.462  1.00 81.26  ? 13  ALA A O   1 
ATOM   108  C CB  . ALA A 1 15  ? -1.229  1.673   -1.282  1.00 66.33  ? 13  ALA A CB  1 
ATOM   109  N N   . PRO A 1 16  ? -1.854  3.186   -3.862  1.00 79.00  ? 14  PRO A N   1 
ATOM   110  C CA  . PRO A 1 16  ? -1.939  4.374   -4.706  1.00 76.98  ? 14  PRO A CA  1 
ATOM   111  C C   . PRO A 1 16  ? -3.343  4.573   -5.282  1.00 75.93  ? 14  PRO A C   1 
ATOM   112  O O   . PRO A 1 16  ? -3.755  5.706   -5.515  1.00 77.71  ? 14  PRO A O   1 
ATOM   113  C CB  . PRO A 1 16  ? -0.918  4.098   -5.816  1.00 74.00  ? 14  PRO A CB  1 
ATOM   114  C CG  . PRO A 1 16  ? -0.728  2.618   -5.812  1.00 76.17  ? 14  PRO A CG  1 
ATOM   115  C CD  . PRO A 1 16  ? -0.898  2.196   -4.388  1.00 77.93  ? 14  PRO A CD  1 
ATOM   116  N N   . HIS A 1 17  ? -4.078  3.487   -5.504  1.00 77.50  ? 15  HIS A N   1 
ATOM   117  C CA  . HIS A 1 17  ? -5.460  3.589   -5.998  1.00 77.19  ? 15  HIS A CA  1 
ATOM   118  C C   . HIS A 1 17  ? -6.305  4.435   -5.045  1.00 80.36  ? 15  HIS A C   1 
ATOM   119  O O   . HIS A 1 17  ? -7.034  5.348   -5.458  1.00 79.92  ? 15  HIS A O   1 
ATOM   120  C CB  . HIS A 1 17  ? -6.080  2.197   -6.136  1.00 75.90  ? 15  HIS A CB  1 
ATOM   121  C CG  . HIS A 1 17  ? -7.450  2.201   -6.743  1.00 75.37  ? 15  HIS A CG  1 
ATOM   122  N ND1 . HIS A 1 17  ? -8.315  1.133   -6.633  1.00 77.50  ? 15  HIS A ND1 1 
ATOM   123  C CD2 . HIS A 1 17  ? -8.105  3.142   -7.464  1.00 79.75  ? 15  HIS A CD2 1 
ATOM   124  C CE1 . HIS A 1 17  ? -9.439  1.412   -7.270  1.00 77.64  ? 15  HIS A CE1 1 
ATOM   125  N NE2 . HIS A 1 17  ? -9.338  2.625   -7.782  1.00 83.86  ? 15  HIS A NE2 1 
ATOM   126  N N   . ILE A 1 18  ? -6.205  4.100   -3.764  1.00 76.94  ? 16  ILE A N   1 
ATOM   127  C CA  . ILE A 1 18  ? -6.850  4.850   -2.707  1.00 73.70  ? 16  ILE A CA  1 
ATOM   128  C C   . ILE A 1 18  ? -6.400  6.311   -2.735  1.00 74.26  ? 16  ILE A C   1 
ATOM   129  O O   . ILE A 1 18  ? -7.226  7.228   -2.722  1.00 72.67  ? 16  ILE A O   1 
ATOM   130  C CB  . ILE A 1 18  ? -6.513  4.242   -1.340  1.00 69.51  ? 16  ILE A CB  1 
ATOM   131  C CG1 . ILE A 1 18  ? -7.254  2.919   -1.160  1.00 75.20  ? 16  ILE A CG1 1 
ATOM   132  C CG2 . ILE A 1 18  ? -6.878  5.198   -0.230  1.00 78.56  ? 16  ILE A CG2 1 
ATOM   133  C CD1 . ILE A 1 18  ? -6.931  2.212   0.135   1.00 68.76  ? 16  ILE A CD1 1 
ATOM   134  N N   . VAL A 1 19  ? -5.085  6.521   -2.784  1.00 72.16  ? 17  VAL A N   1 
ATOM   135  C CA  . VAL A 1 19  ? -4.536  7.871   -2.768  1.00 71.35  ? 17  VAL A CA  1 
ATOM   136  C C   . VAL A 1 19  ? -5.068  8.729   -3.914  1.00 73.69  ? 17  VAL A C   1 
ATOM   137  O O   . VAL A 1 19  ? -5.406  9.891   -3.711  1.00 79.59  ? 17  VAL A O   1 
ATOM   138  C CB  . VAL A 1 19  ? -2.995  7.895   -2.779  1.00 70.30  ? 17  VAL A CB  1 
ATOM   139  C CG1 . VAL A 1 19  ? -2.506  9.304   -3.040  1.00 65.98  ? 17  VAL A CG1 1 
ATOM   140  C CG2 . VAL A 1 19  ? -2.437  7.392   -1.454  1.00 63.65  ? 17  VAL A CG2 1 
ATOM   141  N N   . LEU A 1 20  ? -5.142  8.166   -5.114  1.00 71.47  ? 18  LEU A N   1 
ATOM   142  C CA  . LEU A 1 20  ? -5.664  8.919   -6.242  1.00 71.59  ? 18  LEU A CA  1 
ATOM   143  C C   . LEU A 1 20  ? -7.034  9.473   -5.885  1.00 74.91  ? 18  LEU A C   1 
ATOM   144  O O   . LEU A 1 20  ? -7.338  10.640  -6.162  1.00 77.85  ? 18  LEU A O   1 
ATOM   145  C CB  . LEU A 1 20  ? -5.725  8.061   -7.505  1.00 66.83  ? 18  LEU A CB  1 
ATOM   146  C CG  . LEU A 1 20  ? -4.360  7.919   -8.189  1.00 72.82  ? 18  LEU A CG  1 
ATOM   147  C CD1 . LEU A 1 20  ? -4.164  6.527   -8.732  1.00 63.60  ? 18  LEU A CD1 1 
ATOM   148  C CD2 . LEU A 1 20  ? -4.176  8.964   -9.284  1.00 66.25  ? 18  LEU A CD2 1 
ATOM   149  N N   . ARG A 1 21  ? -7.853  8.641   -5.252  1.00 74.43  ? 19  ARG A N   1 
ATOM   150  C CA  . ARG A 1 21  ? -9.190  9.068   -4.853  1.00 74.99  ? 19  ARG A CA  1 
ATOM   151  C C   . ARG A 1 21  ? -9.120  10.070  -3.706  1.00 77.10  ? 19  ARG A C   1 
ATOM   152  O O   . ARG A 1 21  ? -9.759  11.120  -3.756  1.00 77.50  ? 19  ARG A O   1 
ATOM   153  C CB  . ARG A 1 21  ? -10.064 7.865   -4.496  1.00 71.64  ? 19  ARG A CB  1 
ATOM   154  C CG  . ARG A 1 21  ? -10.439 7.067   -5.718  1.00 67.67  ? 19  ARG A CG  1 
ATOM   155  C CD  . ARG A 1 21  ? -11.059 5.741   -5.385  1.00 76.03  ? 19  ARG A CD  1 
ATOM   156  N NE  . ARG A 1 21  ? -11.158 4.915   -6.586  1.00 85.58  ? 19  ARG A NE  1 
ATOM   157  C CZ  . ARG A 1 21  ? -12.244 4.820   -7.347  1.00 83.61  ? 19  ARG A CZ  1 
ATOM   158  N NH1 . ARG A 1 21  ? -13.345 5.493   -7.035  1.00 79.74  ? 19  ARG A NH1 1 
ATOM   159  N NH2 . ARG A 1 21  ? -12.234 4.043   -8.420  1.00 86.65  ? 19  ARG A NH2 1 
ATOM   160  N N   . GLU A 1 22  ? -8.325  9.761   -2.688  1.00 76.25  ? 20  GLU A N   1 
ATOM   161  C CA  . GLU A 1 22  ? -8.130  10.698  -1.593  1.00 77.13  ? 20  GLU A CA  1 
ATOM   162  C C   . GLU A 1 22  ? -7.718  12.093  -2.084  1.00 76.97  ? 20  GLU A C   1 
ATOM   163  O O   . GLU A 1 22  ? -8.223  13.098  -1.586  1.00 80.01  ? 20  GLU A O   1 
ATOM   164  C CB  . GLU A 1 22  ? -7.113  10.157  -0.596  1.00 76.56  ? 20  GLU A CB  1 
ATOM   165  C CG  . GLU A 1 22  ? -7.624  8.971   0.206   1.00 84.13  ? 20  GLU A CG  1 
ATOM   166  C CD  . GLU A 1 22  ? -8.556  9.386   1.326   1.00 91.77  ? 20  GLU A CD  1 
ATOM   167  O OE1 . GLU A 1 22  ? -8.935  10.576  1.364   1.00 87.37  ? 20  GLU A OE1 1 
ATOM   168  O OE2 . GLU A 1 22  ? -8.906  8.529   2.169   1.00 91.80  ? 20  GLU A OE2 1 
ATOM   169  N N   . ALA A 1 23  ? -6.818  12.161  -3.061  1.00 71.19  ? 21  ALA A N   1 
ATOM   170  C CA  . ALA A 1 23  ? -6.371  13.450  -3.576  1.00 68.32  ? 21  ALA A CA  1 
ATOM   171  C C   . ALA A 1 23  ? -7.300  13.976  -4.660  1.00 72.21  ? 21  ALA A C   1 
ATOM   172  O O   . ALA A 1 23  ? -7.166  15.115  -5.095  1.00 75.53  ? 21  ALA A O   1 
ATOM   173  C CB  . ALA A 1 23  ? -4.955  13.363  -4.096  1.00 64.27  ? 21  ALA A CB  1 
ATOM   174  N N   . GLY A 1 24  ? -8.238  13.144  -5.103  1.00 73.42  ? 22  GLY A N   1 
ATOM   175  C CA  . GLY A 1 24  ? -9.234  13.568  -6.086  1.00 70.54  ? 22  GLY A CA  1 
ATOM   176  C C   . GLY A 1 24  ? -8.684  13.721  -7.488  1.00 73.00  ? 22  GLY A C   1 
ATOM   177  O O   . GLY A 1 24  ? -9.230  14.470  -8.295  1.00 76.81  ? 22  GLY A O   1 
ATOM   178  N N   . LEU A 1 25  ? -7.602  13.002  -7.779  1.00 73.70  ? 23  LEU A N   1 
ATOM   179  C CA  . LEU A 1 25  ? -6.956  13.035  -9.088  1.00 68.04  ? 23  LEU A CA  1 
ATOM   180  C C   . LEU A 1 25  ? -7.727  12.228  -10.132 1.00 68.83  ? 23  LEU A C   1 
ATOM   181  O O   . LEU A 1 25  ? -8.547  11.384  -9.784  1.00 70.48  ? 23  LEU A O   1 
ATOM   182  C CB  . LEU A 1 25  ? -5.532  12.499  -8.954  1.00 69.14  ? 23  LEU A CB  1 
ATOM   183  C CG  . LEU A 1 25  ? -4.607  13.408  -8.145  1.00 67.18  ? 23  LEU A CG  1 
ATOM   184  C CD1 . LEU A 1 25  ? -3.358  12.685  -7.705  1.00 65.24  ? 23  LEU A CD1 1 
ATOM   185  C CD2 . LEU A 1 25  ? -4.242  14.605  -8.992  1.00 60.06  ? 23  LEU A CD2 1 
ATOM   186  N N   . ASP A 1 26  ? -7.469  12.495  -11.412 1.00 72.05  ? 24  ASP A N   1 
ATOM   187  C CA  . ASP A 1 26  ? -8.085  11.743  -12.507 1.00 71.95  ? 24  ASP A CA  1 
ATOM   188  C C   . ASP A 1 26  ? -7.188  10.598  -12.946 1.00 73.16  ? 24  ASP A C   1 
ATOM   189  O O   . ASP A 1 26  ? -5.979  10.780  -13.082 1.00 77.69  ? 24  ASP A O   1 
ATOM   190  C CB  . ASP A 1 26  ? -8.287  12.651  -13.715 1.00 74.70  ? 24  ASP A CB  1 
ATOM   191  C CG  . ASP A 1 26  ? -9.327  13.708  -13.480 1.00 81.50  ? 24  ASP A CG  1 
ATOM   192  O OD1 . ASP A 1 26  ? -10.215 13.483  -12.630 1.00 81.59  ? 24  ASP A OD1 1 
ATOM   193  O OD2 . ASP A 1 26  ? -9.258  14.757  -14.156 1.00 77.57  ? 24  ASP A OD2 1 
ATOM   194  N N   . PHE A 1 27  ? -7.770  9.436   -13.231 1.00 73.93  ? 25  PHE A N   1 
ATOM   195  C CA  . PHE A 1 27  ? -6.963  8.290   -13.654 1.00 76.13  ? 25  PHE A CA  1 
ATOM   196  C C   . PHE A 1 27  ? -7.793  7.167   -14.260 1.00 77.87  ? 25  PHE A C   1 
ATOM   197  O O   . PHE A 1 27  ? -8.969  7.026   -13.941 1.00 79.83  ? 25  PHE A O   1 
ATOM   198  C CB  . PHE A 1 27  ? -6.248  7.723   -12.443 1.00 70.44  ? 25  PHE A CB  1 
ATOM   199  C CG  . PHE A 1 27  ? -7.184  7.168   -11.410 1.00 77.31  ? 25  PHE A CG  1 
ATOM   200  C CD1 . PHE A 1 27  ? -7.817  8.011   -10.505 1.00 79.91  ? 25  PHE A CD1 1 
ATOM   201  C CD2 . PHE A 1 27  ? -7.448  5.807   -11.351 1.00 73.65  ? 25  PHE A CD2 1 
ATOM   202  C CE1 . PHE A 1 27  ? -8.690  7.505   -9.552  1.00 68.46  ? 25  PHE A CE1 1 
ATOM   203  C CE2 . PHE A 1 27  ? -8.314  5.291   -10.395 1.00 79.15  ? 25  PHE A CE2 1 
ATOM   204  C CZ  . PHE A 1 27  ? -8.939  6.143   -9.495  1.00 76.28  ? 25  PHE A CZ  1 
ATOM   205  N N   . GLU A 1 28  ? -7.169  6.354   -15.111 1.00 78.72  ? 26  GLU A N   1 
ATOM   206  C CA  . GLU A 1 28  ? -7.787  5.122   -15.586 1.00 80.08  ? 26  GLU A CA  1 
ATOM   207  C C   . GLU A 1 28  ? -7.107  3.947   -14.921 1.00 81.68  ? 26  GLU A C   1 
ATOM   208  O O   . GLU A 1 28  ? -5.889  3.937   -14.759 1.00 85.53  ? 26  GLU A O   1 
ATOM   209  C CB  . GLU A 1 28  ? -7.624  4.949   -17.090 1.00 83.19  ? 26  GLU A CB  1 
ATOM   210  C CG  . GLU A 1 28  ? -7.686  6.210   -17.919 1.00 97.22  ? 26  GLU A CG  1 
ATOM   211  C CD  . GLU A 1 28  ? -7.274  5.948   -19.355 1.00 107.26 ? 26  GLU A CD  1 
ATOM   212  O OE1 . GLU A 1 28  ? -6.826  4.817   -19.640 1.00 115.73 ? 26  GLU A OE1 1 
ATOM   213  O OE2 . GLU A 1 28  ? -7.392  6.862   -20.196 1.00 116.25 ? 26  GLU A OE2 1 
ATOM   214  N N   . LEU A 1 29  ? -7.894  2.949   -14.549 1.00 81.97  ? 27  LEU A N   1 
ATOM   215  C CA  . LEU A 1 29  ? -7.348  1.712   -14.025 1.00 83.73  ? 27  LEU A CA  1 
ATOM   216  C C   . LEU A 1 29  ? -7.076  0.734   -15.156 1.00 85.57  ? 27  LEU A C   1 
ATOM   217  O O   . LEU A 1 29  ? -7.915  0.536   -16.032 1.00 88.48  ? 27  LEU A O   1 
ATOM   218  C CB  . LEU A 1 29  ? -8.322  1.081   -13.038 1.00 81.73  ? 27  LEU A CB  1 
ATOM   219  C CG  . LEU A 1 29  ? -8.434  1.828   -11.718 1.00 82.46  ? 27  LEU A CG  1 
ATOM   220  C CD1 . LEU A 1 29  ? -9.262  1.031   -10.735 1.00 76.84  ? 27  LEU A CD1 1 
ATOM   221  C CD2 . LEU A 1 29  ? -7.043  2.087   -11.171 1.00 78.57  ? 27  LEU A CD2 1 
ATOM   222  N N   . GLU A 1 30  ? -5.900  0.122   -15.141 1.00 87.65  ? 28  GLU A N   1 
ATOM   223  C CA  . GLU A 1 30  ? -5.611  -0.939  -16.092 1.00 88.52  ? 28  GLU A CA  1 
ATOM   224  C C   . GLU A 1 30  ? -5.280  -2.223  -15.349 1.00 89.95  ? 28  GLU A C   1 
ATOM   225  O O   . GLU A 1 30  ? -4.258  -2.334  -14.666 1.00 92.62  ? 28  GLU A O   1 
ATOM   226  C CB  . GLU A 1 30  ? -4.481  -0.550  -17.042 1.00 89.29  ? 28  GLU A CB  1 
ATOM   227  C CG  . GLU A 1 30  ? -4.062  -1.664  -17.998 1.00 99.18  ? 28  GLU A CG  1 
ATOM   228  C CD  . GLU A 1 30  ? -4.891  -1.715  -19.275 1.00 104.97 ? 28  GLU A CD  1 
ATOM   229  O OE1 . GLU A 1 30  ? -5.595  -2.727  -19.480 1.00 106.89 ? 28  GLU A OE1 1 
ATOM   230  O OE2 . GLU A 1 30  ? -4.832  -0.749  -20.072 1.00 101.33 ? 28  GLU A OE2 1 
ATOM   231  N N   . ASN A 1 31  ? -6.177  -3.186  -15.478 1.00 90.79  ? 29  ASN A N   1 
ATOM   232  C CA  . ASN A 1 31  ? -6.013  -4.480  -14.863 1.00 93.58  ? 29  ASN A CA  1 
ATOM   233  C C   . ASN A 1 31  ? -4.848  -5.262  -15.468 1.00 93.06  ? 29  ASN A C   1 
ATOM   234  O O   . ASN A 1 31  ? -4.739  -5.374  -16.687 1.00 91.98  ? 29  ASN A O   1 
ATOM   235  C CB  . ASN A 1 31  ? -7.299  -5.267  -15.048 1.00 97.80  ? 29  ASN A CB  1 
ATOM   236  C CG  . ASN A 1 31  ? -7.282  -6.567  -14.301 1.00 110.33 ? 29  ASN A CG  1 
ATOM   237  O OD1 . ASN A 1 31  ? -6.505  -6.743  -13.360 1.00 118.73 ? 29  ASN A OD1 1 
ATOM   238  N ND2 . ASN A 1 31  ? -8.141  -7.495  -14.709 1.00 125.92 ? 29  ASN A ND2 1 
ATOM   239  N N   . VAL A 1 32  ? -3.978  -5.803  -14.618 1.00 93.33  ? 30  VAL A N   1 
ATOM   240  C CA  . VAL A 1 32  ? -2.869  -6.635  -15.088 1.00 94.80  ? 30  VAL A CA  1 
ATOM   241  C C   . VAL A 1 32  ? -2.973  -8.076  -14.590 1.00 98.59  ? 30  VAL A C   1 
ATOM   242  O O   . VAL A 1 32  ? -3.277  -8.323  -13.418 1.00 96.81  ? 30  VAL A O   1 
ATOM   243  C CB  . VAL A 1 32  ? -1.497  -6.078  -14.658 1.00 94.22  ? 30  VAL A CB  1 
ATOM   244  C CG1 . VAL A 1 32  ? -0.416  -7.118  -14.897 1.00 86.59  ? 30  VAL A CG1 1 
ATOM   245  C CG2 . VAL A 1 32  ? -1.178  -4.809  -15.422 1.00 95.64  ? 30  VAL A CG2 1 
ATOM   246  N N   . ASP A 1 33  ? -2.717  -9.026  -15.487 1.00 100.67 ? 31  ASP A N   1 
ATOM   247  C CA  . ASP A 1 33  ? -2.660  -10.427 -15.111 1.00 101.56 ? 31  ASP A CA  1 
ATOM   248  C C   . ASP A 1 33  ? -1.241  -10.788 -14.690 1.00 102.03 ? 31  ASP A C   1 
ATOM   249  O O   . ASP A 1 33  ? -0.335  -10.855 -15.526 1.00 97.94  ? 31  ASP A O   1 
ATOM   250  C CB  . ASP A 1 33  ? -3.088  -11.317 -16.270 1.00 104.77 ? 31  ASP A CB  1 
ATOM   251  C CG  . ASP A 1 33  ? -2.870  -12.787 -15.975 1.00 113.63 ? 31  ASP A CG  1 
ATOM   252  O OD1 . ASP A 1 33  ? -2.483  -13.528 -16.904 1.00 114.47 ? 31  ASP A OD1 1 
ATOM   253  O OD2 . ASP A 1 33  ? -3.068  -13.199 -14.809 1.00 121.49 ? 31  ASP A OD2 1 
ATOM   254  N N   . LEU A 1 34  ? -1.050  -11.015 -13.394 1.00 103.27 ? 32  LEU A N   1 
ATOM   255  C CA  . LEU A 1 34  ? 0.283   -11.237 -12.854 1.00 103.96 ? 32  LEU A CA  1 
ATOM   256  C C   . LEU A 1 34  ? 0.789   -12.599 -13.280 1.00 106.32 ? 32  LEU A C   1 
ATOM   257  O O   . LEU A 1 34  ? 1.976   -12.894 -13.169 1.00 107.22 ? 32  LEU A O   1 
ATOM   258  C CB  . LEU A 1 34  ? 0.282   -11.124 -11.330 1.00 103.25 ? 32  LEU A CB  1 
ATOM   259  C CG  . LEU A 1 34  ? -0.179  -9.785  -10.750 1.00 103.52 ? 32  LEU A CG  1 
ATOM   260  C CD1 . LEU A 1 34  ? 0.048   -9.749  -9.246  1.00 102.55 ? 32  LEU A CD1 1 
ATOM   261  C CD2 . LEU A 1 34  ? 0.543   -8.633  -11.429 1.00 97.99  ? 32  LEU A CD2 1 
ATOM   262  N N   . GLY A 1 35  ? -0.126  -13.427 -13.769 1.00 108.07 ? 33  GLY A N   1 
ATOM   263  C CA  . GLY A 1 35  ? 0.232   -14.732 -14.294 1.00 106.94 ? 33  GLY A CA  1 
ATOM   264  C C   . GLY A 1 35  ? 0.921   -14.615 -15.641 1.00 107.76 ? 33  GLY A C   1 
ATOM   265  O O   . GLY A 1 35  ? 2.031   -15.105 -15.824 1.00 109.45 ? 33  GLY A O   1 
ATOM   266  N N   . THR A 1 36  ? 0.269   -13.950 -16.584 1.00 106.28 ? 34  THR A N   1 
ATOM   267  C CA  . THR A 1 36  ? 0.777   -13.872 -17.946 1.00 104.66 ? 34  THR A CA  1 
ATOM   268  C C   . THR A 1 36  ? 1.282   -12.483 -18.307 1.00 106.38 ? 34  THR A C   1 
ATOM   269  O O   . THR A 1 36  ? 1.514   -12.189 -19.485 1.00 108.21 ? 34  THR A O   1 
ATOM   270  C CB  . THR A 1 36  ? -0.323  -14.214 -18.934 1.00 105.31 ? 34  THR A CB  1 
ATOM   271  O OG1 . THR A 1 36  ? -1.158  -13.064 -19.124 1.00 108.80 ? 34  THR A OG1 1 
ATOM   272  C CG2 . THR A 1 36  ? -1.158  -15.368 -18.400 1.00 105.31 ? 34  THR A CG2 1 
ATOM   273  N N   . LYS A 1 37  ? 1.432   -11.624 -17.302 1.00 104.85 ? 35  LYS A N   1 
ATOM   274  C CA  . LYS A 1 37  ? 1.938   -10.276 -17.523 1.00 100.07 ? 35  LYS A CA  1 
ATOM   275  C C   . LYS A 1 37  ? 1.307   -9.638  -18.757 1.00 100.50 ? 35  LYS A C   1 
ATOM   276  O O   . LYS A 1 37  ? 1.963   -8.908  -19.505 1.00 100.17 ? 35  LYS A O   1 
ATOM   277  C CB  . LYS A 1 37  ? 3.456   -10.303 -17.655 1.00 98.04  ? 35  LYS A CB  1 
ATOM   278  C CG  . LYS A 1 37  ? 4.147   -11.058 -16.531 1.00 93.64  ? 35  LYS A CG  1 
ATOM   279  C CD  . LYS A 1 37  ? 4.291   -10.201 -15.294 1.00 95.32  ? 35  LYS A CD  1 
ATOM   280  C CE  . LYS A 1 37  ? 5.311   -10.784 -14.323 1.00 96.93  ? 35  LYS A CE  1 
ATOM   281  N NZ  . LYS A 1 37  ? 4.652   -11.612 -13.277 1.00 91.28  ? 35  LYS A NZ  1 
ATOM   282  N N   . LYS A 1 38  ? 0.030   -9.930  -18.972 1.00 100.45 ? 36  LYS A N   1 
ATOM   283  C CA  . LYS A 1 38  ? -0.731  -9.257  -20.010 1.00 100.99 ? 36  LYS A CA  1 
ATOM   284  C C   . LYS A 1 38  ? -1.760  -8.358  -19.344 1.00 100.15 ? 36  LYS A C   1 
ATOM   285  O O   . LYS A 1 38  ? -2.289  -8.685  -18.275 1.00 95.26  ? 36  LYS A O   1 
ATOM   286  C CB  . LYS A 1 38  ? -1.429  -10.266 -20.923 1.00 103.59 ? 36  LYS A CB  1 
ATOM   287  C CG  . LYS A 1 38  ? -0.495  -11.238 -21.622 1.00 103.73 ? 36  LYS A CG  1 
ATOM   288  C CD  . LYS A 1 38  ? 0.418   -10.525 -22.592 1.00 106.34 ? 36  LYS A CD  1 
ATOM   289  C CE  . LYS A 1 38  ? 1.475   -11.472 -23.115 1.00 108.30 ? 36  LYS A CE  1 
ATOM   290  N NZ  . LYS A 1 38  ? 2.671   -10.731 -23.586 1.00 113.70 ? 36  LYS A NZ  1 
ATOM   291  N N   . THR A 1 39  ? -2.033  -7.219  -19.970 1.00 100.85 ? 37  THR A N   1 
ATOM   292  C CA  . THR A 1 39  ? -3.016  -6.284  -19.442 1.00 101.79 ? 37  THR A CA  1 
ATOM   293  C C   . THR A 1 39  ? -4.406  -6.695  -19.894 1.00 103.40 ? 37  THR A C   1 
ATOM   294  O O   . THR A 1 39  ? -4.554  -7.546  -20.775 1.00 105.44 ? 37  THR A O   1 
ATOM   295  C CB  . THR A 1 39  ? -2.743  -4.843  -19.904 1.00 100.25 ? 37  THR A CB  1 
ATOM   296  O OG1 . THR A 1 39  ? -3.128  -4.690  -21.278 1.00 94.67  ? 37  THR A OG1 1 
ATOM   297  C CG2 . THR A 1 39  ? -1.269  -4.506  -19.746 1.00 100.64 ? 37  THR A CG2 1 
ATOM   298  N N   . GLY A 1 40  ? -5.420  -6.092  -19.282 1.00 105.15 ? 38  GLY A N   1 
ATOM   299  C CA  . GLY A 1 40  ? -6.801  -6.335  -19.670 1.00 106.71 ? 38  GLY A CA  1 
ATOM   300  C C   . GLY A 1 40  ? -6.966  -6.132  -21.160 1.00 108.11 ? 38  GLY A C   1 
ATOM   301  O O   . GLY A 1 40  ? -7.586  -6.946  -21.844 1.00 111.67 ? 38  GLY A O   1 
ATOM   302  N N   . SER A 1 41  ? -6.401  -5.042  -21.665 1.00 107.60 ? 39  SER A N   1 
ATOM   303  C CA  . SER A 1 41  ? -6.418  -4.766  -23.093 1.00 108.15 ? 39  SER A CA  1 
ATOM   304  C C   . SER A 1 41  ? -5.684  -5.856  -23.885 1.00 107.44 ? 39  SER A C   1 
ATOM   305  O O   . SER A 1 41  ? -5.836  -5.962  -25.102 1.00 111.20 ? 39  SER A O   1 
ATOM   306  C CB  . SER A 1 41  ? -5.809  -3.391  -23.368 1.00 108.15 ? 39  SER A CB  1 
ATOM   307  O OG  . SER A 1 41  ? -4.572  -3.240  -22.689 1.00 116.95 ? 39  SER A OG  1 
ATOM   308  N N   . GLY A 1 42  ? -4.894  -6.667  -23.187 1.00 104.26 ? 40  GLY A N   1 
ATOM   309  C CA  . GLY A 1 42  ? -4.169  -7.759  -23.823 1.00 99.13  ? 40  GLY A CA  1 
ATOM   310  C C   . GLY A 1 42  ? -2.778  -7.353  -24.261 1.00 97.02  ? 40  GLY A C   1 
ATOM   311  O O   . GLY A 1 42  ? -2.123  -8.065  -25.013 1.00 96.20  ? 40  GLY A O   1 
ATOM   312  N N   . ALA A 1 43  ? -2.320  -6.199  -23.795 1.00 96.69  ? 41  ALA A N   1 
ATOM   313  C CA  . ALA A 1 43  ? -0.974  -5.745  -24.116 1.00 94.58  ? 41  ALA A CA  1 
ATOM   314  C C   . ALA A 1 43  ? 0.063   -6.470  -23.258 1.00 92.94  ? 41  ALA A C   1 
ATOM   315  O O   . ALA A 1 43  ? -0.283  -7.218  -22.342 1.00 91.26  ? 41  ALA A O   1 
ATOM   316  C CB  . ALA A 1 43  ? -0.864  -4.243  -23.942 1.00 94.43  ? 41  ALA A CB  1 
ATOM   317  N N   . ASP A 1 44  ? 1.335   -6.257  -23.565 1.00 93.03  ? 42  ASP A N   1 
ATOM   318  C CA  . ASP A 1 44  ? 2.401   -6.927  -22.830 1.00 95.77  ? 42  ASP A CA  1 
ATOM   319  C C   . ASP A 1 44  ? 2.896   -6.073  -21.665 1.00 96.04  ? 42  ASP A C   1 
ATOM   320  O O   . ASP A 1 44  ? 3.627   -5.096  -21.860 1.00 93.12  ? 42  ASP A O   1 
ATOM   321  C CB  . ASP A 1 44  ? 3.569   -7.258  -23.758 1.00 95.93  ? 42  ASP A CB  1 
ATOM   322  C CG  . ASP A 1 44  ? 4.776   -7.776  -23.003 1.00 101.60 ? 42  ASP A CG  1 
ATOM   323  O OD1 . ASP A 1 44  ? 4.590   -8.424  -21.945 1.00 106.45 ? 42  ASP A OD1 1 
ATOM   324  O OD2 . ASP A 1 44  ? 5.910   -7.530  -23.462 1.00 107.84 ? 42  ASP A OD2 1 
ATOM   325  N N   . PHE A 1 45  ? 2.519   -6.458  -20.450 1.00 93.55  ? 43  PHE A N   1 
ATOM   326  C CA  . PHE A 1 45  ? 2.803   -5.629  -19.286 1.00 91.89  ? 43  PHE A CA  1 
ATOM   327  C C   . PHE A 1 45  ? 4.285   -5.392  -19.026 1.00 91.88  ? 43  PHE A C   1 
ATOM   328  O O   . PHE A 1 45  ? 4.659   -4.376  -18.437 1.00 90.08  ? 43  PHE A O   1 
ATOM   329  C CB  . PHE A 1 45  ? 2.171   -6.206  -18.030 1.00 88.69  ? 43  PHE A CB  1 
ATOM   330  C CG  . PHE A 1 45  ? 2.470   -5.411  -16.809 1.00 86.09  ? 43  PHE A CG  1 
ATOM   331  C CD1 . PHE A 1 45  ? 2.003   -4.117  -16.690 1.00 82.37  ? 43  PHE A CD1 1 
ATOM   332  C CD2 . PHE A 1 45  ? 3.234   -5.937  -15.791 1.00 84.78  ? 43  PHE A CD2 1 
ATOM   333  C CE1 . PHE A 1 45  ? 2.279   -3.373  -15.573 1.00 78.04  ? 43  PHE A CE1 1 
ATOM   334  C CE2 . PHE A 1 45  ? 3.509   -5.194  -14.665 1.00 86.58  ? 43  PHE A CE2 1 
ATOM   335  C CZ  . PHE A 1 45  ? 3.031   -3.911  -14.557 1.00 77.69  ? 43  PHE A CZ  1 
ATOM   336  N N   . LEU A 1 46  ? 5.123   -6.332  -19.447 1.00 91.33  ? 44  LEU A N   1 
ATOM   337  C CA  . LEU A 1 46  ? 6.554   -6.213  -19.213 1.00 88.73  ? 44  LEU A CA  1 
ATOM   338  C C   . LEU A 1 46  ? 7.135   -5.098  -20.061 1.00 88.69  ? 44  LEU A C   1 
ATOM   339  O O   . LEU A 1 46  ? 8.255   -4.648  -19.830 1.00 89.65  ? 44  LEU A O   1 
ATOM   340  C CB  . LEU A 1 46  ? 7.265   -7.529  -19.500 1.00 85.68  ? 44  LEU A CB  1 
ATOM   341  C CG  . LEU A 1 46  ? 6.907   -8.649  -18.528 1.00 88.39  ? 44  LEU A CG  1 
ATOM   342  C CD1 . LEU A 1 46  ? 7.883   -9.797  -18.692 1.00 94.98  ? 44  LEU A CD1 1 
ATOM   343  C CD2 . LEU A 1 46  ? 6.910   -8.143  -17.094 1.00 87.75  ? 44  LEU A CD2 1 
ATOM   344  N N   . GLN A 1 47  ? 6.368   -4.654  -21.048 1.00 86.27  ? 45  GLN A N   1 
ATOM   345  C CA  . GLN A 1 47  ? 6.761   -3.507  -21.846 1.00 89.40  ? 45  GLN A CA  1 
ATOM   346  C C   . GLN A 1 47  ? 6.568   -2.257  -21.008 1.00 90.07  ? 45  GLN A C   1 
ATOM   347  O O   . GLN A 1 47  ? 7.329   -1.298  -21.117 1.00 90.38  ? 45  GLN A O   1 
ATOM   348  C CB  . GLN A 1 47  ? 5.907   -3.414  -23.107 1.00 92.23  ? 45  GLN A CB  1 
ATOM   349  C CG  . GLN A 1 47  ? 6.157   -4.539  -24.089 1.00 104.22 ? 45  GLN A CG  1 
ATOM   350  C CD  . GLN A 1 47  ? 7.592   -4.566  -24.555 1.00 114.04 ? 45  GLN A CD  1 
ATOM   351  O OE1 . GLN A 1 47  ? 8.053   -3.642  -25.224 1.00 120.99 ? 45  GLN A OE1 1 
ATOM   352  N NE2 . GLN A 1 47  ? 8.314   -5.625  -24.201 1.00 114.93 ? 45  GLN A NE2 1 
ATOM   353  N N   . VAL A 1 48  ? 5.535   -2.290  -20.168 1.00 90.39  ? 46  VAL A N   1 
ATOM   354  C CA  . VAL A 1 48  ? 5.210   -1.196  -19.265 1.00 87.75  ? 46  VAL A CA  1 
ATOM   355  C C   . VAL A 1 48  ? 6.148   -1.174  -18.063 1.00 90.19  ? 46  VAL A C   1 
ATOM   356  O O   . VAL A 1 48  ? 6.829   -0.177  -17.821 1.00 91.12  ? 46  VAL A O   1 
ATOM   357  C CB  . VAL A 1 48  ? 3.767   -1.309  -18.771 1.00 88.66  ? 46  VAL A CB  1 
ATOM   358  C CG1 . VAL A 1 48  ? 3.526   -0.347  -17.620 1.00 82.77  ? 46  VAL A CG1 1 
ATOM   359  C CG2 . VAL A 1 48  ? 2.814   -1.043  -19.917 1.00 78.71  ? 46  VAL A CG2 1 
ATOM   360  N N   . ASN A 1 49  ? 6.181   -2.272  -17.309 1.00 88.26  ? 47  ASN A N   1 
ATOM   361  C CA  . ASN A 1 49  ? 7.149   -2.425  -16.229 1.00 85.46  ? 47  ASN A CA  1 
ATOM   362  C C   . ASN A 1 49  ? 8.030   -3.670  -16.399 1.00 87.26  ? 47  ASN A C   1 
ATOM   363  O O   . ASN A 1 49  ? 7.617   -4.776  -16.046 1.00 90.36  ? 47  ASN A O   1 
ATOM   364  C CB  . ASN A 1 49  ? 6.439   -2.471  -14.879 1.00 84.54  ? 47  ASN A CB  1 
ATOM   365  C CG  . ASN A 1 49  ? 7.407   -2.575  -13.714 1.00 84.43  ? 47  ASN A CG  1 
ATOM   366  O OD1 . ASN A 1 49  ? 8.568   -2.179  -13.819 1.00 87.91  ? 47  ASN A OD1 1 
ATOM   367  N ND2 . ASN A 1 49  ? 6.931   -3.105  -12.593 1.00 80.98  ? 47  ASN A ND2 1 
ATOM   368  N N   . PRO A 1 50  ? 9.242   -3.490  -16.952 1.00 85.86  ? 48  PRO A N   1 
ATOM   369  C CA  . PRO A 1 50  ? 10.235  -4.553  -17.079 1.00 84.54  ? 48  PRO A CA  1 
ATOM   370  C C   . PRO A 1 50  ? 10.343  -5.414  -15.826 1.00 85.42  ? 48  PRO A C   1 
ATOM   371  O O   . PRO A 1 50  ? 10.358  -6.638  -15.928 1.00 88.27  ? 48  PRO A O   1 
ATOM   372  C CB  . PRO A 1 50  ? 11.541  -3.787  -17.291 1.00 82.28  ? 48  PRO A CB  1 
ATOM   373  C CG  . PRO A 1 50  ? 11.128  -2.501  -17.952 1.00 82.84  ? 48  PRO A CG  1 
ATOM   374  C CD  . PRO A 1 50  ? 9.660   -2.266  -17.658 1.00 85.24  ? 48  PRO A CD  1 
ATOM   375  N N   . LYS A 1 51  ? 10.421  -4.792  -14.652 1.00 86.61  ? 49  LYS A N   1 
ATOM   376  C CA  . LYS A 1 51  ? 10.529  -5.559  -13.397 1.00 83.82  ? 49  LYS A CA  1 
ATOM   377  C C   . LYS A 1 51  ? 9.334   -6.505  -13.227 1.00 83.30  ? 49  LYS A C   1 
ATOM   378  O O   . LYS A 1 51  ? 9.356   -7.435  -12.410 1.00 82.43  ? 49  LYS A O   1 
ATOM   379  C CB  . LYS A 1 51  ? 10.645  -4.625  -12.190 1.00 82.95  ? 49  LYS A CB  1 
ATOM   380  C CG  . LYS A 1 51  ? 11.584  -3.440  -12.376 1.00 75.29  ? 49  LYS A CG  1 
ATOM   381  C CD  . LYS A 1 51  ? 11.556  -2.586  -11.131 1.00 75.43  ? 49  LYS A CD  1 
ATOM   382  C CE  . LYS A 1 51  ? 11.708  -1.125  -11.451 1.00 75.79  ? 49  LYS A CE  1 
ATOM   383  N NZ  . LYS A 1 51  ? 11.447  -0.329  -10.228 1.00 79.74  ? 49  LYS A NZ  1 
ATOM   384  N N   . GLY A 1 52  ? 8.292   -6.246  -14.009 1.00 80.75  ? 50  GLY A N   1 
ATOM   385  C CA  . GLY A 1 52  ? 7.138   -7.117  -14.077 1.00 83.35  ? 50  GLY A CA  1 
ATOM   386  C C   . GLY A 1 52  ? 6.306   -7.245  -12.813 1.00 85.85  ? 50  GLY A C   1 
ATOM   387  O O   . GLY A 1 52  ? 5.826   -8.335  -12.516 1.00 90.82  ? 50  GLY A O   1 
ATOM   388  N N   . TYR A 1 53  ? 6.131   -6.156  -12.063 1.00 82.50  ? 51  TYR A N   1 
ATOM   389  C CA  . TYR A 1 53  ? 5.161   -6.143  -10.956 1.00 78.75  ? 51  TYR A CA  1 
ATOM   390  C C   . TYR A 1 53  ? 4.273   -4.900  -10.933 1.00 80.06  ? 51  TYR A C   1 
ATOM   391  O O   . TYR A 1 53  ? 4.567   -3.903  -11.602 1.00 77.96  ? 51  TYR A O   1 
ATOM   392  C CB  . TYR A 1 53  ? 5.825   -6.367  -9.590  1.00 77.28  ? 51  TYR A CB  1 
ATOM   393  C CG  . TYR A 1 53  ? 7.102   -5.585  -9.295  1.00 87.65  ? 51  TYR A CG  1 
ATOM   394  C CD1 . TYR A 1 53  ? 7.115   -4.190  -9.258  1.00 89.04  ? 51  TYR A CD1 1 
ATOM   395  C CD2 . TYR A 1 53  ? 8.286   -6.252  -8.995  1.00 86.14  ? 51  TYR A CD2 1 
ATOM   396  C CE1 . TYR A 1 53  ? 8.287   -3.485  -8.965  1.00 89.99  ? 51  TYR A CE1 1 
ATOM   397  C CE2 . TYR A 1 53  ? 9.454   -5.560  -8.700  1.00 91.54  ? 51  TYR A CE2 1 
ATOM   398  C CZ  . TYR A 1 53  ? 9.454   -4.180  -8.685  1.00 91.19  ? 51  TYR A CZ  1 
ATOM   399  O OH  . TYR A 1 53  ? 10.629  -3.512  -8.394  1.00 80.72  ? 51  TYR A OH  1 
ATOM   400  N N   . VAL A 1 54  ? 3.170   -4.973  -10.186 1.00 78.89  ? 52  VAL A N   1 
ATOM   401  C CA  . VAL A 1 54  ? 2.342   -3.792  -9.915  1.00 80.07  ? 52  VAL A CA  1 
ATOM   402  C C   . VAL A 1 54  ? 2.625   -3.279  -8.501  1.00 80.77  ? 52  VAL A C   1 
ATOM   403  O O   . VAL A 1 54  ? 3.064   -4.043  -7.642  1.00 83.66  ? 52  VAL A O   1 
ATOM   404  C CB  . VAL A 1 54  ? 0.828   -4.071  -10.071 1.00 79.75  ? 52  VAL A CB  1 
ATOM   405  C CG1 . VAL A 1 54  ? 0.522   -4.582  -11.468 1.00 67.01  ? 52  VAL A CG1 1 
ATOM   406  C CG2 . VAL A 1 54  ? 0.351   -5.049  -9.004  1.00 80.42  ? 52  VAL A CG2 1 
ATOM   407  N N   . PRO A 1 55  ? 2.366   -1.985  -8.249  1.00 81.14  ? 53  PRO A N   1 
ATOM   408  C CA  . PRO A 1 55  ? 1.712   -1.049  -9.160  1.00 79.09  ? 53  PRO A CA  1 
ATOM   409  C C   . PRO A 1 55  ? 2.687   -0.434  -10.164 1.00 77.64  ? 53  PRO A C   1 
ATOM   410  O O   . PRO A 1 55  ? 3.888   -0.369  -9.903  1.00 77.39  ? 53  PRO A O   1 
ATOM   411  C CB  . PRO A 1 55  ? 1.244   0.047   -8.208  1.00 77.24  ? 53  PRO A CB  1 
ATOM   412  C CG  . PRO A 1 55  ? 2.377   0.128   -7.219  1.00 76.82  ? 53  PRO A CG  1 
ATOM   413  C CD  . PRO A 1 55  ? 2.835   -1.307  -7.023  1.00 78.63  ? 53  PRO A CD  1 
ATOM   414  N N   . ALA A 1 56  ? 2.170   0.015   -11.300 1.00 76.10  ? 54  ALA A N   1 
ATOM   415  C CA  . ALA A 1 56  ? 2.944   0.847   -12.212 1.00 77.29  ? 54  ALA A CA  1 
ATOM   416  C C   . ALA A 1 56  ? 2.072   2.020   -12.600 1.00 77.67  ? 54  ALA A C   1 
ATOM   417  O O   . ALA A 1 56  ? 0.886   1.854   -12.884 1.00 79.15  ? 54  ALA A O   1 
ATOM   418  C CB  . ALA A 1 56  ? 3.358   0.071   -13.442 1.00 78.13  ? 54  ALA A CB  1 
ATOM   419  N N   . LEU A 1 57  ? 2.652   3.210   -12.592 1.00 78.69  ? 55  LEU A N   1 
ATOM   420  C CA  . LEU A 1 57  ? 1.892   4.414   -12.872 1.00 76.85  ? 55  LEU A CA  1 
ATOM   421  C C   . LEU A 1 57  ? 2.377   5.010   -14.170 1.00 78.56  ? 55  LEU A C   1 
ATOM   422  O O   . LEU A 1 57  ? 3.575   5.234   -14.357 1.00 80.63  ? 55  LEU A O   1 
ATOM   423  C CB  . LEU A 1 57  ? 2.060   5.435   -11.747 1.00 76.12  ? 55  LEU A CB  1 
ATOM   424  C CG  . LEU A 1 57  ? 1.255   6.730   -11.912 1.00 77.96  ? 55  LEU A CG  1 
ATOM   425  C CD1 . LEU A 1 57  ? -0.222  6.445   -11.768 1.00 63.68  ? 55  LEU A CD1 1 
ATOM   426  C CD2 . LEU A 1 57  ? 1.686   7.806   -10.917 1.00 70.36  ? 55  LEU A CD2 1 
ATOM   427  N N   . GLN A 1 58  ? 1.446   5.271   -15.073 1.00 78.56  ? 56  GLN A N   1 
ATOM   428  C CA  . GLN A 1 58  ? 1.807   5.886   -16.327 1.00 82.62  ? 56  GLN A CA  1 
ATOM   429  C C   . GLN A 1 58  ? 1.253   7.297   -16.425 1.00 85.64  ? 56  GLN A C   1 
ATOM   430  O O   . GLN A 1 58  ? 0.040   7.504   -16.399 1.00 85.13  ? 56  GLN A O   1 
ATOM   431  C CB  . GLN A 1 58  ? 1.306   5.045   -17.486 1.00 84.78  ? 56  GLN A CB  1 
ATOM   432  C CG  . GLN A 1 58  ? 1.543   5.681   -18.826 1.00 89.34  ? 56  GLN A CG  1 
ATOM   433  C CD  . GLN A 1 58  ? 0.876   4.904   -19.927 1.00 99.61  ? 56  GLN A CD  1 
ATOM   434  O OE1 . GLN A 1 58  ? 1.141   3.710   -20.109 1.00 92.33  ? 56  GLN A OE1 1 
ATOM   435  N NE2 . GLN A 1 58  ? -0.010  5.569   -20.670 1.00 101.94 ? 56  GLN A NE2 1 
ATOM   436  N N   . LEU A 1 59  ? 2.175   8.228   -16.583 1.00 89.70  ? 57  LEU A N   1 
ATOM   437  C CA  . LEU A 1 59  ? 1.910   9.633   -16.773 1.00 95.09  ? 57  LEU A CA  1 
ATOM   438  C C   . LEU A 1 59  ? 1.600   9.985   -18.209 1.00 101.96 ? 57  LEU A C   1 
ATOM   439  O O   . LEU A 1 59  ? 1.779   9.188   -19.110 1.00 104.58 ? 57  LEU A O   1 
ATOM   440  C CB  . LEU A 1 59  ? 3.118   10.427  -16.337 1.00 90.86  ? 57  LEU A CB  1 
ATOM   441  C CG  . LEU A 1 59  ? 3.812   9.783   -15.160 1.00 86.70  ? 57  LEU A CG  1 
ATOM   442  C CD1 . LEU A 1 59  ? 4.789   10.736  -14.586 1.00 79.91  ? 57  LEU A CD1 1 
ATOM   443  C CD2 . LEU A 1 59  ? 2.782   9.431   -14.148 1.00 78.13  ? 57  LEU A CD2 1 
ATOM   444  N N   . ASP A 1 60  ? 1.144   11.205  -18.411 1.00 108.86 ? 58  ASP A N   1 
ATOM   445  C CA  . ASP A 1 60  ? 0.861   11.715  -19.737 1.00 113.55 ? 58  ASP A CA  1 
ATOM   446  C C   . ASP A 1 60  ? 2.110   11.767  -20.595 1.00 112.53 ? 58  ASP A C   1 
ATOM   447  O O   . ASP A 1 60  ? 2.055   11.511  -21.778 1.00 112.62 ? 58  ASP A O   1 
ATOM   448  C CB  . ASP A 1 60  ? 0.178   13.066  -19.649 1.00 115.37 ? 58  ASP A CB  1 
ATOM   449  C CG  . ASP A 1 60  ? -1.115  12.997  -18.873 1.00 123.09 ? 58  ASP A CG  1 
ATOM   450  O OD1 . ASP A 1 60  ? -2.129  12.551  -19.447 1.00 126.31 ? 58  ASP A OD1 1 
ATOM   451  O OD2 . ASP A 1 60  ? -1.115  13.373  -17.684 1.00 124.53 ? 58  ASP A OD2 1 
ATOM   452  N N   . ASP A 1 61  ? 3.250   12.064  -20.006 1.00 114.17 ? 59  ASP A N   1 
ATOM   453  C CA  . ASP A 1 61  ? 4.450   12.129  -20.804 1.00 113.15 ? 59  ASP A CA  1 
ATOM   454  C C   . ASP A 1 61  ? 4.499   10.747  -21.354 1.00 109.91 ? 59  ASP A C   1 
ATOM   455  O O   . ASP A 1 61  ? 5.187   10.471  -22.318 1.00 110.33 ? 59  ASP A O   1 
ATOM   456  C CB  . ASP A 1 61  ? 5.683   12.349  -19.954 1.00 115.75 ? 59  ASP A CB  1 
ATOM   457  C CG  . ASP A 1 61  ? 5.425   13.254  -18.810 1.00 123.12 ? 59  ASP A CG  1 
ATOM   458  O OD1 . ASP A 1 61  ? 6.319   13.409  -17.955 1.00 128.87 ? 59  ASP A OD1 1 
ATOM   459  O OD2 . ASP A 1 61  ? 4.321   13.829  -18.777 1.00 128.36 ? 59  ASP A OD2 1 
ATOM   460  N N   . GLY A 1 62  ? 3.777   9.855   -20.708 1.00 103.93 ? 60  GLY A N   1 
ATOM   461  C CA  . GLY A 1 62  ? 3.767   8.488   -21.148 1.00 94.84  ? 60  GLY A CA  1 
ATOM   462  C C   . GLY A 1 62  ? 4.879   7.783   -20.447 1.00 92.40  ? 60  GLY A C   1 
ATOM   463  O O   . GLY A 1 62  ? 5.146   6.625   -20.686 1.00 90.81  ? 60  GLY A O   1 
ATOM   464  N N   . GLN A 1 63  ? 5.531   8.498   -19.558 1.00 89.10  ? 61  GLN A N   1 
ATOM   465  C CA  . GLN A 1 63  ? 6.531   7.886   -18.731 1.00 85.96  ? 61  GLN A CA  1 
ATOM   466  C C   . GLN A 1 63  ? 5.870   7.033   -17.679 1.00 83.46  ? 61  GLN A C   1 
ATOM   467  O O   . GLN A 1 63  ? 4.710   7.207   -17.376 1.00 84.31  ? 61  GLN A O   1 
ATOM   468  C CB  . GLN A 1 63  ? 7.423   8.927   -18.114 1.00 83.91  ? 61  GLN A CB  1 
ATOM   469  C CG  . GLN A 1 63  ? 8.504   9.310   -19.036 1.00 90.84  ? 61  GLN A CG  1 
ATOM   470  C CD  . GLN A 1 63  ? 9.304   10.435  -18.514 1.00 104.47 ? 61  GLN A CD  1 
ATOM   471  O OE1 . GLN A 1 63  ? 10.485  10.289  -18.225 1.00 108.33 ? 61  GLN A OE1 1 
ATOM   472  N NE2 . GLN A 1 63  ? 8.677   11.589  -18.403 1.00 111.16 ? 61  GLN A NE2 1 
ATOM   473  N N   . VAL A 1 64  ? 6.625   6.093   -17.152 1.00 78.01  ? 62  VAL A N   1 
ATOM   474  C CA  . VAL A 1 64  ? 6.138   5.148   -16.160 1.00 75.92  ? 62  VAL A CA  1 
ATOM   475  C C   . VAL A 1 64  ? 6.928   5.160   -14.864 1.00 78.77  ? 62  VAL A C   1 
ATOM   476  O O   . VAL A 1 64  ? 8.163   5.146   -14.856 1.00 78.54  ? 62  VAL A O   1 
ATOM   477  C CB  . VAL A 1 64  ? 6.138   3.713   -16.683 1.00 72.20  ? 62  VAL A CB  1 
ATOM   478  C CG1 . VAL A 1 64  ? 5.710   2.769   -15.569 1.00 67.13  ? 62  VAL A CG1 1 
ATOM   479  C CG2 . VAL A 1 64  ? 5.211   3.593   -17.880 1.00 75.26  ? 62  VAL A CG2 1 
ATOM   480  N N   . LEU A 1 65  ? 6.188   5.164   -13.765 1.00 76.93  ? 63  LEU A N   1 
ATOM   481  C CA  . LEU A 1 65  ? 6.778   5.169   -12.448 1.00 74.41  ? 63  LEU A CA  1 
ATOM   482  C C   . LEU A 1 65  ? 6.405   3.863   -11.748 1.00 74.37  ? 63  LEU A C   1 
ATOM   483  O O   . LEU A 1 65  ? 5.304   3.329   -11.942 1.00 68.95  ? 63  LEU A O   1 
ATOM   484  C CB  . LEU A 1 65  ? 6.272   6.385   -11.667 1.00 76.73  ? 63  LEU A CB  1 
ATOM   485  C CG  . LEU A 1 65  ? 7.182   6.926   -10.568 1.00 79.15  ? 63  LEU A CG  1 
ATOM   486  C CD1 . LEU A 1 65  ? 8.541   7.303   -11.136 1.00 84.87  ? 63  LEU A CD1 1 
ATOM   487  C CD2 . LEU A 1 65  ? 6.528   8.121   -9.903  1.00 90.16  ? 63  LEU A CD2 1 
ATOM   488  N N   . THR A 1 66  ? 7.335   3.352   -10.946 1.00 74.29  ? 64  THR A N   1 
ATOM   489  C CA  . THR A 1 66  ? 7.176   2.069   -10.273 1.00 74.61  ? 64  THR A CA  1 
ATOM   490  C C   . THR A 1 66  ? 7.632   2.226   -8.824  1.00 76.60  ? 64  THR A C   1 
ATOM   491  O O   . THR A 1 66  ? 8.224   3.247   -8.468  1.00 74.56  ? 64  THR A O   1 
ATOM   492  C CB  . THR A 1 66  ? 8.039   0.989   -10.955 1.00 76.66  ? 64  THR A CB  1 
ATOM   493  O OG1 . THR A 1 66  ? 9.418   1.367   -10.883 1.00 76.00  ? 64  THR A OG1 1 
ATOM   494  C CG2 . THR A 1 66  ? 7.663   0.851   -12.413 1.00 62.08  ? 64  THR A CG2 1 
ATOM   495  N N   . GLU A 1 67  ? 7.378   1.215   -7.994  1.00 74.85  ? 65  GLU A N   1 
ATOM   496  C CA  . GLU A 1 67  ? 7.751   1.296   -6.587  1.00 74.29  ? 65  GLU A CA  1 
ATOM   497  C C   . GLU A 1 67  ? 6.670   2.054   -5.795  1.00 79.58  ? 65  GLU A C   1 
ATOM   498  O O   . GLU A 1 67  ? 6.623   3.290   -5.767  1.00 80.69  ? 65  GLU A O   1 
ATOM   499  C CB  . GLU A 1 67  ? 9.119   1.966   -6.445  1.00 71.71  ? 65  GLU A CB  1 
ATOM   500  C CG  . GLU A 1 67  ? 10.269  1.054   -6.019  1.00 84.16  ? 65  GLU A CG  1 
ATOM   501  C CD  . GLU A 1 67  ? 10.222  -0.342  -6.626  1.00 89.31  ? 65  GLU A CD  1 
ATOM   502  O OE1 . GLU A 1 67  ? 10.307  -0.480  -7.866  1.00 84.45  ? 65  GLU A OE1 1 
ATOM   503  O OE2 . GLU A 1 67  ? 10.125  -1.310  -5.846  1.00 84.25  ? 65  GLU A OE2 1 
ATOM   504  N N   . ASP A 1 68  ? 5.804   1.277   -5.154  1.00 80.27  ? 66  ASP A N   1 
ATOM   505  C CA  . ASP A 1 68  ? 4.614   1.768   -4.485  1.00 79.47  ? 66  ASP A CA  1 
ATOM   506  C C   . ASP A 1 68  ? 4.848   3.051   -3.701  1.00 77.40  ? 66  ASP A C   1 
ATOM   507  O O   . ASP A 1 68  ? 4.093   4.015   -3.824  1.00 76.30  ? 66  ASP A O   1 
ATOM   508  C CB  . ASP A 1 68  ? 4.085   0.681   -3.545  1.00 83.62  ? 66  ASP A CB  1 
ATOM   509  C CG  . ASP A 1 68  ? 2.574   0.568   -3.572  1.00 87.76  ? 66  ASP A CG  1 
ATOM   510  O OD1 . ASP A 1 68  ? 1.935   1.339   -4.316  1.00 99.94  ? 66  ASP A OD1 1 
ATOM   511  O OD2 . ASP A 1 68  ? 2.026   -0.295  -2.853  1.00 90.64  ? 66  ASP A OD2 1 
ATOM   512  N N   . GLN A 1 69  ? 5.891   3.056   -2.886  1.00 72.35  ? 67  GLN A N   1 
ATOM   513  C CA  . GLN A 1 69  ? 6.109   4.158   -1.974  1.00 70.00  ? 67  GLN A CA  1 
ATOM   514  C C   . GLN A 1 69  ? 6.586   5.395   -2.706  1.00 69.01  ? 67  GLN A C   1 
ATOM   515  O O   . GLN A 1 69  ? 6.464   6.505   -2.196  1.00 74.15  ? 67  GLN A O   1 
ATOM   516  C CB  . GLN A 1 69  ? 7.147   3.780   -0.933  1.00 71.48  ? 67  GLN A CB  1 
ATOM   517  C CG  . GLN A 1 69  ? 8.512   3.569   -1.536  1.00 72.60  ? 67  GLN A CG  1 
ATOM   518  C CD  . GLN A 1 69  ? 9.578   3.472   -0.482  1.00 82.72  ? 67  GLN A CD  1 
ATOM   519  O OE1 . GLN A 1 69  ? 10.429  2.577   -0.517  1.00 91.16  ? 67  GLN A OE1 1 
ATOM   520  N NE2 . GLN A 1 69  ? 9.534   4.385   0.483   1.00 88.35  ? 67  GLN A NE2 1 
ATOM   521  N N   . VAL A 1 70  ? 7.167   5.214   -3.884  1.00 69.72  ? 68  VAL A N   1 
ATOM   522  C CA  . VAL A 1 70  ? 7.568   6.373   -4.667  1.00 67.76  ? 68  VAL A CA  1 
ATOM   523  C C   . VAL A 1 70  ? 6.355   6.922   -5.390  1.00 69.78  ? 68  VAL A C   1 
ATOM   524  O O   . VAL A 1 70  ? 6.124   8.131   -5.411  1.00 74.94  ? 68  VAL A O   1 
ATOM   525  C CB  . VAL A 1 70  ? 8.643   6.053   -5.687  1.00 63.65  ? 68  VAL A CB  1 
ATOM   526  C CG1 . VAL A 1 70  ? 8.863   7.257   -6.577  1.00 59.66  ? 68  VAL A CG1 1 
ATOM   527  C CG2 . VAL A 1 70  ? 9.929   5.666   -4.983  1.00 65.42  ? 68  VAL A CG2 1 
ATOM   528  N N   . ILE A 1 71  ? 5.576   6.024   -5.977  1.00 66.80  ? 69  ILE A N   1 
ATOM   529  C CA  . ILE A 1 71  ? 4.342   6.420   -6.642  1.00 70.85  ? 69  ILE A CA  1 
ATOM   530  C C   . ILE A 1 71  ? 3.442   7.210   -5.685  1.00 73.37  ? 69  ILE A C   1 
ATOM   531  O O   . ILE A 1 71  ? 2.826   8.210   -6.070  1.00 74.45  ? 69  ILE A O   1 
ATOM   532  C CB  . ILE A 1 71  ? 3.571   5.197   -7.167  1.00 68.39  ? 69  ILE A CB  1 
ATOM   533  C CG1 . ILE A 1 71  ? 4.314   4.563   -8.344  1.00 67.50  ? 69  ILE A CG1 1 
ATOM   534  C CG2 . ILE A 1 71  ? 2.176   5.598   -7.577  1.00 60.78  ? 69  ILE A CG2 1 
ATOM   535  C CD1 . ILE A 1 71  ? 3.717   3.243   -8.809  1.00 63.99  ? 69  ILE A CD1 1 
ATOM   536  N N   . LEU A 1 72  ? 3.366   6.759   -4.436  1.00 70.02  ? 70  LEU A N   1 
ATOM   537  C CA  . LEU A 1 72  ? 2.513   7.421   -3.466  1.00 69.87  ? 70  LEU A CA  1 
ATOM   538  C C   . LEU A 1 72  ? 3.033   8.828   -3.218  1.00 71.67  ? 70  LEU A C   1 
ATOM   539  O O   . LEU A 1 72  ? 2.260   9.772   -3.076  1.00 69.89  ? 70  LEU A O   1 
ATOM   540  C CB  . LEU A 1 72  ? 2.461   6.644   -2.155  1.00 65.82  ? 70  LEU A CB  1 
ATOM   541  C CG  . LEU A 1 72  ? 1.819   5.260   -2.183  1.00 68.23  ? 70  LEU A CG  1 
ATOM   542  C CD1 . LEU A 1 72  ? 2.136   4.528   -0.885  1.00 59.55  ? 70  LEU A CD1 1 
ATOM   543  C CD2 . LEU A 1 72  ? 0.304   5.342   -2.411  1.00 66.65  ? 70  LEU A CD2 1 
ATOM   544  N N   . GLN A 1 73  ? 4.349   8.971   -3.170  1.00 71.89  ? 71  GLN A N   1 
ATOM   545  C CA  . GLN A 1 73  ? 4.927   10.291  -2.983  1.00 69.69  ? 71  GLN A CA  1 
ATOM   546  C C   . GLN A 1 73  ? 4.575   11.167  -4.165  1.00 70.52  ? 71  GLN A C   1 
ATOM   547  O O   . GLN A 1 73  ? 4.105   12.285  -3.999  1.00 75.24  ? 71  GLN A O   1 
ATOM   548  C CB  . GLN A 1 73  ? 6.434   10.204  -2.871  1.00 66.29  ? 71  GLN A CB  1 
ATOM   549  C CG  . GLN A 1 73  ? 6.916   9.652   -1.581  1.00 64.52  ? 71  GLN A CG  1 
ATOM   550  C CD  . GLN A 1 73  ? 8.409   9.777   -1.460  1.00 71.17  ? 71  GLN A CD  1 
ATOM   551  O OE1 . GLN A 1 73  ? 9.089   8.821   -1.107  1.00 80.57  ? 71  GLN A OE1 1 
ATOM   552  N NE2 . GLN A 1 73  ? 8.936   10.953  -1.783  1.00 76.78  ? 71  GLN A NE2 1 
ATOM   553  N N   . TYR A 1 74  ? 4.811   10.653  -5.366  1.00 72.56  ? 72  TYR A N   1 
ATOM   554  C CA  . TYR A 1 74  ? 4.549   11.414  -6.576  1.00 70.43  ? 72  TYR A CA  1 
ATOM   555  C C   . TYR A 1 74  ? 3.101   11.892  -6.635  1.00 72.27  ? 72  TYR A C   1 
ATOM   556  O O   . TYR A 1 74  ? 2.825   13.032  -7.015  1.00 72.33  ? 72  TYR A O   1 
ATOM   557  C CB  . TYR A 1 74  ? 4.843   10.568  -7.800  1.00 70.90  ? 72  TYR A CB  1 
ATOM   558  C CG  . TYR A 1 74  ? 4.404   11.228  -9.082  1.00 67.43  ? 72  TYR A CG  1 
ATOM   559  C CD1 . TYR A 1 74  ? 3.157   10.958  -9.633  1.00 65.03  ? 72  TYR A CD1 1 
ATOM   560  C CD2 . TYR A 1 74  ? 5.239   12.131  -9.741  1.00 63.49  ? 72  TYR A CD2 1 
ATOM   561  C CE1 . TYR A 1 74  ? 2.752   11.568  -10.813 1.00 67.85  ? 72  TYR A CE1 1 
ATOM   562  C CE2 . TYR A 1 74  ? 4.850   12.736  -10.921 1.00 65.18  ? 72  TYR A CE2 1 
ATOM   563  C CZ  . TYR A 1 74  ? 3.606   12.453  -11.453 1.00 74.86  ? 72  TYR A CZ  1 
ATOM   564  O OH  . TYR A 1 74  ? 3.218   13.063  -12.624 1.00 90.33  ? 72  TYR A OH  1 
ATOM   565  N N   . LEU A 1 75  ? 2.174   11.013  -6.270  1.00 69.81  ? 73  LEU A N   1 
ATOM   566  C CA  . LEU A 1 75  ? 0.773   11.383  -6.267  1.00 69.94  ? 73  LEU A CA  1 
ATOM   567  C C   . LEU A 1 75  ? 0.498   12.503  -5.258  1.00 72.25  ? 73  LEU A C   1 
ATOM   568  O O   . LEU A 1 75  ? -0.117  13.512  -5.595  1.00 72.63  ? 73  LEU A O   1 
ATOM   569  C CB  . LEU A 1 75  ? -0.101  10.168  -5.980  1.00 68.39  ? 73  LEU A CB  1 
ATOM   570  C CG  . LEU A 1 75  ? -0.217  9.149   -7.112  1.00 69.22  ? 73  LEU A CG  1 
ATOM   571  C CD1 . LEU A 1 75  ? -1.146  8.020   -6.686  1.00 66.19  ? 73  LEU A CD1 1 
ATOM   572  C CD2 . LEU A 1 75  ? -0.727  9.807   -8.395  1.00 58.07  ? 73  LEU A CD2 1 
ATOM   573  N N   . ALA A 1 76  ? 0.960   12.338  -4.024  1.00 71.33  ? 74  ALA A N   1 
ATOM   574  C CA  . ALA A 1 76  ? 0.738   13.357  -3.004  1.00 71.27  ? 74  ALA A CA  1 
ATOM   575  C C   . ALA A 1 76  ? 1.281   14.724  -3.439  1.00 72.61  ? 74  ALA A C   1 
ATOM   576  O O   . ALA A 1 76  ? 0.687   15.760  -3.157  1.00 74.43  ? 74  ALA A O   1 
ATOM   577  C CB  . ALA A 1 76  ? 1.341   12.933  -1.679  1.00 65.79  ? 74  ALA A CB  1 
ATOM   578  N N   . ASP A 1 77  ? 2.405   14.729  -4.138  1.00 72.98  ? 75  ASP A N   1 
ATOM   579  C CA  . ASP A 1 77  ? 2.996   15.985  -4.570  1.00 73.89  ? 75  ASP A CA  1 
ATOM   580  C C   . ASP A 1 77  ? 2.198   16.673  -5.663  1.00 73.53  ? 75  ASP A C   1 
ATOM   581  O O   . ASP A 1 77  ? 2.344   17.867  -5.864  1.00 78.73  ? 75  ASP A O   1 
ATOM   582  C CB  . ASP A 1 77  ? 4.420   15.764  -5.042  1.00 76.85  ? 75  ASP A CB  1 
ATOM   583  C CG  . ASP A 1 77  ? 5.317   15.294  -3.931  1.00 88.09  ? 75  ASP A CG  1 
ATOM   584  O OD1 . ASP A 1 77  ? 6.237   14.488  -4.211  1.00 88.37  ? 75  ASP A OD1 1 
ATOM   585  O OD2 . ASP A 1 77  ? 5.082   15.723  -2.776  1.00 93.95  ? 75  ASP A OD2 1 
ATOM   586  N N   . LEU A 1 78  ? 1.378   15.928  -6.387  1.00 67.81  ? 76  LEU A N   1 
ATOM   587  C CA  . LEU A 1 78  ? 0.503   16.555  -7.363  1.00 71.05  ? 76  LEU A CA  1 
ATOM   588  C C   . LEU A 1 78  ? -0.507  17.472  -6.672  1.00 75.59  ? 76  LEU A C   1 
ATOM   589  O O   . LEU A 1 78  ? -0.988  18.439  -7.258  1.00 79.25  ? 76  LEU A O   1 
ATOM   590  C CB  . LEU A 1 78  ? -0.239  15.509  -8.187  1.00 68.29  ? 76  LEU A CB  1 
ATOM   591  C CG  . LEU A 1 78  ? 0.618   14.774  -9.206  1.00 68.42  ? 76  LEU A CG  1 
ATOM   592  C CD1 . LEU A 1 78  ? -0.285  14.017  -10.148 1.00 68.00  ? 76  LEU A CD1 1 
ATOM   593  C CD2 . LEU A 1 78  ? 1.477   15.762  -9.958  1.00 60.52  ? 76  LEU A CD2 1 
ATOM   594  N N   . LYS A 1 79  ? -0.843  17.163  -5.426  1.00 76.39  ? 77  LYS A N   1 
ATOM   595  C CA  . LYS A 1 79  ? -1.810  17.978  -4.715  1.00 74.60  ? 77  LYS A CA  1 
ATOM   596  C C   . LYS A 1 79  ? -1.363  18.267  -3.305  1.00 74.05  ? 77  LYS A C   1 
ATOM   597  O O   . LYS A 1 79  ? -1.984  17.809  -2.359  1.00 75.39  ? 77  LYS A O   1 
ATOM   598  C CB  . LYS A 1 79  ? -3.178  17.312  -4.702  1.00 69.36  ? 77  LYS A CB  1 
ATOM   599  C CG  . LYS A 1 79  ? -3.679  16.996  -6.085  1.00 78.98  ? 77  LYS A CG  1 
ATOM   600  C CD  . LYS A 1 79  ? -5.083  17.531  -6.319  1.00 76.37  ? 77  LYS A CD  1 
ATOM   601  C CE  . LYS A 1 79  ? -5.056  18.842  -7.086  1.00 86.87  ? 77  LYS A CE  1 
ATOM   602  N NZ  . LYS A 1 79  ? -6.356  19.118  -7.773  1.00 87.33  ? 77  LYS A NZ  1 
ATOM   603  N N   . PRO A 1 80  ? -0.306  19.072  -3.163  1.00 76.25  ? 78  PRO A N   1 
ATOM   604  C CA  . PRO A 1 80  ? 0.221   19.374  -1.845  1.00 79.07  ? 78  PRO A CA  1 
ATOM   605  C C   . PRO A 1 80  ? -0.912  19.988  -1.045  1.00 85.07  ? 78  PRO A C   1 
ATOM   606  O O   . PRO A 1 80  ? -0.983  19.858  0.173   1.00 85.87  ? 78  PRO A O   1 
ATOM   607  C CB  . PRO A 1 80  ? 1.292   20.431  -2.125  1.00 80.03  ? 78  PRO A CB  1 
ATOM   608  C CG  . PRO A 1 80  ? 1.320   20.627  -3.636  1.00 72.40  ? 78  PRO A CG  1 
ATOM   609  C CD  . PRO A 1 80  ? 0.048   20.097  -4.158  1.00 74.31  ? 78  PRO A CD  1 
ATOM   610  N N   . GLU A 1 81  ? -1.796  20.653  -1.772  1.00 91.31  ? 79  GLU A N   1 
ATOM   611  C CA  . GLU A 1 81  ? -3.022  21.217  -1.241  1.00 93.63  ? 79  GLU A CA  1 
ATOM   612  C C   . GLU A 1 81  ? -3.746  20.238  -0.318  1.00 93.00  ? 79  GLU A C   1 
ATOM   613  O O   . GLU A 1 81  ? -4.400  20.647  0.641   1.00 95.12  ? 79  GLU A O   1 
ATOM   614  C CB  . GLU A 1 81  ? -3.910  21.559  -2.431  1.00 95.42  ? 79  GLU A CB  1 
ATOM   615  C CG  . GLU A 1 81  ? -3.085  21.774  -3.699  1.00 100.11 ? 79  GLU A CG  1 
ATOM   616  C CD  . GLU A 1 81  ? -3.884  21.574  -4.963  1.00 116.82 ? 79  GLU A CD  1 
ATOM   617  O OE1 . GLU A 1 81  ? -3.379  21.932  -6.052  1.00 125.91 ? 79  GLU A OE1 1 
ATOM   618  O OE2 . GLU A 1 81  ? -5.018  21.057  -4.868  1.00 121.39 ? 79  GLU A OE2 1 
ATOM   619  N N   . SER A 1 82  ? -3.624  18.944  -0.604  1.00 89.53  ? 80  SER A N   1 
ATOM   620  C CA  . SER A 1 82  ? -4.411  17.930  0.093   1.00 84.24  ? 80  SER A CA  1 
ATOM   621  C C   . SER A 1 82  ? -3.756  17.378  1.363   1.00 81.55  ? 80  SER A C   1 
ATOM   622  O O   . SER A 1 82  ? -4.372  16.604  2.089   1.00 82.78  ? 80  SER A O   1 
ATOM   623  C CB  . SER A 1 82  ? -4.760  16.778  -0.850  1.00 86.01  ? 80  SER A CB  1 
ATOM   624  O OG  . SER A 1 82  ? -3.691  15.846  -0.913  1.00 88.83  ? 80  SER A OG  1 
ATOM   625  N N   . GLY A 1 83  ? -2.513  17.761  1.631   1.00 79.39  ? 81  GLY A N   1 
ATOM   626  C CA  . GLY A 1 83  ? -1.859  17.402  2.895   1.00 73.15  ? 81  GLY A CA  1 
ATOM   627  C C   . GLY A 1 83  ? -1.718  15.920  3.219   1.00 73.41  ? 81  GLY A C   1 
ATOM   628  O O   . GLY A 1 83  ? -1.624  15.538  4.384   1.00 75.92  ? 81  GLY A O   1 
ATOM   629  N N   . LEU A 1 84  ? -1.688  15.076  2.193   1.00 73.71  ? 82  LEU A N   1 
ATOM   630  C CA  . LEU A 1 84  ? -1.451  13.650  2.393   1.00 69.89  ? 82  LEU A CA  1 
ATOM   631  C C   . LEU A 1 84  ? 0.009   13.373  2.712   1.00 70.85  ? 82  LEU A C   1 
ATOM   632  O O   . LEU A 1 84  ? 0.475   12.236  2.628   1.00 66.65  ? 82  LEU A O   1 
ATOM   633  C CB  . LEU A 1 84  ? -1.865  12.870  1.153   1.00 70.05  ? 82  LEU A CB  1 
ATOM   634  C CG  . LEU A 1 84  ? -3.376  12.878  0.949   1.00 68.31  ? 82  LEU A CG  1 
ATOM   635  C CD1 . LEU A 1 84  ? -3.720  12.341  -0.430  1.00 70.84  ? 82  LEU A CD1 1 
ATOM   636  C CD2 . LEU A 1 84  ? -4.084  12.094  2.069   1.00 58.69  ? 82  LEU A CD2 1 
ATOM   637  N N   . MET A 1 85  ? 0.722   14.419  3.111   1.00 75.54  ? 83  MET A N   1 
ATOM   638  C CA  . MET A 1 85  ? 2.159   14.321  3.253   1.00 75.66  ? 83  MET A CA  1 
ATOM   639  C C   . MET A 1 85  ? 2.711   15.634  3.801   1.00 73.61  ? 83  MET A C   1 
ATOM   640  O O   . MET A 1 85  ? 2.355   16.701  3.325   1.00 78.91  ? 83  MET A O   1 
ATOM   641  C CB  . MET A 1 85  ? 2.746   14.023  1.878   1.00 73.16  ? 83  MET A CB  1 
ATOM   642  C CG  . MET A 1 85  ? 3.840   12.997  1.874   1.00 80.39  ? 83  MET A CG  1 
ATOM   643  S SD  . MET A 1 85  ? 4.520   12.779  0.225   1.00 85.38  ? 83  MET A SD  1 
ATOM   644  C CE  . MET A 1 85  ? 6.171   12.257  0.646   1.00 85.56  ? 83  MET A CE  1 
ATOM   645  N N   . PRO A 1 86  ? 3.573   15.565  4.821   1.00 73.26  ? 84  PRO A N   1 
ATOM   646  C CA  . PRO A 1 86  ? 4.141   16.794  5.370   1.00 71.76  ? 84  PRO A CA  1 
ATOM   647  C C   . PRO A 1 86  ? 4.809   17.636  4.284   1.00 77.25  ? 84  PRO A C   1 
ATOM   648  O O   . PRO A 1 86  ? 5.384   17.093  3.344   1.00 80.25  ? 84  PRO A O   1 
ATOM   649  C CB  . PRO A 1 86  ? 5.188   16.279  6.353   1.00 70.56  ? 84  PRO A CB  1 
ATOM   650  C CG  . PRO A 1 86  ? 4.669   14.937  6.762   1.00 73.27  ? 84  PRO A CG  1 
ATOM   651  C CD  . PRO A 1 86  ? 4.046   14.365  5.530   1.00 72.69  ? 84  PRO A CD  1 
ATOM   652  N N   . PRO A 1 87  ? 4.744   18.967  4.410   1.00 78.11  ? 85  PRO A N   1 
ATOM   653  C CA  . PRO A 1 87  ? 5.306   19.824  3.362   1.00 77.26  ? 85  PRO A CA  1 
ATOM   654  C C   . PRO A 1 87  ? 6.809   19.659  3.188   1.00 75.65  ? 85  PRO A C   1 
ATOM   655  O O   . PRO A 1 87  ? 7.510   19.342  4.145   1.00 76.43  ? 85  PRO A O   1 
ATOM   656  C CB  . PRO A 1 87  ? 4.992   21.241  3.857   1.00 76.64  ? 85  PRO A CB  1 
ATOM   657  C CG  . PRO A 1 87  ? 4.647   21.090  5.302   1.00 74.58  ? 85  PRO A CG  1 
ATOM   658  C CD  . PRO A 1 87  ? 4.066   19.738  5.463   1.00 72.69  ? 85  PRO A CD  1 
ATOM   659  N N   . SER A 1 88  ? 7.293   19.884  1.970   1.00 78.14  ? 86  SER A N   1 
ATOM   660  C CA  . SER A 1 88  ? 8.727   19.896  1.689   1.00 77.54  ? 86  SER A CA  1 
ATOM   661  C C   . SER A 1 88  ? 9.479   20.828  2.604   1.00 79.09  ? 86  SER A C   1 
ATOM   662  O O   . SER A 1 88  ? 9.004   21.913  2.931   1.00 84.81  ? 86  SER A O   1 
ATOM   663  C CB  . SER A 1 88  ? 8.982   20.360  0.268   1.00 77.64  ? 86  SER A CB  1 
ATOM   664  O OG  . SER A 1 88  ? 8.781   19.300  -0.641  1.00 99.73  ? 86  SER A OG  1 
ATOM   665  N N   . GLY A 1 89  ? 10.676  20.415  2.989   1.00 81.37  ? 87  GLY A N   1 
ATOM   666  C CA  . GLY A 1 89  ? 11.521  21.239  3.824   1.00 83.78  ? 87  GLY A CA  1 
ATOM   667  C C   . GLY A 1 89  ? 11.254  21.043  5.300   1.00 88.13  ? 87  GLY A C   1 
ATOM   668  O O   . GLY A 1 89  ? 12.055  21.456  6.133   1.00 94.05  ? 87  GLY A O   1 
ATOM   669  N N   . THR A 1 90  ? 10.129  20.417  5.633   1.00 87.53  ? 88  THR A N   1 
ATOM   670  C CA  . THR A 1 90  ? 9.830   20.116  7.028   1.00 84.00  ? 88  THR A CA  1 
ATOM   671  C C   . THR A 1 90  ? 10.467  18.795  7.407   1.00 85.60  ? 88  THR A C   1 
ATOM   672  O O   . THR A 1 90  ? 10.590  17.893  6.576   1.00 87.49  ? 88  THR A O   1 
ATOM   673  C CB  . THR A 1 90  ? 8.322   20.012  7.287   1.00 82.50  ? 88  THR A CB  1 
ATOM   674  O OG1 . THR A 1 90  ? 7.844   18.742  6.833   1.00 81.40  ? 88  THR A OG1 1 
ATOM   675  C CG2 . THR A 1 90  ? 7.574   21.131  6.569   1.00 87.73  ? 88  THR A CG2 1 
ATOM   676  N N   . PHE A 1 91  ? 10.871  18.678  8.665   1.00 86.66  ? 89  PHE A N   1 
ATOM   677  C CA  . PHE A 1 91  ? 11.470  17.443  9.139   1.00 84.90  ? 89  PHE A CA  1 
ATOM   678  C C   . PHE A 1 91  ? 10.414  16.357  9.346   1.00 85.56  ? 89  PHE A C   1 
ATOM   679  O O   . PHE A 1 91  ? 10.712  15.164  9.259   1.00 89.48  ? 89  PHE A O   1 
ATOM   680  C CB  . PHE A 1 91  ? 12.256  17.679  10.428  1.00 82.69  ? 89  PHE A CB  1 
ATOM   681  C CG  . PHE A 1 91  ? 12.910  16.442  10.965  1.00 86.44  ? 89  PHE A CG  1 
ATOM   682  C CD1 . PHE A 1 91  ? 14.088  15.967  10.407  1.00 92.46  ? 89  PHE A CD1 1 
ATOM   683  C CD2 . PHE A 1 91  ? 12.338  15.739  12.017  1.00 82.87  ? 89  PHE A CD2 1 
ATOM   684  C CE1 . PHE A 1 91  ? 14.690  14.817  10.893  1.00 93.19  ? 89  PHE A CE1 1 
ATOM   685  C CE2 . PHE A 1 91  ? 12.931  14.584  12.509  1.00 83.56  ? 89  PHE A CE2 1 
ATOM   686  C CZ  . PHE A 1 91  ? 14.111  14.126  11.949  1.00 94.80  ? 89  PHE A CZ  1 
ATOM   687  N N   . GLU A 1 92  ? 9.178   16.767  9.612   1.00 81.20  ? 90  GLU A N   1 
ATOM   688  C CA  . GLU A 1 92  ? 8.086   15.815  9.759   1.00 80.25  ? 90  GLU A CA  1 
ATOM   689  C C   . GLU A 1 92  ? 7.977   14.941  8.498   1.00 78.19  ? 90  GLU A C   1 
ATOM   690  O O   . GLU A 1 92  ? 7.586   13.775  8.549   1.00 80.58  ? 90  GLU A O   1 
ATOM   691  C CB  . GLU A 1 92  ? 6.776   16.557  10.008  1.00 73.32  ? 90  GLU A CB  1 
ATOM   692  C CG  . GLU A 1 92  ? 5.648   15.665  10.499  1.00 96.51  ? 90  GLU A CG  1 
ATOM   693  C CD  . GLU A 1 92  ? 4.265   16.163  10.071  1.00 114.85 ? 90  GLU A CD  1 
ATOM   694  O OE1 . GLU A 1 92  ? 4.197   17.204  9.382   1.00 123.75 ? 90  GLU A OE1 1 
ATOM   695  O OE2 . GLU A 1 92  ? 3.249   15.511  10.411  1.00 114.76 ? 90  GLU A OE2 1 
ATOM   696  N N   . ARG A 1 93  ? 8.340   15.514  7.363   1.00 73.86  ? 91  ARG A N   1 
ATOM   697  C CA  . ARG A 1 93  ? 8.277   14.806  6.107   1.00 72.00  ? 91  ARG A CA  1 
ATOM   698  C C   . ARG A 1 93  ? 9.179   13.574  6.118   1.00 75.15  ? 91  ARG A C   1 
ATOM   699  O O   . ARG A 1 93  ? 8.834   12.540  5.542   1.00 76.04  ? 91  ARG A O   1 
ATOM   700  C CB  . ARG A 1 93  ? 8.670   15.747  4.978   1.00 72.89  ? 91  ARG A CB  1 
ATOM   701  C CG  . ARG A 1 93  ? 8.610   15.136  3.605   1.00 67.72  ? 91  ARG A CG  1 
ATOM   702  C CD  . ARG A 1 93  ? 8.116   16.160  2.617   1.00 74.26  ? 91  ARG A CD  1 
ATOM   703  N NE  . ARG A 1 93  ? 8.051   15.640  1.259   1.00 75.94  ? 91  ARG A NE  1 
ATOM   704  C CZ  . ARG A 1 93  ? 7.015   15.826  0.447   1.00 78.83  ? 91  ARG A CZ  1 
ATOM   705  N NH1 . ARG A 1 93  ? 5.954   16.495  0.872   1.00 74.29  ? 91  ARG A NH1 1 
ATOM   706  N NH2 . ARG A 1 93  ? 7.024   15.325  -0.781  1.00 79.01  ? 91  ARG A NH2 1 
ATOM   707  N N   . TYR A 1 94  ? 10.332  13.678  6.776   1.00 73.57  ? 92  TYR A N   1 
ATOM   708  C CA  . TYR A 1 94  ? 11.246  12.540  6.876   1.00 75.05  ? 92  TYR A CA  1 
ATOM   709  C C   . TYR A 1 94  ? 10.632  11.392  7.671   1.00 75.22  ? 92  TYR A C   1 
ATOM   710  O O   . TYR A 1 94  ? 10.824  10.213  7.347   1.00 75.72  ? 92  TYR A O   1 
ATOM   711  C CB  . TYR A 1 94  ? 12.577  12.968  7.491   1.00 77.65  ? 92  TYR A CB  1 
ATOM   712  C CG  . TYR A 1 94  ? 13.449  13.733  6.528   1.00 76.33  ? 92  TYR A CG  1 
ATOM   713  C CD1 . TYR A 1 94  ? 13.506  15.121  6.567   1.00 75.23  ? 92  TYR A CD1 1 
ATOM   714  C CD2 . TYR A 1 94  ? 14.203  13.072  5.566   1.00 73.07  ? 92  TYR A CD2 1 
ATOM   715  C CE1 . TYR A 1 94  ? 14.296  15.829  5.675   1.00 74.14  ? 92  TYR A CE1 1 
ATOM   716  C CE2 . TYR A 1 94  ? 15.000  13.774  4.668   1.00 77.57  ? 92  TYR A CE2 1 
ATOM   717  C CZ  . TYR A 1 94  ? 15.038  15.153  4.727   1.00 81.17  ? 92  TYR A CZ  1 
ATOM   718  O OH  . TYR A 1 94  ? 15.821  15.866  3.847   1.00 79.92  ? 92  TYR A OH  1 
ATOM   719  N N   . ARG A 1 95  ? 9.893   11.755  8.714   1.00 70.53  ? 93  ARG A N   1 
ATOM   720  C CA  . ARG A 1 95  ? 9.141   10.802  9.502   1.00 68.99  ? 93  ARG A CA  1 
ATOM   721  C C   . ARG A 1 95  ? 8.185   10.010  8.621   1.00 73.28  ? 93  ARG A C   1 
ATOM   722  O O   . ARG A 1 95  ? 8.029   8.794   8.787   1.00 75.99  ? 93  ARG A O   1 
ATOM   723  C CB  . ARG A 1 95  ? 8.357   11.534  10.585  1.00 67.04  ? 93  ARG A CB  1 
ATOM   724  C CG  . ARG A 1 95  ? 9.232   12.099  11.689  1.00 72.06  ? 93  ARG A CG  1 
ATOM   725  C CD  . ARG A 1 95  ? 10.260  11.072  12.123  1.00 78.51  ? 93  ARG A CD  1 
ATOM   726  N NE  . ARG A 1 95  ? 11.065  11.526  13.253  1.00 89.61  ? 93  ARG A NE  1 
ATOM   727  C CZ  . ARG A 1 95  ? 12.125  10.870  13.723  1.00 88.53  ? 93  ARG A CZ  1 
ATOM   728  N NH1 . ARG A 1 95  ? 12.805  11.350  14.757  1.00 79.73  ? 93  ARG A NH1 1 
ATOM   729  N NH2 . ARG A 1 95  ? 12.508  9.735   13.151  1.00 86.35  ? 93  ARG A NH2 1 
ATOM   730  N N   . LEU A 1 96  ? 7.534   10.697  7.689   1.00 69.41  ? 94  LEU A N   1 
ATOM   731  C CA  . LEU A 1 96  ? 6.622   10.006  6.788   1.00 71.79  ? 94  LEU A CA  1 
ATOM   732  C C   . LEU A 1 96  ? 7.386   9.066   5.854   1.00 71.08  ? 94  LEU A C   1 
ATOM   733  O O   . LEU A 1 96  ? 7.000   7.920   5.653   1.00 72.65  ? 94  LEU A O   1 
ATOM   734  C CB  . LEU A 1 96  ? 5.800   10.985  5.959   1.00 66.05  ? 94  LEU A CB  1 
ATOM   735  C CG  . LEU A 1 96  ? 5.039   10.194  4.895   1.00 71.82  ? 94  LEU A CG  1 
ATOM   736  C CD1 . LEU A 1 96  ? 3.563   10.090  5.239   1.00 74.18  ? 94  LEU A CD1 1 
ATOM   737  C CD2 . LEU A 1 96  ? 5.232   10.803  3.527   1.00 74.01  ? 94  LEU A CD2 1 
ATOM   738  N N   . LEU A 1 97  ? 8.466   9.564   5.271   1.00 70.60  ? 95  LEU A N   1 
ATOM   739  C CA  . LEU A 1 97  ? 9.300   8.747   4.413   1.00 67.15  ? 95  LEU A CA  1 
ATOM   740  C C   . LEU A 1 97  ? 9.793   7.527   5.174   1.00 68.59  ? 95  LEU A C   1 
ATOM   741  O O   . LEU A 1 97  ? 9.846   6.423   4.636   1.00 68.97  ? 95  LEU A O   1 
ATOM   742  C CB  . LEU A 1 97  ? 10.496  9.553   3.920   1.00 66.05  ? 95  LEU A CB  1 
ATOM   743  C CG  . LEU A 1 97  ? 10.202  10.730  2.988   1.00 66.34  ? 95  LEU A CG  1 
ATOM   744  C CD1 . LEU A 1 97  ? 11.511  11.418  2.600   1.00 60.90  ? 95  LEU A CD1 1 
ATOM   745  C CD2 . LEU A 1 97  ? 9.422   10.270  1.741   1.00 57.90  ? 95  LEU A CD2 1 
ATOM   746  N N   . GLU A 1 98  ? 10.168  7.746   6.425   1.00 71.00  ? 96  GLU A N   1 
ATOM   747  C CA  . GLU A 1 98  ? 10.614  6.680   7.308   1.00 71.45  ? 96  GLU A CA  1 
ATOM   748  C C   . GLU A 1 98  ? 9.533   5.607   7.385   1.00 72.64  ? 96  GLU A C   1 
ATOM   749  O O   . GLU A 1 98  ? 9.807   4.411   7.243   1.00 75.39  ? 96  GLU A O   1 
ATOM   750  C CB  . GLU A 1 98  ? 10.851  7.258   8.691   1.00 70.43  ? 96  GLU A CB  1 
ATOM   751  C CG  . GLU A 1 98  ? 12.058  6.750   9.390   1.00 77.99  ? 96  GLU A CG  1 
ATOM   752  C CD  . GLU A 1 98  ? 12.256  7.450   10.713  1.00 91.66  ? 96  GLU A CD  1 
ATOM   753  O OE1 . GLU A 1 98  ? 13.269  7.179   11.394  1.00 95.87  ? 96  GLU A OE1 1 
ATOM   754  O OE2 . GLU A 1 98  ? 11.388  8.275   11.071  1.00 95.21  ? 96  GLU A OE2 1 
ATOM   755  N N   . TRP A 1 99  ? 8.297   6.040   7.603   1.00 67.35  ? 97  TRP A N   1 
ATOM   756  C CA  . TRP A 1 99  ? 7.179   5.116   7.637   1.00 68.96  ? 97  TRP A CA  1 
ATOM   757  C C   . TRP A 1 99  ? 6.993   4.368   6.326   1.00 70.61  ? 97  TRP A C   1 
ATOM   758  O O   . TRP A 1 99  ? 6.748   3.161   6.329   1.00 75.31  ? 97  TRP A O   1 
ATOM   759  C CB  . TRP A 1 99  ? 5.886   5.836   7.992   1.00 68.67  ? 97  TRP A CB  1 
ATOM   760  C CG  . TRP A 1 99  ? 5.654   5.965   9.455   1.00 71.34  ? 97  TRP A CG  1 
ATOM   761  C CD1 . TRP A 1 99  ? 5.570   7.115   10.161  1.00 70.45  ? 97  TRP A CD1 1 
ATOM   762  C CD2 . TRP A 1 99  ? 5.469   4.898   10.396  1.00 73.22  ? 97  TRP A CD2 1 
ATOM   763  N NE1 . TRP A 1 99  ? 5.340   6.844   11.485  1.00 75.00  ? 97  TRP A NE1 1 
ATOM   764  C CE2 . TRP A 1 99  ? 5.276   5.488   11.658  1.00 76.08  ? 97  TRP A CE2 1 
ATOM   765  C CE3 . TRP A 1 99  ? 5.453   3.503   10.293  1.00 70.17  ? 97  TRP A CE3 1 
ATOM   766  C CZ2 . TRP A 1 99  ? 5.062   4.732   12.820  1.00 69.01  ? 97  TRP A CZ2 1 
ATOM   767  C CZ3 . TRP A 1 99  ? 5.242   2.752   11.448  1.00 71.24  ? 97  TRP A CZ3 1 
ATOM   768  C CH2 . TRP A 1 99  ? 5.047   3.372   12.695  1.00 62.23  ? 97  TRP A CH2 1 
ATOM   769  N N   . LEU A 1 100 ? 7.094   5.078   5.207   1.00 67.74  ? 98  LEU A N   1 
ATOM   770  C CA  . LEU A 1 100 ? 6.930   4.446   3.894   1.00 66.67  ? 98  LEU A CA  1 
ATOM   771  C C   . LEU A 1 100 ? 8.038   3.426   3.617   1.00 69.48  ? 98  LEU A C   1 
ATOM   772  O O   . LEU A 1 100 ? 7.788   2.346   3.071   1.00 70.59  ? 98  LEU A O   1 
ATOM   773  C CB  . LEU A 1 100 ? 6.937   5.493   2.789   1.00 64.83  ? 98  LEU A CB  1 
ATOM   774  C CG  . LEU A 1 100 ? 5.689   6.346   2.605   1.00 72.32  ? 98  LEU A CG  1 
ATOM   775  C CD1 . LEU A 1 100 ? 5.967   7.408   1.547   1.00 67.78  ? 98  LEU A CD1 1 
ATOM   776  C CD2 . LEU A 1 100 ? 4.496   5.471   2.231   1.00 65.75  ? 98  LEU A CD2 1 
ATOM   777  N N   . ALA A 1 101 ? 9.266   3.782   3.982   1.00 64.15  ? 99  ALA A N   1 
ATOM   778  C CA  . ALA A 1 101 ? 10.391  2.871   3.849   1.00 67.29  ? 99  ALA A CA  1 
ATOM   779  C C   . ALA A 1 101 ? 10.160  1.642   4.745   1.00 73.56  ? 99  ALA A C   1 
ATOM   780  O O   . ALA A 1 101 ? 10.229  0.490   4.290   1.00 71.98  ? 99  ALA A O   1 
ATOM   781  C CB  . ALA A 1 101 ? 11.697  3.581   4.217   1.00 57.84  ? 99  ALA A CB  1 
ATOM   782  N N   . PHE A 1 102 ? 9.870   1.899   6.014   1.00 74.53  ? 100 PHE A N   1 
ATOM   783  C CA  . PHE A 1 102 ? 9.660   0.831   6.974   1.00 74.00  ? 100 PHE A CA  1 
ATOM   784  C C   . PHE A 1 102 ? 8.580   -0.118  6.506   1.00 73.98  ? 100 PHE A C   1 
ATOM   785  O O   . PHE A 1 102 ? 8.763   -1.334  6.509   1.00 74.79  ? 100 PHE A O   1 
ATOM   786  C CB  . PHE A 1 102 ? 9.261   1.408   8.312   1.00 75.54  ? 100 PHE A CB  1 
ATOM   787  C CG  . PHE A 1 102 ? 8.864   0.377   9.299   1.00 81.83  ? 100 PHE A CG  1 
ATOM   788  C CD1 . PHE A 1 102 ? 9.824   -0.351  9.975   1.00 88.93  ? 100 PHE A CD1 1 
ATOM   789  C CD2 . PHE A 1 102 ? 7.531   0.132   9.563   1.00 83.19  ? 100 PHE A CD2 1 
ATOM   790  C CE1 . PHE A 1 102 ? 9.461   -1.302  10.897  1.00 87.04  ? 100 PHE A CE1 1 
ATOM   791  C CE2 . PHE A 1 102 ? 7.163   -0.822  10.488  1.00 81.46  ? 100 PHE A CE2 1 
ATOM   792  C CZ  . PHE A 1 102 ? 8.127   -1.537  11.154  1.00 80.96  ? 100 PHE A CZ  1 
ATOM   793  N N   . ILE A 1 103 ? 7.447   0.441   6.098   1.00 73.67  ? 101 ILE A N   1 
ATOM   794  C CA  . ILE A 1 103 ? 6.355   -0.375  5.586   1.00 68.81  ? 101 ILE A CA  1 
ATOM   795  C C   . ILE A 1 103 ? 6.868   -1.239  4.438   1.00 69.52  ? 101 ILE A C   1 
ATOM   796  O O   . ILE A 1 103 ? 6.723   -2.449  4.456   1.00 73.65  ? 101 ILE A O   1 
ATOM   797  C CB  . ILE A 1 103 ? 5.152   0.497   5.138   1.00 69.07  ? 101 ILE A CB  1 
ATOM   798  C CG1 . ILE A 1 103 ? 4.542   1.235   6.339   1.00 67.07  ? 101 ILE A CG1 1 
ATOM   799  C CG2 . ILE A 1 103 ? 4.094   -0.344  4.451   1.00 60.21  ? 101 ILE A CG2 1 
ATOM   800  C CD1 . ILE A 1 103 ? 3.549   2.339   5.963   1.00 66.10  ? 101 ILE A CD1 1 
ATOM   801  N N   . SER A 1 104 ? 7.498   -0.604  3.457   1.00 74.03  ? 102 SER A N   1 
ATOM   802  C CA  . SER A 1 104 ? 8.023   -1.291  2.270   1.00 75.68  ? 102 SER A CA  1 
ATOM   803  C C   . SER A 1 104 ? 8.914   -2.504  2.525   1.00 75.93  ? 102 SER A C   1 
ATOM   804  O O   . SER A 1 104 ? 8.746   -3.550  1.900   1.00 72.63  ? 102 SER A O   1 
ATOM   805  C CB  . SER A 1 104 ? 8.817   -0.308  1.421   1.00 73.03  ? 102 SER A CB  1 
ATOM   806  O OG  . SER A 1 104 ? 7.942   0.418   0.582   1.00 100.52 ? 102 SER A OG  1 
ATOM   807  N N   . THR A 1 105 ? 9.893   -2.346  3.405   1.00 74.03  ? 103 THR A N   1 
ATOM   808  C CA  . THR A 1 105 ? 10.900  -3.377  3.566   1.00 74.13  ? 103 THR A CA  1 
ATOM   809  C C   . THR A 1 105 ? 10.533  -4.344  4.682   1.00 76.63  ? 103 THR A C   1 
ATOM   810  O O   . THR A 1 105 ? 10.610  -5.558  4.509   1.00 79.51  ? 103 THR A O   1 
ATOM   811  C CB  . THR A 1 105 ? 12.305  -2.773  3.809   1.00 69.64  ? 103 THR A CB  1 
ATOM   812  O OG1 . THR A 1 105 ? 12.247  -1.835  4.887   1.00 68.54  ? 103 THR A OG1 1 
ATOM   813  C CG2 . THR A 1 105 ? 12.790  -2.060  2.567   1.00 69.42  ? 103 THR A CG2 1 
ATOM   814  N N   . GLU A 1 106 ? 10.098  -3.792  5.809   1.00 75.76  ? 104 GLU A N   1 
ATOM   815  C CA  . GLU A 1 106 ? 9.858   -4.570  7.007   1.00 74.29  ? 104 GLU A CA  1 
ATOM   816  C C   . GLU A 1 106 ? 8.475   -5.215  7.081   1.00 76.54  ? 104 GLU A C   1 
ATOM   817  O O   . GLU A 1 106 ? 8.239   -6.062  7.936   1.00 82.50  ? 104 GLU A O   1 
ATOM   818  C CB  . GLU A 1 106 ? 10.105  -3.704  8.241   1.00 75.95  ? 104 GLU A CB  1 
ATOM   819  C CG  . GLU A 1 106 ? 11.503  -3.124  8.276   1.00 81.34  ? 104 GLU A CG  1 
ATOM   820  C CD  . GLU A 1 106 ? 12.560  -4.207  8.191   1.00 84.98  ? 104 GLU A CD  1 
ATOM   821  O OE1 . GLU A 1 106 ? 13.388  -4.173  7.254   1.00 83.83  ? 104 GLU A OE1 1 
ATOM   822  O OE2 . GLU A 1 106 ? 12.545  -5.106  9.056   1.00 87.87  ? 104 GLU A OE2 1 
ATOM   823  N N   . ILE A 1 107 ? 7.559   -4.839  6.198   1.00 76.73  ? 105 ILE A N   1 
ATOM   824  C CA  . ILE A 1 107 ? 6.198   -5.371  6.290   1.00 72.92  ? 105 ILE A CA  1 
ATOM   825  C C   . ILE A 1 107 ? 5.672   -5.929  4.990   1.00 75.46  ? 105 ILE A C   1 
ATOM   826  O O   . ILE A 1 107 ? 5.254   -7.083  4.932   1.00 77.93  ? 105 ILE A O   1 
ATOM   827  C CB  . ILE A 1 107 ? 5.219   -4.321  6.804   1.00 71.31  ? 105 ILE A CB  1 
ATOM   828  C CG1 . ILE A 1 107 ? 5.574   -3.974  8.248   1.00 71.42  ? 105 ILE A CG1 1 
ATOM   829  C CG2 . ILE A 1 107 ? 3.783   -4.824  6.685   1.00 68.51  ? 105 ILE A CG2 1 
ATOM   830  C CD1 . ILE A 1 107 ? 4.426   -4.132  9.194   1.00 80.75  ? 105 ILE A CD1 1 
ATOM   831  N N   . HIS A 1 108 ? 5.691   -5.107  3.950   1.00 73.94  ? 106 HIS A N   1 
ATOM   832  C CA  . HIS A 1 108 ? 5.289   -5.548  2.624   1.00 77.64  ? 106 HIS A CA  1 
ATOM   833  C C   . HIS A 1 108 ? 6.112   -6.762  2.193   1.00 80.76  ? 106 HIS A C   1 
ATOM   834  O O   . HIS A 1 108 ? 5.559   -7.822  1.907   1.00 83.03  ? 106 HIS A O   1 
ATOM   835  C CB  . HIS A 1 108 ? 5.431   -4.393  1.626   1.00 77.61  ? 106 HIS A CB  1 
ATOM   836  C CG  . HIS A 1 108 ? 4.993   -4.722  0.232   1.00 73.40  ? 106 HIS A CG  1 
ATOM   837  N ND1 . HIS A 1 108 ? 5.084   -3.818  -0.806  1.00 84.03  ? 106 HIS A ND1 1 
ATOM   838  C CD2 . HIS A 1 108 ? 4.481   -5.856  -0.302  1.00 76.40  ? 106 HIS A CD2 1 
ATOM   839  C CE1 . HIS A 1 108 ? 4.636   -4.376  -1.916  1.00 88.45  ? 106 HIS A CE1 1 
ATOM   840  N NE2 . HIS A 1 108 ? 4.268   -5.614  -1.639  1.00 83.75  ? 106 HIS A NE2 1 
ATOM   841  N N   . LYS A 1 109 ? 7.431   -6.618  2.161   1.00 80.95  ? 107 LYS A N   1 
ATOM   842  C CA  . LYS A 1 109 ? 8.285   -7.719  1.733   1.00 84.65  ? 107 LYS A CA  1 
ATOM   843  C C   . LYS A 1 109 ? 8.154   -8.958  2.629   1.00 85.20  ? 107 LYS A C   1 
ATOM   844  O O   . LYS A 1 109 ? 8.250   -10.089 2.148   1.00 85.71  ? 107 LYS A O   1 
ATOM   845  C CB  . LYS A 1 109 ? 9.749   -7.271  1.602   1.00 84.85  ? 107 LYS A CB  1 
ATOM   846  C CG  . LYS A 1 109 ? 10.206  -7.043  0.148   1.00 88.01  ? 107 LYS A CG  1 
ATOM   847  C CD  . LYS A 1 109 ? 9.131   -6.364  -0.702  1.00 90.96  ? 107 LYS A CD  1 
ATOM   848  C CE  . LYS A 1 109 ? 8.329   -7.359  -1.544  1.00 91.43  ? 107 LYS A CE  1 
ATOM   849  N NZ  . LYS A 1 109 ? 8.725   -7.367  -2.987  1.00 76.60  ? 107 LYS A NZ  1 
ATOM   850  N N   . THR A 1 110 ? 7.910   -8.755  3.917   1.00 81.02  ? 108 THR A N   1 
ATOM   851  C CA  . THR A 1 110 ? 7.751   -9.876  4.836   1.00 81.18  ? 108 THR A CA  1 
ATOM   852  C C   . THR A 1 110 ? 6.702   -10.913 4.410   1.00 84.83  ? 108 THR A C   1 
ATOM   853  O O   . THR A 1 110 ? 6.806   -12.083 4.769   1.00 86.65  ? 108 THR A O   1 
ATOM   854  C CB  . THR A 1 110 ? 7.413   -9.386  6.231   1.00 81.11  ? 108 THR A CB  1 
ATOM   855  O OG1 . THR A 1 110 ? 8.454   -8.511  6.675   1.00 87.27  ? 108 THR A OG1 1 
ATOM   856  C CG2 . THR A 1 110 ? 7.297   -10.559 7.181   1.00 78.53  ? 108 THR A CG2 1 
ATOM   857  N N   . PHE A 1 111 ? 5.694   -10.491 3.657   1.00 84.83  ? 109 PHE A N   1 
ATOM   858  C CA  . PHE A 1 111 ? 4.641   -11.402 3.227   1.00 86.04  ? 109 PHE A CA  1 
ATOM   859  C C   . PHE A 1 111 ? 5.087   -12.270 2.073   1.00 90.28  ? 109 PHE A C   1 
ATOM   860  O O   . PHE A 1 111 ? 4.286   -13.011 1.499   1.00 94.94  ? 109 PHE A O   1 
ATOM   861  C CB  . PHE A 1 111 ? 3.393   -10.625 2.820   1.00 84.71  ? 109 PHE A CB  1 
ATOM   862  C CG  . PHE A 1 111 ? 2.591   -10.133 3.984   1.00 91.34  ? 109 PHE A CG  1 
ATOM   863  C CD1 . PHE A 1 111 ? 1.528   -10.877 4.473   1.00 94.22  ? 109 PHE A CD1 1 
ATOM   864  C CD2 . PHE A 1 111 ? 2.910   -8.937  4.605   1.00 89.63  ? 109 PHE A CD2 1 
ATOM   865  C CE1 . PHE A 1 111 ? 0.793   -10.434 5.552   1.00 89.37  ? 109 PHE A CE1 1 
ATOM   866  C CE2 . PHE A 1 111 ? 2.179   -8.488  5.682   1.00 88.05  ? 109 PHE A CE2 1 
ATOM   867  C CZ  . PHE A 1 111 ? 1.118   -9.239  6.158   1.00 91.70  ? 109 PHE A CZ  1 
ATOM   868  N N   . GLY A 1 112 ? 6.365   -12.172 1.728   1.00 93.41  ? 110 GLY A N   1 
ATOM   869  C CA  . GLY A 1 112 ? 6.904   -12.880 0.568   1.00 94.92  ? 110 GLY A CA  1 
ATOM   870  C C   . GLY A 1 112 ? 6.517   -14.344 0.529   1.00 95.88  ? 110 GLY A C   1 
ATOM   871  O O   . GLY A 1 112 ? 5.776   -14.772 -0.361  1.00 94.40  ? 110 GLY A O   1 
ATOM   872  N N   . PRO A 1 113 ? 7.026   -15.125 1.496   1.00 94.07  ? 111 PRO A N   1 
ATOM   873  C CA  . PRO A 1 113 ? 6.725   -16.544 1.619   1.00 94.67  ? 111 PRO A CA  1 
ATOM   874  C C   . PRO A 1 113 ? 5.241   -16.888 1.400   1.00 98.94  ? 111 PRO A C   1 
ATOM   875  O O   . PRO A 1 113 ? 4.935   -17.763 0.583   1.00 101.73 ? 111 PRO A O   1 
ATOM   876  C CB  . PRO A 1 113 ? 7.152   -16.856 3.055   1.00 94.68  ? 111 PRO A CB  1 
ATOM   877  C CG  . PRO A 1 113 ? 8.292   -15.922 3.301   1.00 90.37  ? 111 PRO A CG  1 
ATOM   878  C CD  . PRO A 1 113 ? 7.998   -14.672 2.511   1.00 89.88  ? 111 PRO A CD  1 
ATOM   879  N N   . PHE A 1 114 ? 4.335   -16.210 2.108   1.00 96.84  ? 112 PHE A N   1 
ATOM   880  C CA  . PHE A 1 114 ? 2.903   -16.519 2.025   1.00 92.48  ? 112 PHE A CA  1 
ATOM   881  C C   . PHE A 1 114 ? 2.331   -16.363 0.626   1.00 93.74  ? 112 PHE A C   1 
ATOM   882  O O   . PHE A 1 114 ? 1.283   -16.918 0.317   1.00 95.76  ? 112 PHE A O   1 
ATOM   883  C CB  . PHE A 1 114 ? 2.088   -15.656 2.989   1.00 88.45  ? 112 PHE A CB  1 
ATOM   884  C CG  . PHE A 1 114 ? 2.618   -15.648 4.379   1.00 86.74  ? 112 PHE A CG  1 
ATOM   885  C CD1 . PHE A 1 114 ? 3.279   -14.538 4.873   1.00 95.12  ? 112 PHE A CD1 1 
ATOM   886  C CD2 . PHE A 1 114 ? 2.468   -16.749 5.195   1.00 88.82  ? 112 PHE A CD2 1 
ATOM   887  C CE1 . PHE A 1 114 ? 3.777   -14.520 6.166   1.00 99.18  ? 112 PHE A CE1 1 
ATOM   888  C CE2 . PHE A 1 114 ? 2.968   -16.741 6.489   1.00 99.55  ? 112 PHE A CE2 1 
ATOM   889  C CZ  . PHE A 1 114 ? 3.622   -15.622 6.975   1.00 98.75  ? 112 PHE A CZ  1 
ATOM   890  N N   . TRP A 1 115 ? 3.002   -15.602 -0.224  1.00 97.64  ? 113 TRP A N   1 
ATOM   891  C CA  . TRP A 1 115 ? 2.493   -15.404 -1.574  1.00 100.16 ? 113 TRP A CA  1 
ATOM   892  C C   . TRP A 1 115 ? 3.176   -16.308 -2.590  1.00 102.35 ? 113 TRP A C   1 
ATOM   893  O O   . TRP A 1 115 ? 2.857   -16.267 -3.777  1.00 103.61 ? 113 TRP A O   1 
ATOM   894  C CB  . TRP A 1 115 ? 2.621   -13.942 -1.988  1.00 100.07 ? 113 TRP A CB  1 
ATOM   895  C CG  . TRP A 1 115 ? 1.627   -13.070 -1.314  1.00 102.09 ? 113 TRP A CG  1 
ATOM   896  C CD1 . TRP A 1 115 ? 1.883   -12.080 -0.412  1.00 90.91  ? 113 TRP A CD1 1 
ATOM   897  C CD2 . TRP A 1 115 ? 0.205   -13.116 -1.472  1.00 105.65 ? 113 TRP A CD2 1 
ATOM   898  N NE1 . TRP A 1 115 ? 0.707   -11.499 -0.008  1.00 101.82 ? 113 TRP A NE1 1 
ATOM   899  C CE2 . TRP A 1 115 ? -0.339  -12.119 -0.642  1.00 104.26 ? 113 TRP A CE2 1 
ATOM   900  C CE3 . TRP A 1 115 ? -0.661  -13.902 -2.240  1.00 113.04 ? 113 TRP A CE3 1 
ATOM   901  C CZ2 . TRP A 1 115 ? -1.709  -11.885 -0.555  1.00 104.07 ? 113 TRP A CZ2 1 
ATOM   902  C CZ3 . TRP A 1 115 ? -2.023  -13.669 -2.154  1.00 112.80 ? 113 TRP A CZ3 1 
ATOM   903  C CH2 . TRP A 1 115 ? -2.533  -12.668 -1.319  1.00 111.51 ? 113 TRP A CH2 1 
ATOM   904  N N   . ASN A 1 116 ? 4.110   -17.128 -2.119  1.00 105.81 ? 114 ASN A N   1 
ATOM   905  C CA  . ASN A 1 116 ? 4.861   -18.009 -3.010  1.00 110.13 ? 114 ASN A CA  1 
ATOM   906  C C   . ASN A 1 116 ? 4.401   -19.467 -2.956  1.00 112.21 ? 114 ASN A C   1 
ATOM   907  O O   . ASN A 1 116 ? 4.644   -20.172 -1.968  1.00 110.33 ? 114 ASN A O   1 
ATOM   908  C CB  . ASN A 1 116 ? 6.363   -17.918 -2.730  1.00 110.02 ? 114 ASN A CB  1 
ATOM   909  C CG  . ASN A 1 116 ? 7.193   -18.625 -3.786  1.00 111.16 ? 114 ASN A CG  1 
ATOM   910  O OD1 . ASN A 1 116 ? 8.305   -19.074 -3.516  1.00 117.66 ? 114 ASN A OD1 1 
ATOM   911  N ND2 . ASN A 1 116 ? 6.652   -18.730 -4.996  1.00 110.19 ? 114 ASN A ND2 1 
ATOM   912  N N   . PRO A 1 117 ? 3.743   -19.923 -4.033  1.00 113.34 ? 115 PRO A N   1 
ATOM   913  C CA  . PRO A 1 117 ? 3.227   -21.282 -4.089  1.00 113.93 ? 115 PRO A CA  1 
ATOM   914  C C   . PRO A 1 117 ? 4.298   -22.287 -3.699  1.00 114.38 ? 115 PRO A C   1 
ATOM   915  O O   . PRO A 1 117 ? 3.982   -23.424 -3.360  1.00 115.93 ? 115 PRO A O   1 
ATOM   916  C CB  . PRO A 1 117 ? 2.851   -21.461 -5.571  1.00 114.40 ? 115 PRO A CB  1 
ATOM   917  C CG  . PRO A 1 117 ? 3.442   -20.284 -6.297  1.00 114.61 ? 115 PRO A CG  1 
ATOM   918  C CD  . PRO A 1 117 ? 3.516   -19.190 -5.289  1.00 113.11 ? 115 PRO A CD  1 
ATOM   919  N N   . GLU A 1 118 ? 5.554   -21.861 -3.724  1.00 113.92 ? 116 GLU A N   1 
ATOM   920  C CA  . GLU A 1 118 ? 6.659   -22.797 -3.581  1.00 114.43 ? 116 GLU A CA  1 
ATOM   921  C C   . GLU A 1 118 ? 7.568   -22.551 -2.373  1.00 113.08 ? 116 GLU A C   1 
ATOM   922  O O   . GLU A 1 118 ? 8.743   -22.908 -2.402  1.00 112.49 ? 116 GLU A O   1 
ATOM   923  C CB  . GLU A 1 118 ? 7.487   -22.808 -4.867  1.00 114.85 ? 116 GLU A CB  1 
ATOM   924  C CG  . GLU A 1 118 ? 8.450   -23.973 -4.968  1.00 129.56 ? 116 GLU A CG  1 
ATOM   925  C CD  . GLU A 1 118 ? 8.882   -24.249 -6.397  1.00 145.19 ? 116 GLU A CD  1 
ATOM   926  O OE1 . GLU A 1 118 ? 8.543   -23.442 -7.290  1.00 152.07 ? 116 GLU A OE1 1 
ATOM   927  O OE2 . GLU A 1 118 ? 9.556   -25.278 -6.628  1.00 152.52 ? 116 GLU A OE2 1 
ATOM   928  N N   . SER A 1 119 ? 7.027   -21.970 -1.309  1.00 112.00 ? 117 SER A N   1 
ATOM   929  C CA  . SER A 1 119 ? 7.842   -21.638 -0.141  1.00 112.07 ? 117 SER A CA  1 
ATOM   930  C C   . SER A 1 119 ? 7.727   -22.686 0.954   1.00 110.00 ? 117 SER A C   1 
ATOM   931  O O   . SER A 1 119 ? 6.625   -23.132 1.260   1.00 111.87 ? 117 SER A O   1 
ATOM   932  C CB  . SER A 1 119 ? 7.430   -20.277 0.419   1.00 112.94 ? 117 SER A CB  1 
ATOM   933  O OG  . SER A 1 119 ? 7.302   -19.326 -0.621  1.00 116.09 ? 117 SER A OG  1 
ATOM   934  N N   . PRO A 1 120 ? 8.863   -23.073 1.562   1.00 107.84 ? 118 PRO A N   1 
ATOM   935  C CA  . PRO A 1 120 ? 8.771   -23.984 2.694   1.00 107.64 ? 118 PRO A CA  1 
ATOM   936  C C   . PRO A 1 120 ? 7.858   -23.403 3.765   1.00 109.59 ? 118 PRO A C   1 
ATOM   937  O O   . PRO A 1 120 ? 7.467   -22.241 3.683   1.00 110.68 ? 118 PRO A O   1 
ATOM   938  C CB  . PRO A 1 120 ? 10.217  -24.075 3.215   1.00 106.23 ? 118 PRO A CB  1 
ATOM   939  C CG  . PRO A 1 120 ? 10.958  -22.958 2.568   1.00 105.78 ? 118 PRO A CG  1 
ATOM   940  C CD  . PRO A 1 120 ? 10.255  -22.692 1.268   1.00 106.59 ? 118 PRO A CD  1 
ATOM   941  N N   . GLU A 1 121 ? 7.503   -24.222 4.747   1.00 113.28 ? 119 GLU A N   1 
ATOM   942  C CA  . GLU A 1 121 ? 6.732   -23.764 5.889   1.00 114.13 ? 119 GLU A CA  1 
ATOM   943  C C   . GLU A 1 121 ? 7.734   -23.270 6.901   1.00 113.19 ? 119 GLU A C   1 
ATOM   944  O O   . GLU A 1 121 ? 7.414   -22.493 7.795   1.00 114.69 ? 119 GLU A O   1 
ATOM   945  C CB  . GLU A 1 121 ? 5.915   -24.909 6.490   1.00 116.68 ? 119 GLU A CB  1 
ATOM   946  C CG  . GLU A 1 121 ? 5.061   -25.665 5.484   1.00 124.43 ? 119 GLU A CG  1 
ATOM   947  C CD  . GLU A 1 121 ? 4.070   -24.765 4.774   1.00 135.65 ? 119 GLU A CD  1 
ATOM   948  O OE1 . GLU A 1 121 ? 3.705   -25.072 3.618   1.00 138.37 ? 119 GLU A OE1 1 
ATOM   949  O OE2 . GLU A 1 121 ? 3.657   -23.748 5.370   1.00 144.24 ? 119 GLU A OE2 1 
ATOM   950  N N   . ALA A 1 122 ? 8.964   -23.750 6.760   1.00 113.25 ? 120 ALA A N   1 
ATOM   951  C CA  . ALA A 1 122 ? 10.043  -23.251 7.575   1.00 115.02 ? 120 ALA A CA  1 
ATOM   952  C C   . ALA A 1 122 ? 10.074  -21.737 7.406   1.00 115.87 ? 120 ALA A C   1 
ATOM   953  O O   . ALA A 1 122 ? 10.093  -20.993 8.391   1.00 113.15 ? 120 ALA A O   1 
ATOM   954  C CB  . ALA A 1 122 ? 11.364  -23.868 7.138   1.00 115.13 ? 120 ALA A CB  1 
ATOM   955  N N   . SER A 1 123 ? 10.059  -21.286 6.150   1.00 114.46 ? 121 SER A N   1 
ATOM   956  C CA  . SER A 1 123 ? 10.164  -19.862 5.853   1.00 111.59 ? 121 SER A CA  1 
ATOM   957  C C   . SER A 1 123 ? 8.893   -19.097 6.246   1.00 109.31 ? 121 SER A C   1 
ATOM   958  O O   . SER A 1 123 ? 8.979   -17.993 6.790   1.00 108.33 ? 121 SER A O   1 
ATOM   959  C CB  . SER A 1 123 ? 10.561  -19.622 4.384   1.00 111.79 ? 121 SER A CB  1 
ATOM   960  O OG  . SER A 1 123 ? 9.593   -20.119 3.469   1.00 112.32 ? 121 SER A OG  1 
ATOM   961  N N   . LYS A 1 124 ? 7.725   -19.690 5.998   1.00 104.10 ? 122 LYS A N   1 
ATOM   962  C CA  . LYS A 1 124 ? 6.462   -19.083 6.414   1.00 99.29  ? 122 LYS A CA  1 
ATOM   963  C C   . LYS A 1 124 ? 6.382   -18.939 7.931   1.00 98.63  ? 122 LYS A C   1 
ATOM   964  O O   . LYS A 1 124 ? 5.756   -18.012 8.452   1.00 100.08 ? 122 LYS A O   1 
ATOM   965  C CB  . LYS A 1 124 ? 5.278   -19.883 5.883   1.00 95.01  ? 122 LYS A CB  1 
ATOM   966  C CG  . LYS A 1 124 ? 5.296   -20.008 4.382   1.00 97.84  ? 122 LYS A CG  1 
ATOM   967  C CD  . LYS A 1 124 ? 3.984   -20.531 3.832   1.00 96.83  ? 122 LYS A CD  1 
ATOM   968  C CE  . LYS A 1 124 ? 4.096   -20.719 2.326   1.00 98.62  ? 122 LYS A CE  1 
ATOM   969  N NZ  . LYS A 1 124 ? 2.785   -21.003 1.688   1.00 100.38 ? 122 LYS A NZ  1 
ATOM   970  N N   . GLN A 1 125 ? 7.006   -19.856 8.642   1.00 99.24  ? 123 GLN A N   1 
ATOM   971  C CA  . GLN A 1 125 ? 7.123   -19.723 10.078  1.00 102.50 ? 123 GLN A CA  1 
ATOM   972  C C   . GLN A 1 125 ? 8.029   -18.574 10.484  1.00 98.25  ? 123 GLN A C   1 
ATOM   973  O O   . GLN A 1 125 ? 7.732   -17.836 11.396  1.00 99.59  ? 123 GLN A O   1 
ATOM   974  C CB  . GLN A 1 125 ? 7.604   -21.023 10.702  1.00 105.41 ? 123 GLN A CB  1 
ATOM   975  C CG  . GLN A 1 125 ? 6.507   -22.034 10.924  1.00 118.25 ? 123 GLN A CG  1 
ATOM   976  C CD  . GLN A 1 125 ? 5.395   -21.499 11.788  1.00 130.57 ? 123 GLN A CD  1 
ATOM   977  O OE1 . GLN A 1 125 ? 4.254   -21.406 11.357  1.00 123.98 ? 123 GLN A OE1 1 
ATOM   978  N NE2 . GLN A 1 125 ? 5.719   -21.166 13.025  1.00 132.95 ? 123 GLN A NE2 1 
ATOM   979  N N   . ILE A 1 126 ? 9.148   -18.433 9.799   1.00 95.30  ? 124 ILE A N   1 
ATOM   980  C CA  . ILE A 1 126 ? 10.072  -17.340 10.074  1.00 92.74  ? 124 ILE A CA  1 
ATOM   981  C C   . ILE A 1 126 ? 9.432   -15.992 9.745   1.00 87.20  ? 124 ILE A C   1 
ATOM   982  O O   . ILE A 1 126 ? 9.552   -15.037 10.507  1.00 85.36  ? 124 ILE A O   1 
ATOM   983  C CB  . ILE A 1 126 ? 11.386  -17.497 9.275   1.00 93.96  ? 124 ILE A CB  1 
ATOM   984  C CG1 . ILE A 1 126 ? 12.041  -18.847 9.582   1.00 93.83  ? 124 ILE A CG1 1 
ATOM   985  C CG2 . ILE A 1 126 ? 12.347  -16.359 9.595   1.00 87.58  ? 124 ILE A CG2 1 
ATOM   986  C CD1 . ILE A 1 126 ? 13.239  -19.161 8.699   1.00 92.12  ? 124 ILE A CD1 1 
ATOM   987  N N   . ALA A 1 127 ? 8.751   -15.928 8.607   1.00 79.74  ? 125 ALA A N   1 
ATOM   988  C CA  . ALA A 1 127 ? 8.079   -14.715 8.193   1.00 80.84  ? 125 ALA A CA  1 
ATOM   989  C C   . ALA A 1 127 ? 7.133   -14.230 9.291   1.00 86.60  ? 125 ALA A C   1 
ATOM   990  O O   . ALA A 1 127 ? 7.222   -13.080 9.737   1.00 86.85  ? 125 ALA A O   1 
ATOM   991  C CB  . ALA A 1 127 ? 7.332   -14.943 6.887   1.00 79.63  ? 125 ALA A CB  1 
ATOM   992  N N   . LEU A 1 128 ? 6.234   -15.109 9.736   1.00 86.25  ? 126 LEU A N   1 
ATOM   993  C CA  . LEU A 1 128 ? 5.322   -14.756 10.818  1.00 84.53  ? 126 LEU A CA  1 
ATOM   994  C C   . LEU A 1 128 ? 6.086   -14.178 11.995  1.00 81.34  ? 126 LEU A C   1 
ATOM   995  O O   . LEU A 1 128 ? 5.700   -13.154 12.558  1.00 78.96  ? 126 LEU A O   1 
ATOM   996  C CB  . LEU A 1 128 ? 4.509   -15.963 11.279  1.00 87.37  ? 126 LEU A CB  1 
ATOM   997  C CG  . LEU A 1 128 ? 3.340   -16.364 10.376  1.00 101.83 ? 126 LEU A CG  1 
ATOM   998  C CD1 . LEU A 1 128 ? 2.507   -17.480 11.013  1.00 101.38 ? 126 LEU A CD1 1 
ATOM   999  C CD2 . LEU A 1 128 ? 2.476   -15.149 10.075  1.00 104.84 ? 126 LEU A CD2 1 
ATOM   1000 N N   . GLY A 1 129 ? 7.171   -14.838 12.375  1.00 79.49  ? 127 GLY A N   1 
ATOM   1001 C CA  . GLY A 1 129 ? 7.936   -14.394 13.531  1.00 81.13  ? 127 GLY A CA  1 
ATOM   1002 C C   . GLY A 1 129 ? 8.363   -12.956 13.341  1.00 83.98  ? 127 GLY A C   1 
ATOM   1003 O O   . GLY A 1 129 ? 8.169   -12.109 14.220  1.00 84.90  ? 127 GLY A O   1 
ATOM   1004 N N   . LEU A 1 130 ? 8.938   -12.679 12.175  1.00 80.50  ? 128 LEU A N   1 
ATOM   1005 C CA  . LEU A 1 130 ? 9.376   -11.337 11.856  1.00 79.73  ? 128 LEU A CA  1 
ATOM   1006 C C   . LEU A 1 130 ? 8.167   -10.405 11.814  1.00 79.09  ? 128 LEU A C   1 
ATOM   1007 O O   . LEU A 1 130 ? 8.090   -9.415  12.556  1.00 74.47  ? 128 LEU A O   1 
ATOM   1008 C CB  . LEU A 1 130 ? 10.097  -11.315 10.513  1.00 77.30  ? 128 LEU A CB  1 
ATOM   1009 C CG  . LEU A 1 130 ? 10.740  -9.952  10.250  1.00 86.72  ? 128 LEU A CG  1 
ATOM   1010 C CD1 . LEU A 1 130 ? 11.776  -9.614  11.330  1.00 88.93  ? 128 LEU A CD1 1 
ATOM   1011 C CD2 . LEU A 1 130 ? 11.362  -9.909  8.877   1.00 78.77  ? 128 LEU A CD2 1 
ATOM   1012 N N   . LEU A 1 131 ? 7.222   -10.734 10.944  1.00 75.27  ? 129 LEU A N   1 
ATOM   1013 C CA  . LEU A 1 131 ? 5.998   -9.976  10.857  1.00 75.65  ? 129 LEU A CA  1 
ATOM   1014 C C   . LEU A 1 131 ? 5.506   -9.612  12.262  1.00 79.20  ? 129 LEU A C   1 
ATOM   1015 O O   . LEU A 1 131 ? 5.092   -8.481  12.515  1.00 84.77  ? 129 LEU A O   1 
ATOM   1016 C CB  . LEU A 1 131 ? 4.948   -10.769 10.097  1.00 71.24  ? 129 LEU A CB  1 
ATOM   1017 C CG  . LEU A 1 131 ? 3.896   -9.900  9.415   1.00 81.61  ? 129 LEU A CG  1 
ATOM   1018 C CD1 . LEU A 1 131 ? 2.788   -10.771 8.850   1.00 70.55  ? 129 LEU A CD1 1 
ATOM   1019 C CD2 . LEU A 1 131 ? 3.340   -8.874  10.396  1.00 71.25  ? 129 LEU A CD2 1 
ATOM   1020 N N   . SER A 1 132 ? 5.584   -10.558 13.186  1.00 79.25  ? 130 SER A N   1 
ATOM   1021 C CA  . SER A 1 132 ? 5.110   -10.314 14.536  1.00 82.77  ? 130 SER A CA  1 
ATOM   1022 C C   . SER A 1 132 ? 5.920   -9.265  15.256  1.00 84.84  ? 130 SER A C   1 
ATOM   1023 O O   . SER A 1 132 ? 5.357   -8.379  15.896  1.00 86.81  ? 130 SER A O   1 
ATOM   1024 C CB  . SER A 1 132 ? 5.141   -11.594 15.354  1.00 84.55  ? 130 SER A CB  1 
ATOM   1025 O OG  . SER A 1 132 ? 4.278   -12.548 14.774  1.00 96.70  ? 130 SER A OG  1 
ATOM   1026 N N   . ARG A 1 133 ? 7.233   -9.325  15.139  1.00 86.01  ? 131 ARG A N   1 
ATOM   1027 C CA  A ARG A 1 133 ? 8.067   -8.367  15.835  0.50 85.51  ? 131 ARG A CA  1 
ATOM   1028 C CA  B ARG A 1 133 ? 8.084   -8.423  15.821  0.50 86.64  ? 131 ARG A CA  1 
ATOM   1029 C C   . ARG A 1 133 ? 7.749   -6.994  15.310  1.00 86.58  ? 131 ARG A C   1 
ATOM   1030 O O   . ARG A 1 133 ? 7.666   -6.033  16.044  1.00 84.71  ? 131 ARG A O   1 
ATOM   1031 C CB  A ARG A 1 133 ? 9.539   -8.640  15.589  0.50 84.44  ? 131 ARG A CB  1 
ATOM   1032 C CB  B ARG A 1 133 ? 9.530   -8.814  15.584  0.50 86.16  ? 131 ARG A CB  1 
ATOM   1033 C CG  A ARG A 1 133 ? 10.116  -9.764  16.384  0.50 80.52  ? 131 ARG A CG  1 
ATOM   1034 C CG  B ARG A 1 133 ? 10.375  -8.810  16.827  0.50 89.16  ? 131 ARG A CG  1 
ATOM   1035 C CD  A ARG A 1 133 ? 11.566  -9.489  16.793  0.50 81.14  ? 131 ARG A CD  1 
ATOM   1036 C CD  B ARG A 1 133 ? 11.850  -8.681  16.485  0.50 87.54  ? 131 ARG A CD  1 
ATOM   1037 N NE  A ARG A 1 133 ? 12.489  -9.288  15.678  0.50 75.32  ? 131 ARG A NE  1 
ATOM   1038 N NE  B ARG A 1 133 ? 12.550  -7.854  17.461  0.50 80.42  ? 131 ARG A NE  1 
ATOM   1039 C CZ  A ARG A 1 133 ? 12.844  -10.226 14.806  0.50 77.64  ? 131 ARG A CZ  1 
ATOM   1040 C CZ  B ARG A 1 133 ? 13.632  -7.138  17.187  0.50 78.84  ? 131 ARG A CZ  1 
ATOM   1041 N NH1 A ARG A 1 133 ? 12.338  -11.446 14.885  0.50 69.07  ? 131 ARG A NH1 1 
ATOM   1042 N NH1 B ARG A 1 133 ? 14.133  -7.151  15.965  0.50 76.58  ? 131 ARG A NH1 1 
ATOM   1043 N NH2 A ARG A 1 133 ? 13.698  -9.938  13.841  0.50 65.71  ? 131 ARG A NH2 1 
ATOM   1044 N NH2 B ARG A 1 133 ? 14.209  -6.412  18.131  0.50 69.46  ? 131 ARG A NH2 1 
ATOM   1045 N N   . ARG A 1 134 ? 7.584   -6.912  14.004  1.00 84.64  ? 132 ARG A N   1 
ATOM   1046 C CA  . ARG A 1 134 ? 7.287   -5.633  13.341  1.00 82.21  ? 132 ARG A CA  1 
ATOM   1047 C C   . ARG A 1 134 ? 5.958   -5.026  13.814  1.00 84.56  ? 132 ARG A C   1 
ATOM   1048 O O   . ARG A 1 134 ? 5.881   -3.832  14.130  1.00 85.71  ? 132 ARG A O   1 
ATOM   1049 C CB  . ARG A 1 134 ? 7.280   -5.782  11.812  1.00 79.86  ? 132 ARG A CB  1 
ATOM   1050 C CG  . ARG A 1 134 ? 8.632   -6.130  11.192  1.00 70.15  ? 132 ARG A CG  1 
ATOM   1051 C CD  . ARG A 1 134 ? 9.773   -5.381  11.858  1.00 71.98  ? 132 ARG A CD  1 
ATOM   1052 N NE  . ARG A 1 134 ? 11.071  -5.869  11.406  1.00 76.97  ? 132 ARG A NE  1 
ATOM   1053 C CZ  . ARG A 1 134 ? 12.164  -5.917  12.164  1.00 83.79  ? 132 ARG A CZ  1 
ATOM   1054 N NH1 . ARG A 1 134 ? 13.297  -6.389  11.657  1.00 80.62  ? 132 ARG A NH1 1 
ATOM   1055 N NH2 . ARG A 1 134 ? 12.131  -5.508  13.432  1.00 79.52  ? 132 ARG A NH2 1 
ATOM   1056 N N   . LEU A 1 135 ? 4.916   -5.854  13.861  1.00 80.36  ? 133 LEU A N   1 
ATOM   1057 C CA  . LEU A 1 135 ? 3.614   -5.418  14.358  1.00 77.87  ? 133 LEU A CA  1 
ATOM   1058 C C   . LEU A 1 135 ? 3.653   -4.952  15.816  1.00 79.60  ? 133 LEU A C   1 
ATOM   1059 O O   . LEU A 1 135 ? 2.896   -4.061  16.215  1.00 84.20  ? 133 LEU A O   1 
ATOM   1060 C CB  . LEU A 1 135 ? 2.582   -6.524  14.178  1.00 76.09  ? 133 LEU A CB  1 
ATOM   1061 C CG  . LEU A 1 135 ? 2.388   -6.950  12.727  1.00 71.33  ? 133 LEU A CG  1 
ATOM   1062 C CD1 . LEU A 1 135 ? 1.191   -7.866  12.629  1.00 65.58  ? 133 LEU A CD1 1 
ATOM   1063 C CD2 . LEU A 1 135 ? 2.208   -5.730  11.830  1.00 64.01  ? 133 LEU A CD2 1 
ATOM   1064 N N   . ASP A 1 136 ? 4.530   -5.543  16.615  1.00 77.59  ? 134 ASP A N   1 
ATOM   1065 C CA  . ASP A 1 136 ? 4.690   -5.080  17.985  1.00 80.55  ? 134 ASP A CA  1 
ATOM   1066 C C   . ASP A 1 136 ? 5.067   -3.605  17.978  1.00 79.96  ? 134 ASP A C   1 
ATOM   1067 O O   . ASP A 1 136 ? 4.528   -2.815  18.753  1.00 79.70  ? 134 ASP A O   1 
ATOM   1068 C CB  . ASP A 1 136 ? 5.746   -5.901  18.735  1.00 81.77  ? 134 ASP A CB  1 
ATOM   1069 C CG  . ASP A 1 136 ? 5.305   -7.336  18.985  1.00 89.55  ? 134 ASP A CG  1 
ATOM   1070 O OD1 . ASP A 1 136 ? 4.098   -7.556  19.223  1.00 89.88  ? 134 ASP A OD1 1 
ATOM   1071 O OD2 . ASP A 1 136 ? 6.168   -8.243  18.939  1.00 95.87  ? 134 ASP A OD2 1 
ATOM   1072 N N   . TYR A 1 137 ? 5.985   -3.236  17.086  1.00 80.39  ? 135 TYR A N   1 
ATOM   1073 C CA  . TYR A 1 137 ? 6.457   -1.854  16.976  1.00 75.21  ? 135 TYR A CA  1 
ATOM   1074 C C   . TYR A 1 137 ? 5.316   -0.939  16.563  1.00 72.51  ? 135 TYR A C   1 
ATOM   1075 O O   . TYR A 1 137 ? 5.037   0.085   17.196  1.00 73.62  ? 135 TYR A O   1 
ATOM   1076 C CB  . TYR A 1 137 ? 7.590   -1.760  15.954  1.00 73.05  ? 135 TYR A CB  1 
ATOM   1077 C CG  . TYR A 1 137 ? 8.082   -0.350  15.732  1.00 75.26  ? 135 TYR A CG  1 
ATOM   1078 C CD1 . TYR A 1 137 ? 8.788   0.320   16.723  1.00 73.73  ? 135 TYR A CD1 1 
ATOM   1079 C CD2 . TYR A 1 137 ? 7.837   0.314   14.534  1.00 68.24  ? 135 TYR A CD2 1 
ATOM   1080 C CE1 . TYR A 1 137 ? 9.239   1.608   16.528  1.00 76.13  ? 135 TYR A CE1 1 
ATOM   1081 C CE2 . TYR A 1 137 ? 8.285   1.609   14.331  1.00 72.73  ? 135 TYR A CE2 1 
ATOM   1082 C CZ  . TYR A 1 137 ? 8.984   2.244   15.332  1.00 79.40  ? 135 TYR A CZ  1 
ATOM   1083 O OH  . TYR A 1 137 ? 9.437   3.521   15.145  1.00 88.40  ? 135 TYR A OH  1 
ATOM   1084 N N   . VAL A 1 138 ? 4.648   -1.325  15.490  1.00 69.05  ? 136 VAL A N   1 
ATOM   1085 C CA  . VAL A 1 138 ? 3.517   -0.571  15.010  1.00 70.38  ? 136 VAL A CA  1 
ATOM   1086 C C   . VAL A 1 138 ? 2.464   -0.388  16.096  1.00 75.79  ? 136 VAL A C   1 
ATOM   1087 O O   . VAL A 1 138 ? 1.912   0.693   16.245  1.00 77.88  ? 136 VAL A O   1 
ATOM   1088 C CB  . VAL A 1 138 ? 2.894   -1.260  13.810  1.00 71.01  ? 136 VAL A CB  1 
ATOM   1089 C CG1 . VAL A 1 138 ? 1.614   -0.551  13.414  1.00 66.65  ? 136 VAL A CG1 1 
ATOM   1090 C CG2 . VAL A 1 138 ? 3.905   -1.297  12.663  1.00 56.95  ? 136 VAL A CG2 1 
ATOM   1091 N N   . GLU A 1 139 ? 2.184   -1.439  16.858  1.00 79.14  ? 137 GLU A N   1 
ATOM   1092 C CA  . GLU A 1 139 ? 1.198   -1.328  17.925  1.00 79.92  ? 137 GLU A CA  1 
ATOM   1093 C C   . GLU A 1 139 ? 1.669   -0.323  18.979  1.00 81.95  ? 137 GLU A C   1 
ATOM   1094 O O   . GLU A 1 139 ? 0.874   0.463   19.497  1.00 84.29  ? 137 GLU A O   1 
ATOM   1095 C CB  . GLU A 1 139 ? 0.918   -2.697  18.559  1.00 81.74  ? 137 GLU A CB  1 
ATOM   1096 C CG  . GLU A 1 139 ? -0.186  -2.704  19.622  1.00 77.10  ? 137 GLU A CG  1 
ATOM   1097 C CD  . GLU A 1 139 ? -1.570  -3.025  19.061  1.00 90.94  ? 137 GLU A CD  1 
ATOM   1098 O OE1 . GLU A 1 139 ? -1.740  -3.011  17.823  1.00 97.68  ? 137 GLU A OE1 1 
ATOM   1099 O OE2 . GLU A 1 139 ? -2.492  -3.290  19.866  1.00 89.10  ? 137 GLU A OE2 1 
ATOM   1100 N N   . ASP A 1 140 ? 2.962   -0.336  19.286  1.00 81.34  ? 138 ASP A N   1 
ATOM   1101 C CA  . ASP A 1 140 ? 3.504   0.571   20.300  1.00 85.99  ? 138 ASP A CA  1 
ATOM   1102 C C   . ASP A 1 140 ? 3.361   1.991   19.834  1.00 82.87  ? 138 ASP A C   1 
ATOM   1103 O O   . ASP A 1 140 ? 2.888   2.862   20.563  1.00 81.07  ? 138 ASP A O   1 
ATOM   1104 C CB  . ASP A 1 140 ? 4.984   0.299   20.542  1.00 90.99  ? 138 ASP A CB  1 
ATOM   1105 C CG  . ASP A 1 140 ? 5.220   -1.002  21.259  1.00 105.02 ? 138 ASP A CG  1 
ATOM   1106 O OD1 . ASP A 1 140 ? 6.322   -1.564  21.097  1.00 125.54 ? 138 ASP A OD1 1 
ATOM   1107 O OD2 . ASP A 1 140 ? 4.305   -1.470  21.975  1.00 121.45 ? 138 ASP A OD2 1 
ATOM   1108 N N   . ARG A 1 141 ? 3.757   2.229   18.588  1.00 79.17  ? 139 ARG A N   1 
ATOM   1109 C CA  A ARG A 1 141 ? 3.699   3.520   17.990  0.50 76.45  ? 139 ARG A CA  1 
ATOM   1110 C CA  B ARG A 1 141 ? 3.685   3.560   18.006  0.50 76.68  ? 139 ARG A CA  1 
ATOM   1111 C C   . ARG A 1 141 ? 2.230   4.006   17.955  1.00 77.62  ? 139 ARG A C   1 
ATOM   1112 O O   . ARG A 1 141 ? 1.939   5.164   18.249  1.00 74.25  ? 139 ARG A O   1 
ATOM   1113 C CB  A ARG A 1 141 ? 4.263   3.474   16.569  0.50 74.73  ? 139 ARG A CB  1 
ATOM   1114 C CB  B ARG A 1 141 ? 4.315   3.568   16.616  0.50 75.18  ? 139 ARG A CB  1 
ATOM   1115 C CG  A ARG A 1 141 ? 5.791   3.513   16.500  0.50 69.69  ? 139 ARG A CG  1 
ATOM   1116 C CG  B ARG A 1 141 ? 5.700   2.946   16.591  0.50 71.26  ? 139 ARG A CG  1 
ATOM   1117 C CD  A ARG A 1 141 ? 6.414   3.590   17.886  0.50 69.74  ? 139 ARG A CD  1 
ATOM   1118 C CD  B ARG A 1 141 ? 6.654   3.686   17.520  0.50 73.31  ? 139 ARG A CD  1 
ATOM   1119 N NE  A ARG A 1 141 ? 6.388   4.958   18.405  0.50 74.76  ? 139 ARG A NE  1 
ATOM   1120 N NE  B ARG A 1 141 ? 7.544   4.583   16.789  0.50 74.70  ? 139 ARG A NE  1 
ATOM   1121 C CZ  A ARG A 1 141 ? 6.691   5.294   19.655  0.50 74.35  ? 139 ARG A CZ  1 
ATOM   1122 C CZ  B ARG A 1 141 ? 7.188   5.769   16.311  0.50 69.14  ? 139 ARG A CZ  1 
ATOM   1123 N NH1 A ARG A 1 141 ? 7.040   4.360   20.530  0.50 69.12  ? 139 ARG A NH1 1 
ATOM   1124 N NH1 B ARG A 1 141 ? 8.069   6.513   15.654  0.50 70.85  ? 139 ARG A NH1 1 
ATOM   1125 N NH2 A ARG A 1 141 ? 6.641   6.565   20.030  0.50 64.74  ? 139 ARG A NH2 1 
ATOM   1126 N NH2 B ARG A 1 141 ? 5.950   6.212   16.482  0.50 70.50  ? 139 ARG A NH2 1 
ATOM   1127 N N   . LEU A 1 142 ? 1.324   3.100   17.601  1.00 75.66  ? 140 LEU A N   1 
ATOM   1128 C CA  . LEU A 1 142 ? -0.105  3.436   17.597  1.00 74.21  ? 140 LEU A CA  1 
ATOM   1129 C C   . LEU A 1 142 ? -0.549  3.765   19.007  1.00 77.52  ? 140 LEU A C   1 
ATOM   1130 O O   . LEU A 1 142 ? -1.367  4.654   19.226  1.00 76.19  ? 140 LEU A O   1 
ATOM   1131 C CB  . LEU A 1 142 ? -0.955  2.281   17.072  1.00 68.67  ? 140 LEU A CB  1 
ATOM   1132 C CG  . LEU A 1 142 ? -1.065  2.087   15.563  1.00 70.00  ? 140 LEU A CG  1 
ATOM   1133 C CD1 . LEU A 1 142 ? -1.834  0.809   15.271  1.00 72.92  ? 140 LEU A CD1 1 
ATOM   1134 C CD2 . LEU A 1 142 ? -1.737  3.282   14.898  1.00 68.97  ? 140 LEU A CD2 1 
ATOM   1135 N N   . GLU A 1 143 ? -0.012  3.031   19.971  1.00 81.08  ? 141 GLU A N   1 
ATOM   1136 C CA  . GLU A 1 143 ? -0.366  3.271   21.351  1.00 81.37  ? 141 GLU A CA  1 
ATOM   1137 C C   . GLU A 1 143 ? 0.150   4.630   21.785  1.00 78.96  ? 141 GLU A C   1 
ATOM   1138 O O   . GLU A 1 143 ? -0.443  5.289   22.623  1.00 81.18  ? 141 GLU A O   1 
ATOM   1139 C CB  . GLU A 1 143 ? 0.219   2.192   22.237  1.00 82.88  ? 141 GLU A CB  1 
ATOM   1140 C CG  . GLU A 1 143 ? -0.471  2.106   23.564  1.00 94.95  ? 141 GLU A CG  1 
ATOM   1141 C CD  . GLU A 1 143 ? 0.478   1.730   24.661  1.00 105.87 ? 141 GLU A CD  1 
ATOM   1142 O OE1 . GLU A 1 143 ? 0.010   1.211   25.696  1.00 111.28 ? 141 GLU A OE1 1 
ATOM   1143 O OE2 . GLU A 1 143 ? 1.694   1.955   24.483  1.00 118.50 ? 141 GLU A OE2 1 
ATOM   1144 N N   . ALA A 1 144 ? 1.261   5.055   21.202  1.00 80.23  ? 142 ALA A N   1 
ATOM   1145 C CA  . ALA A 1 144 ? 1.839   6.350   21.537  1.00 80.12  ? 142 ALA A CA  1 
ATOM   1146 C C   . ALA A 1 144 ? 1.207   7.506   20.757  1.00 80.37  ? 142 ALA A C   1 
ATOM   1147 O O   . ALA A 1 144 ? 1.228   8.642   21.214  1.00 81.50  ? 142 ALA A O   1 
ATOM   1148 C CB  . ALA A 1 144 ? 3.358   6.331   21.316  1.00 76.49  ? 142 ALA A CB  1 
ATOM   1149 N N   . GLY A 1 145 ? 0.646   7.220   19.587  1.00 79.38  ? 143 GLY A N   1 
ATOM   1150 C CA  . GLY A 1 145 ? 0.302   8.281   18.648  1.00 79.68  ? 143 GLY A CA  1 
ATOM   1151 C C   . GLY A 1 145 ? -1.156  8.501   18.301  1.00 82.31  ? 143 GLY A C   1 
ATOM   1152 O O   . GLY A 1 145 ? -2.030  7.739   18.707  1.00 75.66  ? 143 GLY A O   1 
ATOM   1153 N N   . GLY A 1 146 ? -1.406  9.579   17.551  1.00 90.16  ? 144 GLY A N   1 
ATOM   1154 C CA  . GLY A 1 146 ? -2.750  9.948   17.104  1.00 81.43  ? 144 GLY A CA  1 
ATOM   1155 C C   . GLY A 1 146 ? -3.308  8.760   16.361  1.00 79.04  ? 144 GLY A C   1 
ATOM   1156 O O   . GLY A 1 146 ? -2.659  7.710   16.317  1.00 83.68  ? 144 GLY A O   1 
ATOM   1157 N N   . PRO A 1 147 ? -4.499  8.919   15.761  1.00 70.09  ? 145 PRO A N   1 
ATOM   1158 C CA  . PRO A 1 147 ? -5.233  7.854   15.062  1.00 66.54  ? 145 PRO A CA  1 
ATOM   1159 C C   . PRO A 1 147 ? -4.502  7.258   13.854  1.00 67.58  ? 145 PRO A C   1 
ATOM   1160 O O   . PRO A 1 147 ? -4.730  6.094   13.517  1.00 65.54  ? 145 PRO A O   1 
ATOM   1161 C CB  . PRO A 1 147 ? -6.514  8.553   14.588  1.00 59.83  ? 145 PRO A CB  1 
ATOM   1162 C CG  . PRO A 1 147 ? -6.604  9.803   15.395  1.00 68.33  ? 145 PRO A CG  1 
ATOM   1163 C CD  . PRO A 1 147 ? -5.201  10.207  15.693  1.00 68.74  ? 145 PRO A CD  1 
ATOM   1164 N N   . TRP A 1 148 ? -3.657  8.050   13.198  1.00 67.11  ? 146 TRP A N   1 
ATOM   1165 C CA  . TRP A 1 148 ? -2.966  7.595   11.998  1.00 70.11  ? 146 TRP A CA  1 
ATOM   1166 C C   . TRP A 1 148 ? -1.482  7.460   12.282  1.00 70.91  ? 146 TRP A C   1 
ATOM   1167 O O   . TRP A 1 148 ? -1.009  7.871   13.340  1.00 70.82  ? 146 TRP A O   1 
ATOM   1168 C CB  . TRP A 1 148 ? -3.210  8.568   10.845  1.00 70.88  ? 146 TRP A CB  1 
ATOM   1169 C CG  . TRP A 1 148 ? -4.643  8.915   10.713  1.00 73.60  ? 146 TRP A CG  1 
ATOM   1170 C CD1 . TRP A 1 148 ? -5.233  10.097  11.050  1.00 74.54  ? 146 TRP A CD1 1 
ATOM   1171 C CD2 . TRP A 1 148 ? -5.693  8.061   10.237  1.00 75.25  ? 146 TRP A CD2 1 
ATOM   1172 N NE1 . TRP A 1 148 ? -6.592  10.040  10.803  1.00 68.92  ? 146 TRP A NE1 1 
ATOM   1173 C CE2 . TRP A 1 148 ? -6.899  8.802   10.302  1.00 73.59  ? 146 TRP A CE2 1 
ATOM   1174 C CE3 . TRP A 1 148 ? -5.735  6.747   9.761   1.00 66.35  ? 146 TRP A CE3 1 
ATOM   1175 C CZ2 . TRP A 1 148 ? -8.129  8.271   9.907   1.00 56.66  ? 146 TRP A CZ2 1 
ATOM   1176 C CZ3 . TRP A 1 148 ? -6.958  6.219   9.369   1.00 73.26  ? 146 TRP A CZ3 1 
ATOM   1177 C CH2 . TRP A 1 148 ? -8.138  6.982   9.443   1.00 69.87  ? 146 TRP A CH2 1 
ATOM   1178 N N   . LEU A 1 149 ? -0.745  6.882   11.342  1.00 71.53  ? 147 LEU A N   1 
ATOM   1179 C CA  . LEU A 1 149 ? 0.676   6.645   11.558  1.00 71.83  ? 147 LEU A CA  1 
ATOM   1180 C C   . LEU A 1 149 ? 1.369   7.943   11.927  1.00 71.76  ? 147 LEU A C   1 
ATOM   1181 O O   . LEU A 1 149 ? 2.210   7.977   12.817  1.00 74.41  ? 147 LEU A O   1 
ATOM   1182 C CB  . LEU A 1 149 ? 1.311   6.016   10.323  1.00 69.45  ? 147 LEU A CB  1 
ATOM   1183 C CG  . LEU A 1 149 ? 1.021   4.527   10.176  1.00 71.52  ? 147 LEU A CG  1 
ATOM   1184 C CD1 . LEU A 1 149 ? 1.509   4.019   8.832   1.00 61.46  ? 147 LEU A CD1 1 
ATOM   1185 C CD2 . LEU A 1 149 ? 1.708   3.792   11.314  1.00 69.49  ? 147 LEU A CD2 1 
ATOM   1186 N N   . MET A 1 150 ? 0.990   9.020   11.253  1.00 76.27  ? 148 MET A N   1 
ATOM   1187 C CA  . MET A 1 150 ? 1.580   10.333  11.502  1.00 76.67  ? 148 MET A CA  1 
ATOM   1188 C C   . MET A 1 150 ? 0.897   11.052  12.668  1.00 79.45  ? 148 MET A C   1 
ATOM   1189 O O   . MET A 1 150 ? 1.241   12.184  12.985  1.00 83.96  ? 148 MET A O   1 
ATOM   1190 C CB  . MET A 1 150 ? 1.487   11.205  10.245  1.00 75.12  ? 148 MET A CB  1 
ATOM   1191 C CG  . MET A 1 150 ? 2.259   10.674  9.050   1.00 79.24  ? 148 MET A CG  1 
ATOM   1192 S SD  . MET A 1 150 ? 4.030   10.611  9.374   1.00 83.10  ? 148 MET A SD  1 
ATOM   1193 C CE  . MET A 1 150 ? 4.459   12.349  9.292   1.00 79.32  ? 148 MET A CE  1 
ATOM   1194 N N   . GLY A 1 151 ? -0.073  10.403  13.299  1.00 79.11  ? 149 GLY A N   1 
ATOM   1195 C CA  . GLY A 1 151 ? -0.816  11.033  14.381  1.00 73.65  ? 149 GLY A CA  1 
ATOM   1196 C C   . GLY A 1 151 ? -2.156  11.541  13.894  1.00 75.93  ? 149 GLY A C   1 
ATOM   1197 O O   . GLY A 1 151 ? -2.965  10.777  13.379  1.00 80.71  ? 149 GLY A O   1 
ATOM   1198 N N   . ASP A 1 152 ? -2.389  12.837  14.048  1.00 76.60  ? 150 ASP A N   1 
ATOM   1199 C CA  . ASP A 1 152 ? -3.641  13.442  13.618  1.00 78.56  ? 150 ASP A CA  1 
ATOM   1200 C C   . ASP A 1 152 ? -3.780  13.514  12.104  1.00 77.18  ? 150 ASP A C   1 
ATOM   1201 O O   . ASP A 1 152 ? -4.889  13.474  11.592  1.00 76.78  ? 150 ASP A O   1 
ATOM   1202 C CB  . ASP A 1 152 ? -3.774  14.852  14.184  1.00 82.14  ? 150 ASP A CB  1 
ATOM   1203 C CG  . ASP A 1 152 ? -3.718  14.880  15.693  1.00 98.94  ? 150 ASP A CG  1 
ATOM   1204 O OD1 . ASP A 1 152 ? -4.176  13.899  16.325  1.00 106.49 ? 150 ASP A OD1 1 
ATOM   1205 O OD2 . ASP A 1 152 ? -3.217  15.887  16.246  1.00 112.76 ? 150 ASP A OD2 1 
ATOM   1206 N N   . ARG A 1 153 ? -2.665  13.656  11.392  1.00 79.98  ? 151 ARG A N   1 
ATOM   1207 C CA  . ARG A 1 153 ? -2.710  13.753  9.933   1.00 80.43  ? 151 ARG A CA  1 
ATOM   1208 C C   . ARG A 1 153 ? -2.738  12.383  9.264   1.00 80.60  ? 151 ARG A C   1 
ATOM   1209 O O   . ARG A 1 153 ? -1.793  11.597  9.376   1.00 83.68  ? 151 ARG A O   1 
ATOM   1210 C CB  . ARG A 1 153 ? -1.509  14.529  9.392   1.00 83.82  ? 151 ARG A CB  1 
ATOM   1211 C CG  . ARG A 1 153 ? -1.071  14.063  7.980   1.00 100.72 ? 151 ARG A CG  1 
ATOM   1212 C CD  . ARG A 1 153 ? 0.451   14.118  7.766   1.00 101.35 ? 151 ARG A CD  1 
ATOM   1213 N NE  . ARG A 1 153 ? 0.980   15.448  8.059   1.00 112.00 ? 151 ARG A NE  1 
ATOM   1214 C CZ  . ARG A 1 153 ? 0.967   16.464  7.200   1.00 112.46 ? 151 ARG A CZ  1 
ATOM   1215 N NH1 . ARG A 1 153 ? 0.462   16.301  5.982   1.00 117.48 ? 151 ARG A NH1 1 
ATOM   1216 N NH2 . ARG A 1 153 ? 1.461   17.645  7.555   1.00 98.00  ? 151 ARG A NH2 1 
ATOM   1217 N N   . TYR A 1 154 ? -3.822  12.105  8.556   1.00 76.33  ? 152 TYR A N   1 
ATOM   1218 C CA  . TYR A 1 154 ? -3.875  10.957  7.672   1.00 74.56  ? 152 TYR A CA  1 
ATOM   1219 C C   . TYR A 1 154 ? -2.947  11.223  6.495   1.00 75.62  ? 152 TYR A C   1 
ATOM   1220 O O   . TYR A 1 154 ? -2.912  12.321  5.947   1.00 81.53  ? 152 TYR A O   1 
ATOM   1221 C CB  . TYR A 1 154 ? -5.303  10.754  7.188   1.00 69.94  ? 152 TYR A CB  1 
ATOM   1222 C CG  . TYR A 1 154 ? -5.480  9.671   6.158   1.00 74.93  ? 152 TYR A CG  1 
ATOM   1223 C CD1 . TYR A 1 154 ? -5.680  8.351   6.539   1.00 76.63  ? 152 TYR A CD1 1 
ATOM   1224 C CD2 . TYR A 1 154 ? -5.477  9.967   4.806   1.00 76.70  ? 152 TYR A CD2 1 
ATOM   1225 C CE1 . TYR A 1 154 ? -5.861  7.365   5.604   1.00 71.57  ? 152 TYR A CE1 1 
ATOM   1226 C CE2 . TYR A 1 154 ? -5.662  8.979   3.861   1.00 70.00  ? 152 TYR A CE2 1 
ATOM   1227 C CZ  . TYR A 1 154 ? -5.849  7.681   4.268   1.00 72.80  ? 152 TYR A CZ  1 
ATOM   1228 O OH  . TYR A 1 154 ? -6.025  6.688   3.334   1.00 79.82  ? 152 TYR A OH  1 
ATOM   1229 N N   . SER A 1 155 ? -2.177  10.224  6.110   1.00 75.54  ? 153 SER A N   1 
ATOM   1230 C CA  . SER A 1 155 ? -1.200  10.425  5.064   1.00 74.16  ? 153 SER A CA  1 
ATOM   1231 C C   . SER A 1 155 ? -1.130  9.188   4.187   1.00 75.39  ? 153 SER A C   1 
ATOM   1232 O O   . SER A 1 155 ? -1.817  8.199   4.438   1.00 76.57  ? 153 SER A O   1 
ATOM   1233 C CB  . SER A 1 155 ? 0.164   10.690  5.682   1.00 73.55  ? 153 SER A CB  1 
ATOM   1234 O OG  . SER A 1 155 ? 0.565   9.567   6.441   1.00 68.40  ? 153 SER A OG  1 
ATOM   1235 N N   . VAL A 1 156 ? -0.290  9.251   3.162   1.00 74.63  ? 154 VAL A N   1 
ATOM   1236 C CA  . VAL A 1 156 ? -0.108  8.134   2.246   1.00 71.44  ? 154 VAL A CA  1 
ATOM   1237 C C   . VAL A 1 156 ? 0.381   6.865   2.947   1.00 74.61  ? 154 VAL A C   1 
ATOM   1238 O O   . VAL A 1 156 ? 0.054   5.764   2.514   1.00 79.60  ? 154 VAL A O   1 
ATOM   1239 C CB  . VAL A 1 156 ? 0.865   8.497   1.104   1.00 71.70  ? 154 VAL A CB  1 
ATOM   1240 C CG1 . VAL A 1 156 ? 0.251   9.579   0.207   1.00 64.19  ? 154 VAL A CG1 1 
ATOM   1241 C CG2 . VAL A 1 156 ? 2.209   8.948   1.672   1.00 65.32  ? 154 VAL A CG2 1 
ATOM   1242 N N   . ALA A 1 157 ? 1.159   7.008   4.019   1.00 74.59  ? 155 ALA A N   1 
ATOM   1243 C CA  . ALA A 1 157 ? 1.630   5.836   4.755   1.00 74.19  ? 155 ALA A CA  1 
ATOM   1244 C C   . ALA A 1 157 ? 0.452   4.981   5.206   1.00 76.17  ? 155 ALA A C   1 
ATOM   1245 O O   . ALA A 1 157 ? 0.534   3.753   5.201   1.00 81.34  ? 155 ALA A O   1 
ATOM   1246 C CB  . ALA A 1 157 ? 2.485   6.239   5.946   1.00 72.90  ? 155 ALA A CB  1 
ATOM   1247 N N   . ASP A 1 158 ? -0.648  5.630   5.581   1.00 72.89  ? 156 ASP A N   1 
ATOM   1248 C CA  . ASP A 1 158 ? -1.828  4.921   6.077   1.00 72.57  ? 156 ASP A CA  1 
ATOM   1249 C C   . ASP A 1 158 ? -2.524  4.076   5.007   1.00 71.85  ? 156 ASP A C   1 
ATOM   1250 O O   . ASP A 1 158 ? -3.077  3.020   5.313   1.00 69.39  ? 156 ASP A O   1 
ATOM   1251 C CB  . ASP A 1 158 ? -2.836  5.901   6.688   1.00 69.70  ? 156 ASP A CB  1 
ATOM   1252 C CG  . ASP A 1 158 ? -2.266  6.671   7.858   1.00 71.84  ? 156 ASP A CG  1 
ATOM   1253 O OD1 . ASP A 1 158 ? -2.157  7.911   7.747   1.00 70.70  ? 156 ASP A OD1 1 
ATOM   1254 O OD2 . ASP A 1 158 ? -1.927  6.042   8.885   1.00 71.60  ? 156 ASP A OD2 1 
ATOM   1255 N N   . ALA A 1 159 ? -2.519  4.549   3.763   1.00 70.54  ? 157 ALA A N   1 
ATOM   1256 C CA  . ALA A 1 159 ? -3.113  3.790   2.659   1.00 72.54  ? 157 ALA A CA  1 
ATOM   1257 C C   . ALA A 1 159 ? -2.252  2.569   2.331   1.00 75.26  ? 157 ALA A C   1 
ATOM   1258 O O   . ALA A 1 159 ? -2.759  1.511   1.955   1.00 77.17  ? 157 ALA A O   1 
ATOM   1259 C CB  . ALA A 1 159 ? -3.265  4.671   1.426   1.00 70.54  ? 157 ALA A CB  1 
ATOM   1260 N N   . TYR A 1 160 ? -0.942  2.740   2.475   1.00 74.68  ? 158 TYR A N   1 
ATOM   1261 C CA  . TYR A 1 160 ? 0.026   1.690   2.212   1.00 73.63  ? 158 TYR A CA  1 
ATOM   1262 C C   . TYR A 1 160 ? -0.082  0.634   3.303   1.00 74.13  ? 158 TYR A C   1 
ATOM   1263 O O   . TYR A 1 160 ? -0.402  -0.523  3.039   1.00 74.71  ? 158 TYR A O   1 
ATOM   1264 C CB  . TYR A 1 160 ? 1.429   2.300   2.202   1.00 73.93  ? 158 TYR A CB  1 
ATOM   1265 C CG  . TYR A 1 160 ? 2.500   1.433   1.584   1.00 73.96  ? 158 TYR A CG  1 
ATOM   1266 C CD1 . TYR A 1 160 ? 2.168   0.338   0.792   1.00 75.97  ? 158 TYR A CD1 1 
ATOM   1267 C CD2 . TYR A 1 160 ? 3.848   1.734   1.762   1.00 70.32  ? 158 TYR A CD2 1 
ATOM   1268 C CE1 . TYR A 1 160 ? 3.151   -0.449  0.207   1.00 63.73  ? 158 TYR A CE1 1 
ATOM   1269 C CE2 . TYR A 1 160 ? 4.837   0.959   1.185   1.00 72.49  ? 158 TYR A CE2 1 
ATOM   1270 C CZ  . TYR A 1 160 ? 4.482   -0.135  0.405   1.00 76.67  ? 158 TYR A CZ  1 
ATOM   1271 O OH  . TYR A 1 160 ? 5.463   -0.916  -0.173  1.00 77.66  ? 158 TYR A OH  1 
ATOM   1272 N N   . LEU A 1 161 ? 0.168   1.049   4.538   1.00 73.55  ? 159 LEU A N   1 
ATOM   1273 C CA  . LEU A 1 161 ? 0.112   0.139   5.668   1.00 73.45  ? 159 LEU A CA  1 
ATOM   1274 C C   . LEU A 1 161 ? -1.215  -0.609  5.764   1.00 75.55  ? 159 LEU A C   1 
ATOM   1275 O O   . LEU A 1 161 ? -1.231  -1.822  5.957   1.00 79.22  ? 159 LEU A O   1 
ATOM   1276 C CB  . LEU A 1 161 ? 0.365   0.875   6.976   1.00 71.10  ? 159 LEU A CB  1 
ATOM   1277 C CG  . LEU A 1 161 ? 0.331   -0.107  8.142   1.00 68.05  ? 159 LEU A CG  1 
ATOM   1278 C CD1 . LEU A 1 161 ? 1.367   -1.193  7.886   1.00 69.90  ? 159 LEU A CD1 1 
ATOM   1279 C CD2 . LEU A 1 161 ? 0.569   0.593   9.482   1.00 61.04  ? 159 LEU A CD2 1 
ATOM   1280 N N   . SER A 1 162 ? -2.329  0.103   5.645   1.00 73.56  ? 160 SER A N   1 
ATOM   1281 C CA  . SER A 1 162 ? -3.618  -0.561  5.768   1.00 72.95  ? 160 SER A CA  1 
ATOM   1282 C C   . SER A 1 162 ? -3.849  -1.539  4.619   1.00 74.92  ? 160 SER A C   1 
ATOM   1283 O O   . SER A 1 162 ? -4.323  -2.648  4.844   1.00 77.63  ? 160 SER A O   1 
ATOM   1284 C CB  . SER A 1 162 ? -4.770  0.444   5.895   1.00 68.78  ? 160 SER A CB  1 
ATOM   1285 O OG  . SER A 1 162 ? -4.955  1.172   4.697   1.00 76.93  ? 160 SER A OG  1 
ATOM   1286 N N   . THR A 1 163 ? -3.512  -1.140  3.394   1.00 75.05  ? 161 THR A N   1 
ATOM   1287 C CA  . THR A 1 163 ? -3.661  -2.039  2.249   1.00 76.46  ? 161 THR A CA  1 
ATOM   1288 C C   . THR A 1 163 ? -2.914  -3.345  2.501   1.00 79.80  ? 161 THR A C   1 
ATOM   1289 O O   . THR A 1 163 ? -3.466  -4.438  2.342   1.00 80.72  ? 161 THR A O   1 
ATOM   1290 C CB  . THR A 1 163 ? -3.100  -1.431  0.946   1.00 74.11  ? 161 THR A CB  1 
ATOM   1291 O OG1 . THR A 1 163 ? -3.973  -0.405  0.468   1.00 77.38  ? 161 THR A OG1 1 
ATOM   1292 C CG2 . THR A 1 163 ? -2.987  -2.498  -0.113  1.00 73.54  ? 161 THR A CG2 1 
ATOM   1293 N N   . VAL A 1 164 ? -1.651  -3.221  2.890   1.00 78.42  ? 162 VAL A N   1 
ATOM   1294 C CA  . VAL A 1 164 ? -0.796  -4.382  3.094   1.00 80.01  ? 162 VAL A CA  1 
ATOM   1295 C C   . VAL A 1 164 ? -1.310  -5.309  4.193   1.00 81.43  ? 162 VAL A C   1 
ATOM   1296 O O   . VAL A 1 164 ? -1.388  -6.521  3.994   1.00 86.92  ? 162 VAL A O   1 
ATOM   1297 C CB  . VAL A 1 164 ? 0.670   -3.967  3.362   1.00 79.49  ? 162 VAL A CB  1 
ATOM   1298 C CG1 . VAL A 1 164 ? 1.319   -4.868  4.408   1.00 84.16  ? 162 VAL A CG1 1 
ATOM   1299 C CG2 . VAL A 1 164 ? 1.453   -3.980  2.068   1.00 82.96  ? 162 VAL A CG2 1 
ATOM   1300 N N   . LEU A 1 165 ? -1.666  -4.754  5.347   1.00 79.35  ? 163 LEU A N   1 
ATOM   1301 C CA  . LEU A 1 165 ? -2.223  -5.575  6.421   1.00 78.29  ? 163 LEU A CA  1 
ATOM   1302 C C   . LEU A 1 165 ? -3.577  -6.169  6.041   1.00 79.89  ? 163 LEU A C   1 
ATOM   1303 O O   . LEU A 1 165 ? -4.040  -7.132  6.660   1.00 84.46  ? 163 LEU A O   1 
ATOM   1304 C CB  . LEU A 1 165 ? -2.335  -4.793  7.727   1.00 73.56  ? 163 LEU A CB  1 
ATOM   1305 C CG  . LEU A 1 165 ? -0.983  -4.320  8.259   1.00 84.53  ? 163 LEU A CG  1 
ATOM   1306 C CD1 . LEU A 1 165 ? -1.024  -4.149  9.769   1.00 66.11  ? 163 LEU A CD1 1 
ATOM   1307 C CD2 . LEU A 1 165 ? 0.124   -5.296  7.856   1.00 83.90  ? 163 LEU A CD2 1 
ATOM   1308 N N   . GLY A 1 166 ? -4.208  -5.601  5.021   1.00 76.45  ? 164 GLY A N   1 
ATOM   1309 C CA  . GLY A 1 166 ? -5.443  -6.162  4.513   1.00 78.79  ? 164 GLY A CA  1 
ATOM   1310 C C   . GLY A 1 166 ? -5.284  -7.647  4.258   1.00 84.05  ? 164 GLY A C   1 
ATOM   1311 O O   . GLY A 1 166 ? -6.213  -8.424  4.464   1.00 90.95  ? 164 GLY A O   1 
ATOM   1312 N N   . TRP A 1 167 ? -4.087  -8.037  3.826   1.00 86.66  ? 165 TRP A N   1 
ATOM   1313 C CA  . TRP A 1 167 ? -3.814  -9.400  3.385   1.00 86.26  ? 165 TRP A CA  1 
ATOM   1314 C C   . TRP A 1 167 ? -3.975  -10.476 4.462   1.00 86.39  ? 165 TRP A C   1 
ATOM   1315 O O   . TRP A 1 167 ? -4.059  -11.657 4.145   1.00 87.99  ? 165 TRP A O   1 
ATOM   1316 C CB  . TRP A 1 167 ? -2.402  -9.490  2.801   1.00 88.41  ? 165 TRP A CB  1 
ATOM   1317 C CG  . TRP A 1 167 ? -2.184  -8.681  1.555   1.00 87.31  ? 165 TRP A CG  1 
ATOM   1318 C CD1 . TRP A 1 167 ? -3.128  -8.302  0.644   1.00 85.17  ? 165 TRP A CD1 1 
ATOM   1319 C CD2 . TRP A 1 167 ? -0.927  -8.189  1.062   1.00 86.28  ? 165 TRP A CD2 1 
ATOM   1320 N NE1 . TRP A 1 167 ? -2.540  -7.586  -0.377  1.00 86.94  ? 165 TRP A NE1 1 
ATOM   1321 C CE2 . TRP A 1 167 ? -1.191  -7.503  -0.144  1.00 88.64  ? 165 TRP A CE2 1 
ATOM   1322 C CE3 . TRP A 1 167 ? 0.392   -8.250  1.530   1.00 78.39  ? 165 TRP A CE3 1 
ATOM   1323 C CZ2 . TRP A 1 167 ? -0.181  -6.885  -0.889  1.00 89.98  ? 165 TRP A CZ2 1 
ATOM   1324 C CZ3 . TRP A 1 167 ? 1.394   -7.632  0.789   1.00 81.82  ? 165 TRP A CZ3 1 
ATOM   1325 C CH2 . TRP A 1 167 ? 1.102   -6.963  -0.406  1.00 82.17  ? 165 TRP A CH2 1 
ATOM   1326 N N   . CYS A 1 168 ? -4.011  -10.080 5.728   1.00 85.31  ? 166 CYS A N   1 
ATOM   1327 C CA  . CYS A 1 168 ? -4.035  -11.058 6.805   1.00 90.76  ? 166 CYS A CA  1 
ATOM   1328 C C   . CYS A 1 168 ? -5.304  -11.887 6.876   1.00 96.09  ? 166 CYS A C   1 
ATOM   1329 O O   . CYS A 1 168 ? -5.248  -13.113 6.837   1.00 100.76 ? 166 CYS A O   1 
ATOM   1330 C CB  . CYS A 1 168 ? -3.783  -10.386 8.138   1.00 90.51  ? 166 CYS A CB  1 
ATOM   1331 S SG  . CYS A 1 168 ? -2.143  -9.698  8.213   1.00 94.35  ? 166 CYS A SG  1 
ATOM   1332 N N   . GLU A 1 169 ? -6.446  -11.227 7.005   1.00 102.79 ? 167 GLU A N   1 
ATOM   1333 C CA  . GLU A 1 169 ? -7.694  -11.959 7.070   1.00 107.51 ? 167 GLU A CA  1 
ATOM   1334 C C   . GLU A 1 169 ? -7.657  -13.006 5.967   1.00 108.34 ? 167 GLU A C   1 
ATOM   1335 O O   . GLU A 1 169 ? -8.065  -14.151 6.169   1.00 110.93 ? 167 GLU A O   1 
ATOM   1336 C CB  . GLU A 1 169 ? -8.898  -11.021 6.925   1.00 109.43 ? 167 GLU A CB  1 
ATOM   1337 C CG  . GLU A 1 169 ? -8.903  -10.193 5.646   1.00 123.17 ? 167 GLU A CG  1 
ATOM   1338 C CD  . GLU A 1 169 ? -9.632  -10.880 4.499   1.00 136.86 ? 167 GLU A CD  1 
ATOM   1339 O OE1 . GLU A 1 169 ? -10.787 -11.313 4.707   1.00 136.69 ? 167 GLU A OE1 1 
ATOM   1340 O OE2 . GLU A 1 169 ? -9.056  -10.974 3.389   1.00 140.40 ? 167 GLU A OE2 1 
ATOM   1341 N N   . TYR A 1 170 ? -7.126  -12.626 4.809   1.00 105.34 ? 168 TYR A N   1 
ATOM   1342 C CA  . TYR A 1 170 ? -7.103  -13.538 3.676   1.00 105.43 ? 168 TYR A CA  1 
ATOM   1343 C C   . TYR A 1 170 ? -6.074  -14.667 3.768   1.00 102.83 ? 168 TYR A C   1 
ATOM   1344 O O   . TYR A 1 170 ? -6.384  -15.805 3.427   1.00 104.64 ? 168 TYR A O   1 
ATOM   1345 C CB  . TYR A 1 170 ? -6.921  -12.804 2.356   1.00 107.74 ? 168 TYR A CB  1 
ATOM   1346 C CG  . TYR A 1 170 ? -6.612  -13.787 1.260   1.00 123.37 ? 168 TYR A CG  1 
ATOM   1347 C CD1 . TYR A 1 170 ? -5.562  -13.572 0.378   1.00 136.56 ? 168 TYR A CD1 1 
ATOM   1348 C CD2 . TYR A 1 170 ? -7.344  -14.969 1.142   1.00 127.45 ? 168 TYR A CD2 1 
ATOM   1349 C CE1 . TYR A 1 170 ? -5.269  -14.488 -0.619  1.00 139.62 ? 168 TYR A CE1 1 
ATOM   1350 C CE2 . TYR A 1 170 ? -7.060  -15.890 0.153   1.00 130.57 ? 168 TYR A CE2 1 
ATOM   1351 C CZ  . TYR A 1 170 ? -6.020  -15.644 -0.725  1.00 137.45 ? 168 TYR A CZ  1 
ATOM   1352 O OH  . TYR A 1 170 ? -5.722  -16.554 -1.712  1.00 138.72 ? 168 TYR A OH  1 
ATOM   1353 N N   . LEU A 1 171 ? -4.849  -14.358 4.184   1.00 101.71 ? 169 LEU A N   1 
ATOM   1354 C CA  . LEU A 1 171 ? -3.858  -15.401 4.447   1.00 100.61 ? 169 LEU A CA  1 
ATOM   1355 C C   . LEU A 1 171 ? -4.153  -16.008 5.815   1.00 103.19 ? 169 LEU A C   1 
ATOM   1356 O O   . LEU A 1 171 ? -3.305  -16.675 6.411   1.00 101.97 ? 169 LEU A O   1 
ATOM   1357 C CB  . LEU A 1 171 ? -2.433  -14.842 4.432   1.00 100.05 ? 169 LEU A CB  1 
ATOM   1358 C CG  . LEU A 1 171 ? -1.954  -13.979 3.264   1.00 100.30 ? 169 LEU A CG  1 
ATOM   1359 C CD1 . LEU A 1 171 ? -0.522  -13.550 3.508   1.00 99.46  ? 169 LEU A CD1 1 
ATOM   1360 C CD2 . LEU A 1 171 ? -2.070  -14.712 1.945   1.00 97.24  ? 169 LEU A CD2 1 
ATOM   1361 N N   . LYS A 1 172 ? -5.368  -15.769 6.302   1.00 104.48 ? 170 LYS A N   1 
ATOM   1362 C CA  . LYS A 1 172 ? -5.788  -16.184 7.643   1.00 106.74 ? 170 LYS A CA  1 
ATOM   1363 C C   . LYS A 1 172 ? -4.689  -15.975 8.693   1.00 104.26 ? 170 LYS A C   1 
ATOM   1364 O O   . LYS A 1 172 ? -4.372  -16.886 9.458   1.00 106.03 ? 170 LYS A O   1 
ATOM   1365 C CB  . LYS A 1 172 ? -6.273  -17.646 7.675   1.00 108.92 ? 170 LYS A CB  1 
ATOM   1366 C CG  . LYS A 1 172 ? -6.843  -18.218 6.365   1.00 116.95 ? 170 LYS A CG  1 
ATOM   1367 C CD  . LYS A 1 172 ? -8.086  -17.493 5.848   1.00 120.54 ? 170 LYS A CD  1 
ATOM   1368 C CE  . LYS A 1 172 ? -8.506  -18.061 4.486   1.00 122.84 ? 170 LYS A CE  1 
ATOM   1369 N NZ  . LYS A 1 172 ? -9.238  -17.082 3.625   1.00 123.61 ? 170 LYS A NZ  1 
ATOM   1370 N N   . ILE A 1 173 ? -4.107  -14.780 8.728   1.00 99.43  ? 171 ILE A N   1 
ATOM   1371 C CA  . ILE A 1 173 ? -3.183  -14.425 9.800   1.00 94.27  ? 171 ILE A CA  1 
ATOM   1372 C C   . ILE A 1 173 ? -3.937  -13.670 10.898  1.00 96.31  ? 171 ILE A C   1 
ATOM   1373 O O   . ILE A 1 173 ? -4.654  -12.705 10.632  1.00 97.66  ? 171 ILE A O   1 
ATOM   1374 C CB  . ILE A 1 173 ? -2.003  -13.588 9.286   1.00 91.57  ? 171 ILE A CB  1 
ATOM   1375 C CG1 . ILE A 1 173 ? -1.210  -14.368 8.240   1.00 87.53  ? 171 ILE A CG1 1 
ATOM   1376 C CG2 . ILE A 1 173 ? -1.093  -13.213 10.425  1.00 83.59  ? 171 ILE A CG2 1 
ATOM   1377 C CD1 . ILE A 1 173 ? 0.002   -13.629 7.726   1.00 84.36  ? 171 ILE A CD1 1 
ATOM   1378 N N   . ASP A 1 174 ? -3.796  -14.152 12.128  1.00 97.11  ? 172 ASP A N   1 
ATOM   1379 C CA  . ASP A 1 174 ? -4.541  -13.612 13.257  1.00 98.28  ? 172 ASP A CA  1 
ATOM   1380 C C   . ASP A 1 174 ? -3.897  -12.353 13.817  1.00 96.77  ? 172 ASP A C   1 
ATOM   1381 O O   . ASP A 1 174 ? -2.743  -12.371 14.248  1.00 96.74  ? 172 ASP A O   1 
ATOM   1382 C CB  . ASP A 1 174 ? -4.678  -14.665 14.359  1.00 98.81  ? 172 ASP A CB  1 
ATOM   1383 C CG  . ASP A 1 174 ? -4.194  -14.165 15.706  1.00 107.83 ? 172 ASP A CG  1 
ATOM   1384 O OD1 . ASP A 1 174 ? -4.948  -13.428 16.374  1.00 115.09 ? 172 ASP A OD1 1 
ATOM   1385 O OD2 . ASP A 1 174 ? -3.059  -14.510 16.096  1.00 116.84 ? 172 ASP A OD2 1 
ATOM   1386 N N   . LEU A 1 175 ? -4.652  -11.260 13.812  1.00 95.42  ? 173 LEU A N   1 
ATOM   1387 C CA  . LEU A 1 175 ? -4.170  -9.998  14.365  1.00 95.55  ? 173 LEU A CA  1 
ATOM   1388 C C   . LEU A 1 175 ? -4.664  -9.712  15.785  1.00 98.28  ? 173 LEU A C   1 
ATOM   1389 O O   . LEU A 1 175 ? -4.331  -8.674  16.356  1.00 99.11  ? 173 LEU A O   1 
ATOM   1390 C CB  . LEU A 1 175 ? -4.580  -8.847  13.449  1.00 93.63  ? 173 LEU A CB  1 
ATOM   1391 C CG  . LEU A 1 175 ? -4.065  -8.941  12.014  1.00 91.13  ? 173 LEU A CG  1 
ATOM   1392 C CD1 . LEU A 1 175 ? -4.573  -7.774  11.199  1.00 87.63  ? 173 LEU A CD1 1 
ATOM   1393 C CD2 . LEU A 1 175 ? -2.547  -8.982  12.001  1.00 83.76  ? 173 LEU A CD2 1 
ATOM   1394 N N   . SER A 1 176 ? -5.459  -10.625 16.342  1.00 99.74  ? 174 SER A N   1 
ATOM   1395 C CA  . SER A 1 176 ? -6.071  -10.435 17.664  1.00 97.93  ? 174 SER A CA  1 
ATOM   1396 C C   . SER A 1 176 ? -5.079  -9.825  18.617  1.00 95.46  ? 174 SER A C   1 
ATOM   1397 O O   . SER A 1 176 ? -5.388  -8.908  19.375  1.00 96.39  ? 174 SER A O   1 
ATOM   1398 C CB  . SER A 1 176 ? -6.507  -11.775 18.242  1.00 97.42  ? 174 SER A CB  1 
ATOM   1399 O OG  . SER A 1 176 ? -7.086  -12.586 17.239  1.00 106.93 ? 174 SER A OG  1 
ATOM   1400 N N   . LYS A 1 177 ? -3.876  -10.370 18.564  1.00 92.55  ? 175 LYS A N   1 
ATOM   1401 C CA  . LYS A 1 177 ? -2.774  -9.969  19.415  1.00 93.16  ? 175 LYS A CA  1 
ATOM   1402 C C   . LYS A 1 177 ? -2.512  -8.453  19.387  1.00 90.34  ? 175 LYS A C   1 
ATOM   1403 O O   . LYS A 1 177 ? -1.952  -7.890  20.332  1.00 88.26  ? 175 LYS A O   1 
ATOM   1404 C CB  . LYS A 1 177 ? -1.551  -10.772 18.969  1.00 93.39  ? 175 LYS A CB  1 
ATOM   1405 C CG  . LYS A 1 177 ? -1.978  -12.137 18.391  1.00 101.06 ? 175 LYS A CG  1 
ATOM   1406 C CD  . LYS A 1 177 ? -0.942  -12.762 17.467  1.00 107.81 ? 175 LYS A CD  1 
ATOM   1407 C CE  . LYS A 1 177 ? 0.160   -13.483 18.242  1.00 109.62 ? 175 LYS A CE  1 
ATOM   1408 N NZ  . LYS A 1 177 ? 1.172   -12.549 18.826  1.00 111.57 ? 175 LYS A NZ  1 
ATOM   1409 N N   . TRP A 1 178 ? -2.932  -7.792  18.311  1.00 88.14  ? 176 TRP A N   1 
ATOM   1410 C CA  . TRP A 1 178 ? -2.688  -6.355  18.149  1.00 87.16  ? 176 TRP A CA  1 
ATOM   1411 C C   . TRP A 1 178 ? -3.981  -5.591  17.886  1.00 86.11  ? 176 TRP A C   1 
ATOM   1412 O O   . TRP A 1 178 ? -4.301  -5.277  16.740  1.00 88.22  ? 176 TRP A O   1 
ATOM   1413 C CB  . TRP A 1 178 ? -1.685  -6.101  17.017  1.00 85.53  ? 176 TRP A CB  1 
ATOM   1414 C CG  . TRP A 1 178 ? -0.403  -6.892  17.149  1.00 81.40  ? 176 TRP A CG  1 
ATOM   1415 C CD1 . TRP A 1 178 ? 0.709   -6.551  17.875  1.00 81.54  ? 176 TRP A CD1 1 
ATOM   1416 C CD2 . TRP A 1 178 ? -0.110  -8.151  16.541  1.00 71.21  ? 176 TRP A CD2 1 
ATOM   1417 N NE1 . TRP A 1 178 ? 1.674   -7.523  17.753  1.00 79.98  ? 176 TRP A NE1 1 
ATOM   1418 C CE2 . TRP A 1 178 ? 1.196   -8.518  16.942  1.00 78.43  ? 176 TRP A CE2 1 
ATOM   1419 C CE3 . TRP A 1 178 ? -0.827  -9.012  15.702  1.00 75.93  ? 176 TRP A CE3 1 
ATOM   1420 C CZ2 . TRP A 1 178 ? 1.799   -9.699  16.528  1.00 78.83  ? 176 TRP A CZ2 1 
ATOM   1421 C CZ3 . TRP A 1 178 ? -0.225  -10.188 15.293  1.00 75.41  ? 176 TRP A CZ3 1 
ATOM   1422 C CH2 . TRP A 1 178 ? 1.074   -10.519 15.704  1.00 79.74  ? 176 TRP A CH2 1 
ATOM   1423 N N   . PRO A 1 179 ? -4.726  -5.281  18.954  1.00 85.28  ? 177 PRO A N   1 
ATOM   1424 C CA  . PRO A 1 179 ? -6.039  -4.644  18.839  1.00 82.57  ? 177 PRO A CA  1 
ATOM   1425 C C   . PRO A 1 179 ? -5.973  -3.249  18.215  1.00 80.63  ? 177 PRO A C   1 
ATOM   1426 O O   . PRO A 1 179 ? -6.760  -2.945  17.316  1.00 83.78  ? 177 PRO A O   1 
ATOM   1427 C CB  . PRO A 1 179 ? -6.528  -4.564  20.292  1.00 82.74  ? 177 PRO A CB  1 
ATOM   1428 C CG  . PRO A 1 179 ? -5.631  -5.482  21.066  1.00 85.55  ? 177 PRO A CG  1 
ATOM   1429 C CD  . PRO A 1 179 ? -4.326  -5.474  20.357  1.00 85.55  ? 177 PRO A CD  1 
ATOM   1430 N N   . ARG A 1 180 ? -5.049  -2.409  18.677  1.00 76.35  ? 178 ARG A N   1 
ATOM   1431 C CA  . ARG A 1 180 ? -4.890  -1.083  18.079  1.00 73.94  ? 178 ARG A CA  1 
ATOM   1432 C C   . ARG A 1 180 ? -4.767  -1.201  16.562  1.00 73.06  ? 178 ARG A C   1 
ATOM   1433 O O   . ARG A 1 180 ? -5.503  -0.550  15.821  1.00 73.18  ? 178 ARG A O   1 
ATOM   1434 C CB  . ARG A 1 180 ? -3.689  -0.343  18.665  1.00 69.36  ? 178 ARG A CB  1 
ATOM   1435 C CG  . ARG A 1 180 ? -3.649  -0.370  20.174  1.00 72.14  ? 178 ARG A CG  1 
ATOM   1436 C CD  . ARG A 1 180 ? -2.621  0.608   20.728  1.00 75.88  ? 178 ARG A CD  1 
ATOM   1437 N NE  . ARG A 1 180 ? -3.278  1.736   21.367  1.00 80.69  ? 178 ARG A NE  1 
ATOM   1438 C CZ  . ARG A 1 180 ? -3.811  1.670   22.579  1.00 84.63  ? 178 ARG A CZ  1 
ATOM   1439 N NH1 . ARG A 1 180 ? -3.738  0.535   23.257  1.00 95.71  ? 178 ARG A NH1 1 
ATOM   1440 N NH2 . ARG A 1 180 ? -4.411  2.721   23.112  1.00 82.47  ? 178 ARG A NH2 1 
ATOM   1441 N N   . ILE A 1 181 ? -3.851  -2.046  16.099  1.00 70.46  ? 179 ILE A N   1 
ATOM   1442 C CA  . ILE A 1 181 ? -3.737  -2.304  14.665  1.00 70.45  ? 179 ILE A CA  1 
ATOM   1443 C C   . ILE A 1 181 ? -5.090  -2.654  14.045  1.00 70.88  ? 179 ILE A C   1 
ATOM   1444 O O   . ILE A 1 181 ? -5.466  -2.119  13.002  1.00 74.43  ? 179 ILE A O   1 
ATOM   1445 C CB  . ILE A 1 181 ? -2.713  -3.408  14.364  1.00 70.30  ? 179 ILE A CB  1 
ATOM   1446 C CG1 . ILE A 1 181 ? -1.300  -2.915  14.691  1.00 72.73  ? 179 ILE A CG1 1 
ATOM   1447 C CG2 . ILE A 1 181 ? -2.805  -3.834  12.911  1.00 66.13  ? 179 ILE A CG2 1 
ATOM   1448 C CD1 . ILE A 1 181 ? -0.201  -3.778  14.120  1.00 69.38  ? 179 ILE A CD1 1 
ATOM   1449 N N   . LEU A 1 182 ? -5.824  -3.548  14.696  1.00 73.17  ? 180 LEU A N   1 
ATOM   1450 C CA  . LEU A 1 182 ? -7.151  -3.941  14.227  1.00 75.04  ? 180 LEU A CA  1 
ATOM   1451 C C   . LEU A 1 182 ? -8.096  -2.755  14.124  1.00 75.28  ? 180 LEU A C   1 
ATOM   1452 O O   . LEU A 1 182 ? -8.824  -2.614  13.143  1.00 73.54  ? 180 LEU A O   1 
ATOM   1453 C CB  . LEU A 1 182 ? -7.751  -4.984  15.160  1.00 76.55  ? 180 LEU A CB  1 
ATOM   1454 C CG  . LEU A 1 182 ? -7.331  -6.404  14.807  1.00 84.41  ? 180 LEU A CG  1 
ATOM   1455 C CD1 . LEU A 1 182 ? -8.077  -7.417  15.667  1.00 89.96  ? 180 LEU A CD1 1 
ATOM   1456 C CD2 . LEU A 1 182 ? -7.598  -6.629  13.331  1.00 73.94  ? 180 LEU A CD2 1 
ATOM   1457 N N   . ALA A 1 183 ? -8.087  -1.908  15.148  1.00 75.74  ? 181 ALA A N   1 
ATOM   1458 C CA  . ALA A 1 183 ? -8.905  -0.699  15.142  1.00 75.86  ? 181 ALA A CA  1 
ATOM   1459 C C   . ALA A 1 183 ? -8.481  0.188   13.980  1.00 76.08  ? 181 ALA A C   1 
ATOM   1460 O O   . ALA A 1 183 ? -9.313  0.667   13.207  1.00 77.55  ? 181 ALA A O   1 
ATOM   1461 C CB  . ALA A 1 183 ? -8.771  0.045   16.465  1.00 72.59  ? 181 ALA A CB  1 
ATOM   1462 N N   . TYR A 1 184 ? -7.170  0.384   13.872  1.00 76.11  ? 182 TYR A N   1 
ATOM   1463 C CA  . TYR A 1 184 ? -6.556  1.159   12.800  1.00 78.00  ? 182 TYR A CA  1 
ATOM   1464 C C   . TYR A 1 184 ? -7.034  0.700   11.419  1.00 81.37  ? 182 TYR A C   1 
ATOM   1465 O O   . TYR A 1 184 ? -7.402  1.515   10.569  1.00 81.29  ? 182 TYR A O   1 
ATOM   1466 C CB  . TYR A 1 184 ? -5.037  1.033   12.909  1.00 74.99  ? 182 TYR A CB  1 
ATOM   1467 C CG  . TYR A 1 184 ? -4.232  1.690   11.804  1.00 80.89  ? 182 TYR A CG  1 
ATOM   1468 C CD1 . TYR A 1 184 ? -3.915  3.049   11.847  1.00 74.05  ? 182 TYR A CD1 1 
ATOM   1469 C CD2 . TYR A 1 184 ? -3.751  0.944   10.735  1.00 77.62  ? 182 TYR A CD2 1 
ATOM   1470 C CE1 . TYR A 1 184 ? -3.162  3.642   10.845  1.00 77.21  ? 182 TYR A CE1 1 
ATOM   1471 C CE2 . TYR A 1 184 ? -2.995  1.532   9.727   1.00 79.41  ? 182 TYR A CE2 1 
ATOM   1472 C CZ  . TYR A 1 184 ? -2.701  2.874   9.790   1.00 79.66  ? 182 TYR A CZ  1 
ATOM   1473 O OH  . TYR A 1 184 ? -1.944  3.441   8.792   1.00 84.15  ? 182 TYR A OH  1 
ATOM   1474 N N   . LEU A 1 185 ? -7.038  -0.605  11.190  1.00 79.93  ? 183 LEU A N   1 
ATOM   1475 C CA  . LEU A 1 185 ? -7.482  -1.106  9.903   1.00 80.68  ? 183 LEU A CA  1 
ATOM   1476 C C   . LEU A 1 185 ? -8.926  -0.741  9.604   1.00 78.15  ? 183 LEU A C   1 
ATOM   1477 O O   . LEU A 1 185 ? -9.249  -0.349  8.490   1.00 80.15  ? 183 LEU A O   1 
ATOM   1478 C CB  . LEU A 1 185 ? -7.303  -2.613  9.834   1.00 83.54  ? 183 LEU A CB  1 
ATOM   1479 C CG  . LEU A 1 185 ? -5.963  -2.991  9.226   1.00 90.10  ? 183 LEU A CG  1 
ATOM   1480 C CD1 . LEU A 1 185 ? -5.598  -4.412  9.611   1.00 91.35  ? 183 LEU A CD1 1 
ATOM   1481 C CD2 . LEU A 1 185 ? -6.044  -2.821  7.715   1.00 96.60  ? 183 LEU A CD2 1 
ATOM   1482 N N   . GLU A 1 186 ? -9.792  -0.886  10.598  1.00 79.02  ? 184 GLU A N   1 
ATOM   1483 C CA  . GLU A 1 186 ? -11.206 -0.589  10.421  1.00 83.14  ? 184 GLU A CA  1 
ATOM   1484 C C   . GLU A 1 186 ? -11.393 0.901   10.172  1.00 83.75  ? 184 GLU A C   1 
ATOM   1485 O O   . GLU A 1 186 ? -12.279 1.335   9.430   1.00 85.08  ? 184 GLU A O   1 
ATOM   1486 C CB  . GLU A 1 186 ? -11.984 -1.009  11.662  1.00 82.82  ? 184 GLU A CB  1 
ATOM   1487 C CG  . GLU A 1 186 ? -12.203 -2.506  11.783  1.00 86.11  ? 184 GLU A CG  1 
ATOM   1488 C CD  . GLU A 1 186 ? -13.020 -2.866  13.003  1.00 92.06  ? 184 GLU A CD  1 
ATOM   1489 O OE1 . GLU A 1 186 ? -13.320 -1.956  13.803  1.00 96.37  ? 184 GLU A OE1 1 
ATOM   1490 O OE2 . GLU A 1 186 ? -13.356 -4.056  13.171  1.00 94.49  ? 184 GLU A OE2 1 
ATOM   1491 N N   . ARG A 1 187 ? -10.531 1.673   10.810  1.00 81.47  ? 185 ARG A N   1 
ATOM   1492 C CA  . ARG A 1 187 ? -10.504 3.109   10.673  1.00 76.63  ? 185 ARG A CA  1 
ATOM   1493 C C   . ARG A 1 187 ? -10.204 3.491   9.222   1.00 76.63  ? 185 ARG A C   1 
ATOM   1494 O O   . ARG A 1 187 ? -10.877 4.337   8.639   1.00 80.34  ? 185 ARG A O   1 
ATOM   1495 C CB  . ARG A 1 187 ? -9.424  3.643   11.604  1.00 72.95  ? 185 ARG A CB  1 
ATOM   1496 C CG  . ARG A 1 187 ? -9.743  4.958   12.207  1.00 74.78  ? 185 ARG A CG  1 
ATOM   1497 C CD  . ARG A 1 187 ? -9.264  4.998   13.642  1.00 88.40  ? 185 ARG A CD  1 
ATOM   1498 N NE  . ARG A 1 187 ? -7.824  4.806   13.766  1.00 76.83  ? 185 ARG A NE  1 
ATOM   1499 C CZ  . ARG A 1 187 ? -7.253  4.255   14.832  1.00 78.70  ? 185 ARG A CZ  1 
ATOM   1500 N NH1 . ARG A 1 187 ? -8.004  3.829   15.840  1.00 77.47  ? 185 ARG A NH1 1 
ATOM   1501 N NH2 . ARG A 1 187 ? -5.940  4.110   14.884  1.00 75.74  ? 185 ARG A NH2 1 
ATOM   1502 N N   . ASN A 1 188 ? -9.185  2.864   8.643   1.00 74.39  ? 186 ASN A N   1 
ATOM   1503 C CA  . ASN A 1 188 ? -8.845  3.073   7.238   1.00 72.11  ? 186 ASN A CA  1 
ATOM   1504 C C   . ASN A 1 188 ? -9.952  2.644   6.291   1.00 74.78  ? 186 ASN A C   1 
ATOM   1505 O O   . ASN A 1 188 ? -10.304 3.358   5.353   1.00 78.51  ? 186 ASN A O   1 
ATOM   1506 C CB  . ASN A 1 188 ? -7.571  2.312   6.882   1.00 69.10  ? 186 ASN A CB  1 
ATOM   1507 C CG  . ASN A 1 188 ? -6.327  3.055   7.286   1.00 72.66  ? 186 ASN A CG  1 
ATOM   1508 O OD1 . ASN A 1 188 ? -5.833  3.903   6.543   1.00 75.98  ? 186 ASN A OD1 1 
ATOM   1509 N ND2 . ASN A 1 188 ? -5.811  2.750   8.473   1.00 76.24  ? 186 ASN A ND2 1 
ATOM   1510 N N   . GLN A 1 189 ? -10.504 1.467   6.528   1.00 75.63  ? 187 GLN A N   1 
ATOM   1511 C CA  . GLN A 1 189 ? -11.454 0.912   5.582   1.00 80.05  ? 187 GLN A CA  1 
ATOM   1512 C C   . GLN A 1 189 ? -12.755 1.685   5.573   1.00 78.20  ? 187 GLN A C   1 
ATOM   1513 O O   . GLN A 1 189 ? -13.468 1.704   4.571   1.00 76.58  ? 187 GLN A O   1 
ATOM   1514 C CB  . GLN A 1 189 ? -11.682 -0.558  5.878   1.00 78.65  ? 187 GLN A CB  1 
ATOM   1515 C CG  . GLN A 1 189 ? -10.361 -1.271  6.032   1.00 96.72  ? 187 GLN A CG  1 
ATOM   1516 C CD  . GLN A 1 189 ? -10.476 -2.747  5.813   1.00 108.20 ? 187 GLN A CD  1 
ATOM   1517 O OE1 . GLN A 1 189 ? -11.405 -3.388  6.305   1.00 112.22 ? 187 GLN A OE1 1 
ATOM   1518 N NE2 . GLN A 1 189 ? -9.528  -3.307  5.071   1.00 110.57 ? 187 GLN A NE2 1 
ATOM   1519 N N   . ALA A 1 190 ? -13.040 2.355   6.683   1.00 79.76  ? 188 ALA A N   1 
ATOM   1520 C CA  . ALA A 1 190 ? -14.274 3.115   6.810   1.00 76.36  ? 188 ALA A CA  1 
ATOM   1521 C C   . ALA A 1 190 ? -14.247 4.437   6.025   1.00 78.17  ? 188 ALA A C   1 
ATOM   1522 O O   . ALA A 1 190 ? -15.274 5.101   5.892   1.00 81.39  ? 188 ALA A O   1 
ATOM   1523 C CB  . ALA A 1 190 ? -14.586 3.357   8.272   1.00 70.57  ? 188 ALA A CB  1 
ATOM   1524 N N   . ARG A 1 191 ? -13.083 4.820   5.507   1.00 77.96  ? 189 ARG A N   1 
ATOM   1525 C CA  . ARG A 1 191 ? -12.979 6.055   4.722   1.00 77.58  ? 189 ARG A CA  1 
ATOM   1526 C C   . ARG A 1 191 ? -13.629 5.905   3.352   1.00 79.07  ? 189 ARG A C   1 
ATOM   1527 O O   . ARG A 1 191 ? -13.366 4.938   2.635   1.00 79.59  ? 189 ARG A O   1 
ATOM   1528 C CB  . ARG A 1 191 ? -11.525 6.479   4.568   1.00 77.51  ? 189 ARG A CB  1 
ATOM   1529 C CG  . ARG A 1 191 ? -10.811 6.698   5.878   1.00 74.33  ? 189 ARG A CG  1 
ATOM   1530 C CD  . ARG A 1 191 ? -9.355  6.944   5.628   1.00 74.37  ? 189 ARG A CD  1 
ATOM   1531 N NE  . ARG A 1 191 ? -9.147  8.185   4.895   1.00 81.16  ? 189 ARG A NE  1 
ATOM   1532 C CZ  . ARG A 1 191 ? -9.096  9.379   5.474   1.00 75.57  ? 189 ARG A CZ  1 
ATOM   1533 N NH1 . ARG A 1 191 ? -9.244  9.486   6.783   1.00 75.66  ? 189 ARG A NH1 1 
ATOM   1534 N NH2 . ARG A 1 191 ? -8.898  10.465  4.750   1.00 73.93  ? 189 ARG A NH2 1 
ATOM   1535 N N   . PRO A 1 192 ? -14.485 6.868   2.985   1.00 79.69  ? 190 PRO A N   1 
ATOM   1536 C CA  . PRO A 1 192 ? -15.297 6.783   1.774   1.00 78.79  ? 190 PRO A CA  1 
ATOM   1537 C C   . PRO A 1 192 ? -14.469 6.550   0.516   1.00 79.44  ? 190 PRO A C   1 
ATOM   1538 O O   . PRO A 1 192 ? -14.967 5.948   -0.444  1.00 80.18  ? 190 PRO A O   1 
ATOM   1539 C CB  . PRO A 1 192 ? -15.986 8.148   1.720   1.00 77.28  ? 190 PRO A CB  1 
ATOM   1540 C CG  . PRO A 1 192 ? -16.062 8.575   3.142   1.00 75.42  ? 190 PRO A CG  1 
ATOM   1541 C CD  . PRO A 1 192 ? -14.795 8.073   3.775   1.00 79.32  ? 190 PRO A CD  1 
ATOM   1542 N N   . ALA A 1 193 ? -13.221 7.019   0.528   1.00 75.73  ? 191 ALA A N   1 
ATOM   1543 C CA  . ALA A 1 193 ? -12.321 6.850   -0.616  1.00 73.60  ? 191 ALA A CA  1 
ATOM   1544 C C   . ALA A 1 193 ? -11.743 5.441   -0.661  1.00 77.01  ? 191 ALA A C   1 
ATOM   1545 O O   . ALA A 1 193 ? -11.501 4.892   -1.735  1.00 80.20  ? 191 ALA A O   1 
ATOM   1546 C CB  . ALA A 1 193 ? -11.203 7.869   -0.566  1.00 72.35  ? 191 ALA A CB  1 
ATOM   1547 N N   . VAL A 1 194 ? -11.508 4.866   0.516   1.00 76.91  ? 192 VAL A N   1 
ATOM   1548 C CA  . VAL A 1 194 ? -11.046 3.491   0.616   1.00 73.57  ? 192 VAL A CA  1 
ATOM   1549 C C   . VAL A 1 194 ? -12.157 2.564   0.156   1.00 78.40  ? 192 VAL A C   1 
ATOM   1550 O O   . VAL A 1 194 ? -11.944 1.681   -0.673  1.00 80.63  ? 192 VAL A O   1 
ATOM   1551 C CB  . VAL A 1 194 ? -10.655 3.141   2.043   1.00 74.26  ? 192 VAL A CB  1 
ATOM   1552 C CG1 . VAL A 1 194 ? -10.280 1.668   2.131   1.00 67.17  ? 192 VAL A CG1 1 
ATOM   1553 C CG2 . VAL A 1 194 ? -9.502  4.033   2.503   1.00 66.34  ? 192 VAL A CG2 1 
ATOM   1554 N N   . GLN A 1 195 ? -13.349 2.781   0.695   1.00 79.78  ? 193 GLN A N   1 
ATOM   1555 C CA  . GLN A 1 195 ? -14.554 2.140   0.190   1.00 78.03  ? 193 GLN A CA  1 
ATOM   1556 C C   . GLN A 1 195 ? -14.603 2.158   -1.327  1.00 76.43  ? 193 GLN A C   1 
ATOM   1557 O O   . GLN A 1 195 ? -14.642 1.114   -1.972  1.00 78.63  ? 193 GLN A O   1 
ATOM   1558 C CB  . GLN A 1 195 ? -15.773 2.875   0.729   1.00 78.28  ? 193 GLN A CB  1 
ATOM   1559 C CG  . GLN A 1 195 ? -16.056 2.564   2.169   1.00 81.66  ? 193 GLN A CG  1 
ATOM   1560 C CD  . GLN A 1 195 ? -16.525 1.145   2.337   1.00 94.44  ? 193 GLN A CD  1 
ATOM   1561 O OE1 . GLN A 1 195 ? -17.654 0.801   1.975   1.00 109.77 ? 193 GLN A OE1 1 
ATOM   1562 N NE2 . GLN A 1 195 ? -15.657 0.299   2.873   1.00 88.52  ? 193 GLN A NE2 1 
ATOM   1563 N N   . ALA A 1 196 ? -14.613 3.361   -1.888  1.00 76.20  ? 194 ALA A N   1 
ATOM   1564 C CA  . ALA A 1 196 ? -14.745 3.543   -3.326  1.00 79.16  ? 194 ALA A CA  1 
ATOM   1565 C C   . ALA A 1 196 ? -13.718 2.730   -4.120  1.00 83.43  ? 194 ALA A C   1 
ATOM   1566 O O   . ALA A 1 196 ? -14.062 2.080   -5.107  1.00 88.99  ? 194 ALA A O   1 
ATOM   1567 C CB  . ALA A 1 196 ? -14.652 5.017   -3.683  1.00 72.70  ? 194 ALA A CB  1 
ATOM   1568 N N   . ALA A 1 197 ? -12.459 2.771   -3.698  1.00 83.29  ? 195 ALA A N   1 
ATOM   1569 C CA  . ALA A 1 197 ? -11.416 2.014   -4.383  1.00 82.48  ? 195 ALA A CA  1 
ATOM   1570 C C   . ALA A 1 197 ? -11.670 0.508   -4.273  1.00 82.99  ? 195 ALA A C   1 
ATOM   1571 O O   . ALA A 1 197 ? -11.604 -0.211  -5.268  1.00 82.48  ? 195 ALA A O   1 
ATOM   1572 C CB  . ALA A 1 197 ? -10.043 2.376   -3.835  1.00 81.61  ? 195 ALA A CB  1 
ATOM   1573 N N   . MET A 1 198 ? -11.964 0.044   -3.059  1.00 82.84  ? 196 MET A N   1 
ATOM   1574 C CA  . MET A 1 198 ? -12.246 -1.369  -2.804  1.00 81.71  ? 196 MET A CA  1 
ATOM   1575 C C   . MET A 1 198 ? -13.435 -1.852  -3.620  1.00 84.00  ? 196 MET A C   1 
ATOM   1576 O O   . MET A 1 198 ? -13.369 -2.884  -4.282  1.00 82.91  ? 196 MET A O   1 
ATOM   1577 C CB  . MET A 1 198 ? -12.500 -1.618  -1.317  1.00 80.63  ? 196 MET A CB  1 
ATOM   1578 C CG  . MET A 1 198 ? -11.229 -1.625  -0.477  1.00 89.93  ? 196 MET A CG  1 
ATOM   1579 S SD  . MET A 1 198 ? -11.488 -2.016  1.263   1.00 92.41  ? 196 MET A SD  1 
ATOM   1580 C CE  . MET A 1 198 ? -12.188 -3.667  1.155   1.00 101.10 ? 196 MET A CE  1 
ATOM   1581 N N   . LYS A 1 199 ? -14.532 -1.112  -3.570  1.00 85.89  ? 197 LYS A N   1 
ATOM   1582 C CA  . LYS A 1 199 ? -15.660 -1.442  -4.420  1.00 85.66  ? 197 LYS A CA  1 
ATOM   1583 C C   . LYS A 1 199 ? -15.194 -1.484  -5.877  1.00 84.71  ? 197 LYS A C   1 
ATOM   1584 O O   . LYS A 1 199 ? -15.463 -2.444  -6.591  1.00 87.25  ? 197 LYS A O   1 
ATOM   1585 C CB  . LYS A 1 199 ? -16.794 -0.435  -4.227  1.00 85.44  ? 197 LYS A CB  1 
ATOM   1586 C CG  . LYS A 1 199 ? -17.394 -0.444  -2.818  1.00 95.71  ? 197 LYS A CG  1 
ATOM   1587 C CD  . LYS A 1 199 ? -18.441 0.665   -2.622  1.00 94.84  ? 197 LYS A CD  1 
ATOM   1588 C CE  . LYS A 1 199 ? -19.195 0.499   -1.301  1.00 103.40 ? 197 LYS A CE  1 
ATOM   1589 N NZ  . LYS A 1 199 ? -20.260 1.523   -1.115  1.00 100.97 ? 197 LYS A NZ  1 
ATOM   1590 N N   . ALA A 1 200 ? -14.468 -0.458  -6.309  1.00 84.33  ? 198 ALA A N   1 
ATOM   1591 C CA  . ALA A 1 200 ? -14.027 -0.375  -7.699  1.00 81.86  ? 198 ALA A CA  1 
ATOM   1592 C C   . ALA A 1 200 ? -13.125 -1.540  -8.074  1.00 85.82  ? 198 ALA A C   1 
ATOM   1593 O O   . ALA A 1 200 ? -13.116 -1.977  -9.218  1.00 86.33  ? 198 ALA A O   1 
ATOM   1594 C CB  . ALA A 1 200 ? -13.325 0.935   -7.963  1.00 77.07  ? 198 ALA A CB  1 
ATOM   1595 N N   . GLU A 1 201 ? -12.357 -2.038  -7.113  1.00 90.11  ? 199 GLU A N   1 
ATOM   1596 C CA  . GLU A 1 201 ? -11.471 -3.169  -7.370  1.00 94.13  ? 199 GLU A CA  1 
ATOM   1597 C C   . GLU A 1 201 ? -12.201 -4.500  -7.191  1.00 97.38  ? 199 GLU A C   1 
ATOM   1598 O O   . GLU A 1 201 ? -11.653 -5.558  -7.488  1.00 99.36  ? 199 GLU A O   1 
ATOM   1599 C CB  . GLU A 1 201 ? -10.228 -3.114  -6.471  1.00 93.78  ? 199 GLU A CB  1 
ATOM   1600 C CG  . GLU A 1 201 ? -9.161  -2.115  -6.912  1.00 88.72  ? 199 GLU A CG  1 
ATOM   1601 C CD  . GLU A 1 201 ? -7.856  -2.297  -6.160  1.00 89.79  ? 199 GLU A CD  1 
ATOM   1602 O OE1 . GLU A 1 201 ? -7.759  -3.267  -5.386  1.00 92.52  ? 199 GLU A OE1 1 
ATOM   1603 O OE2 . GLU A 1 201 ? -6.928  -1.480  -6.335  1.00 94.18  ? 199 GLU A OE2 1 
ATOM   1604 N N   . GLY A 1 202 ? -13.435 -4.441  -6.702  1.00 98.69  ? 200 GLY A N   1 
ATOM   1605 C CA  . GLY A 1 202 ? -14.242 -5.643  -6.520  1.00 96.86  ? 200 GLY A CA  1 
ATOM   1606 C C   . GLY A 1 202 ? -14.096 -6.309  -5.162  1.00 100.34 ? 200 GLY A C   1 
ATOM   1607 O O   . GLY A 1 202 ? -14.631 -7.393  -4.935  1.00 102.95 ? 200 GLY A O   1 
ATOM   1608 N N   . LEU A 1 203 ? -13.388 -5.669  -4.241  1.00 102.64 ? 201 LEU A N   1 
ATOM   1609 C CA  . LEU A 1 203 ? -13.134 -6.282  -2.937  1.00 105.21 ? 201 LEU A CA  1 
ATOM   1610 C C   . LEU A 1 203 ? -14.333 -6.248  -1.968  1.00 107.95 ? 201 LEU A C   1 
ATOM   1611 O O   . LEU A 1 203 ? -14.217 -6.678  -0.817  1.00 108.98 ? 201 LEU A O   1 
ATOM   1612 C CB  . LEU A 1 203 ? -11.891 -5.657  -2.289  1.00 104.00 ? 201 LEU A CB  1 
ATOM   1613 C CG  . LEU A 1 203 ? -10.759 -5.310  -3.263  1.00 102.97 ? 201 LEU A CG  1 
ATOM   1614 C CD1 . LEU A 1 203 ? -9.495  -4.892  -2.527  1.00 89.35  ? 201 LEU A CD1 1 
ATOM   1615 C CD2 . LEU A 1 203 ? -10.477 -6.484  -4.183  1.00 101.93 ? 201 LEU A CD2 1 
ATOM   1616 N N   . ILE A 1 204 ? -15.480 -5.753  -2.433  1.00 109.13 ? 202 ILE A N   1 
ATOM   1617 C CA  . ILE A 1 204 ? -16.654 -5.629  -1.563  1.00 111.57 ? 202 ILE A CA  1 
ATOM   1618 C C   . ILE A 1 204 ? -17.904 -6.353  -2.088  1.00 112.74 ? 202 ILE A C   1 
ATOM   1619 O O   . ILE A 1 204 ? -18.616 -5.855  -2.963  1.00 113.40 ? 202 ILE A O   1 
ATOM   1620 C CB  . ILE A 1 204 ? -16.973 -4.144  -1.254  1.00 110.89 ? 202 ILE A CB  1 
ATOM   1621 C CG1 . ILE A 1 204 ? -15.868 -3.531  -0.387  1.00 107.15 ? 202 ILE A CG1 1 
ATOM   1622 C CG2 . ILE A 1 204 ? -18.319 -4.023  -0.554  1.00 113.90 ? 202 ILE A CG2 1 
ATOM   1623 C CD1 . ILE A 1 204 ? -16.086 -2.068  -0.044  1.00 96.55  ? 202 ILE A CD1 1 
HETATM 1624 N N1  . GSH B 2 .   ? 8.996   -3.196  -4.322  1.00 85.80  ? 226 GSH A N1  1 
HETATM 1625 C CA1 . GSH B 2 .   ? 7.890   -3.305  -5.256  1.00 83.50  ? 226 GSH A CA1 1 
HETATM 1626 C C1  . GSH B 2 .   ? 6.906   -2.190  -5.007  1.00 88.25  ? 226 GSH A C1  1 
HETATM 1627 O O11 . GSH B 2 .   ? 6.697   -1.795  -3.838  1.00 76.28  ? 226 GSH A O11 1 
HETATM 1628 O O12 . GSH B 2 .   ? 6.281   -1.642  -5.952  1.00 75.46  ? 226 GSH A O12 1 
HETATM 1629 C CB1 . GSH B 2 .   ? 7.203   -4.644  -5.027  1.00 76.24  ? 226 GSH A CB1 1 
HETATM 1630 C CG1 . GSH B 2 .   ? 6.002   -4.791  -5.948  1.00 72.24  ? 226 GSH A CG1 1 
HETATM 1631 C CD1 . GSH B 2 .   ? 5.279   -6.071  -5.613  1.00 83.70  ? 226 GSH A CD1 1 
HETATM 1632 O OE1 . GSH B 2 .   ? 5.828   -6.994  -4.695  1.00 93.86  ? 226 GSH A OE1 1 
HETATM 1633 N N2  . GSH B 2 .   ? 4.116   -6.240  -6.231  1.00 76.48  ? 226 GSH A N2  1 
HETATM 1634 C CA2 . GSH B 2 .   ? 3.342   -7.457  -6.159  1.00 75.79  ? 226 GSH A CA2 1 
HETATM 1635 C C2  . GSH B 2 .   ? 3.353   -8.117  -7.493  1.00 83.23  ? 226 GSH A C2  1 
HETATM 1636 O O2  . GSH B 2 .   ? 2.736   -7.470  -8.584  1.00 77.53  ? 226 GSH A O2  1 
HETATM 1637 C CB2 . GSH B 2 .   ? 1.889   -7.151  -5.818  1.00 78.49  ? 226 GSH A CB2 1 
HETATM 1638 S SG2 . GSH B 2 .   ? 1.610   -6.999  -4.037  1.00 94.45  ? 226 GSH A SG2 1 
HETATM 1639 N N3  . GSH B 2 .   ? 3.962   -9.299  -7.572  1.00 96.40  ? 226 GSH A N3  1 
HETATM 1640 C CA3 . GSH B 2 .   ? 3.907   -10.110 -8.774  1.00 105.68 ? 226 GSH A CA3 1 
HETATM 1641 C C3  . GSH B 2 .   ? 5.282   -10.362 -9.353  1.00 116.37 ? 226 GSH A C3  1 
HETATM 1642 O O31 . GSH B 2 .   ? 5.414   -11.009 -10.418 1.00 119.59 ? 226 GSH A O31 1 
HETATM 1643 O O32 . GSH B 2 .   ? 6.307   -9.926  -8.777  1.00 117.70 ? 226 GSH A O32 1 
HETATM 1644 C C1  . GOL C 3 .   ? 8.822   5.045   11.272  1.00 74.90  ? 227 GOL A C1  1 
HETATM 1645 O O1  . GOL C 3 .   ? 9.482   3.802   11.485  1.00 66.15  ? 227 GOL A O1  1 
HETATM 1646 C C2  . GOL C 3 .   ? 9.554   6.023   12.188  1.00 75.59  ? 227 GOL A C2  1 
HETATM 1647 O O2  . GOL C 3 .   ? 9.720   5.336   13.426  1.00 66.93  ? 227 GOL A O2  1 
HETATM 1648 C C3  . GOL C 3 .   ? 8.807   7.358   12.375  1.00 70.09  ? 227 GOL A C3  1 
HETATM 1649 O O3  . GOL C 3 .   ? 9.072   7.880   13.681  1.00 75.39  ? 227 GOL A O3  1 
HETATM 1650 O O   . HOH D 4 .   ? -11.020 10.761  -8.214  1.00 71.43  ? 228 HOH A O   1 
HETATM 1651 O O   . HOH D 4 .   ? -0.598  9.188   9.010   1.00 65.62  ? 229 HOH A O   1 
HETATM 1652 O O   . HOH D 4 .   ? 6.686   0.592   -2.233  1.00 77.91  ? 230 HOH A O   1 
HETATM 1653 O O   . HOH D 4 .   ? 5.988   -0.744  -8.438  1.00 72.07  ? 231 HOH A O   1 
HETATM 1654 O O   . HOH D 4 .   ? -11.919 9.143   2.070   1.00 77.74  ? 232 HOH A O   1 
HETATM 1655 O O   . HOH D 4 .   ? -7.084  1.124   3.606   1.00 84.80  ? 233 HOH A O   1 
HETATM 1656 O O   . HOH D 4 .   ? 7.447   -9.262  -6.576  1.00 82.98  ? 234 HOH A O   1 
HETATM 1657 O O   . HOH D 4 .   ? -4.781  -2.749  -6.738  1.00 85.40  ? 235 HOH A O   1 
# 
loop_
_pdbx_poly_seq_scheme.asym_id 
_pdbx_poly_seq_scheme.entity_id 
_pdbx_poly_seq_scheme.seq_id 
_pdbx_poly_seq_scheme.mon_id 
_pdbx_poly_seq_scheme.ndb_seq_num 
_pdbx_poly_seq_scheme.pdb_seq_num 
_pdbx_poly_seq_scheme.auth_seq_num 
_pdbx_poly_seq_scheme.pdb_mon_id 
_pdbx_poly_seq_scheme.auth_mon_id 
_pdbx_poly_seq_scheme.pdb_strand_id 
_pdbx_poly_seq_scheme.pdb_ins_code 
_pdbx_poly_seq_scheme.hetero 
A 1 1   MET 1   -1  ?   ?   ?   A . n 
A 1 2   VAL 2   0   0   VAL VAL A . n 
A 1 3   MET 3   1   1   MET MET A . n 
A 1 4   LYS 4   2   2   LYS LYS A . n 
A 1 5   LEU 5   3   3   LEU LEU A . n 
A 1 6   TYR 6   4   4   TYR TYR A . n 
A 1 7   TYR 7   5   5   TYR TYR A . n 
A 1 8   PHE 8   6   6   PHE PHE A . n 
A 1 9   PRO 9   7   7   PRO PRO A . n 
A 1 10  GLY 10  8   8   GLY GLY A . n 
A 1 11  ALA 11  9   9   ALA ALA A . n 
A 1 12  CYS 12  10  10  CYS CYS A . n 
A 1 13  SER 13  11  11  SER SER A . n 
A 1 14  LEU 14  12  12  LEU LEU A . n 
A 1 15  ALA 15  13  13  ALA ALA A . n 
A 1 16  PRO 16  14  14  PRO PRO A . n 
A 1 17  HIS 17  15  15  HIS HIS A . n 
A 1 18  ILE 18  16  16  ILE ILE A . n 
A 1 19  VAL 19  17  17  VAL VAL A . n 
A 1 20  LEU 20  18  18  LEU LEU A . n 
A 1 21  ARG 21  19  19  ARG ARG A . n 
A 1 22  GLU 22  20  20  GLU GLU A . n 
A 1 23  ALA 23  21  21  ALA ALA A . n 
A 1 24  GLY 24  22  22  GLY GLY A . n 
A 1 25  LEU 25  23  23  LEU LEU A . n 
A 1 26  ASP 26  24  24  ASP ASP A . n 
A 1 27  PHE 27  25  25  PHE PHE A . n 
A 1 28  GLU 28  26  26  GLU GLU A . n 
A 1 29  LEU 29  27  27  LEU LEU A . n 
A 1 30  GLU 30  28  28  GLU GLU A . n 
A 1 31  ASN 31  29  29  ASN ASN A . n 
A 1 32  VAL 32  30  30  VAL VAL A . n 
A 1 33  ASP 33  31  31  ASP ASP A . n 
A 1 34  LEU 34  32  32  LEU LEU A . n 
A 1 35  GLY 35  33  33  GLY GLY A . n 
A 1 36  THR 36  34  34  THR THR A . n 
A 1 37  LYS 37  35  35  LYS LYS A . n 
A 1 38  LYS 38  36  36  LYS LYS A . n 
A 1 39  THR 39  37  37  THR THR A . n 
A 1 40  GLY 40  38  38  GLY GLY A . n 
A 1 41  SER 41  39  39  SER SER A . n 
A 1 42  GLY 42  40  40  GLY GLY A . n 
A 1 43  ALA 43  41  41  ALA ALA A . n 
A 1 44  ASP 44  42  42  ASP ASP A . n 
A 1 45  PHE 45  43  43  PHE PHE A . n 
A 1 46  LEU 46  44  44  LEU LEU A . n 
A 1 47  GLN 47  45  45  GLN GLN A . n 
A 1 48  VAL 48  46  46  VAL VAL A . n 
A 1 49  ASN 49  47  47  ASN ASN A . n 
A 1 50  PRO 50  48  48  PRO PRO A . n 
A 1 51  LYS 51  49  49  LYS LYS A . n 
A 1 52  GLY 52  50  50  GLY GLY A . n 
A 1 53  TYR 53  51  51  TYR TYR A . n 
A 1 54  VAL 54  52  52  VAL VAL A . n 
A 1 55  PRO 55  53  53  PRO PRO A . n 
A 1 56  ALA 56  54  54  ALA ALA A . n 
A 1 57  LEU 57  55  55  LEU LEU A . n 
A 1 58  GLN 58  56  56  GLN GLN A . n 
A 1 59  LEU 59  57  57  LEU LEU A . n 
A 1 60  ASP 60  58  58  ASP ASP A . n 
A 1 61  ASP 61  59  59  ASP ASP A . n 
A 1 62  GLY 62  60  60  GLY GLY A . n 
A 1 63  GLN 63  61  61  GLN GLN A . n 
A 1 64  VAL 64  62  62  VAL VAL A . n 
A 1 65  LEU 65  63  63  LEU LEU A . n 
A 1 66  THR 66  64  64  THR THR A . n 
A 1 67  GLU 67  65  65  GLU GLU A . n 
A 1 68  ASP 68  66  66  ASP ASP A . n 
A 1 69  GLN 69  67  67  GLN GLN A . n 
A 1 70  VAL 70  68  68  VAL VAL A . n 
A 1 71  ILE 71  69  69  ILE ILE A . n 
A 1 72  LEU 72  70  70  LEU LEU A . n 
A 1 73  GLN 73  71  71  GLN GLN A . n 
A 1 74  TYR 74  72  72  TYR TYR A . n 
A 1 75  LEU 75  73  73  LEU LEU A . n 
A 1 76  ALA 76  74  74  ALA ALA A . n 
A 1 77  ASP 77  75  75  ASP ASP A . n 
A 1 78  LEU 78  76  76  LEU LEU A . n 
A 1 79  LYS 79  77  77  LYS LYS A . n 
A 1 80  PRO 80  78  78  PRO PRO A . n 
A 1 81  GLU 81  79  79  GLU GLU A . n 
A 1 82  SER 82  80  80  SER SER A . n 
A 1 83  GLY 83  81  81  GLY GLY A . n 
A 1 84  LEU 84  82  82  LEU LEU A . n 
A 1 85  MET 85  83  83  MET MET A . n 
A 1 86  PRO 86  84  84  PRO PRO A . n 
A 1 87  PRO 87  85  85  PRO PRO A . n 
A 1 88  SER 88  86  86  SER SER A . n 
A 1 89  GLY 89  87  87  GLY GLY A . n 
A 1 90  THR 90  88  88  THR THR A . n 
A 1 91  PHE 91  89  89  PHE PHE A . n 
A 1 92  GLU 92  90  90  GLU GLU A . n 
A 1 93  ARG 93  91  91  ARG ARG A . n 
A 1 94  TYR 94  92  92  TYR TYR A . n 
A 1 95  ARG 95  93  93  ARG ARG A . n 
A 1 96  LEU 96  94  94  LEU LEU A . n 
A 1 97  LEU 97  95  95  LEU LEU A . n 
A 1 98  GLU 98  96  96  GLU GLU A . n 
A 1 99  TRP 99  97  97  TRP TRP A . n 
A 1 100 LEU 100 98  98  LEU LEU A . n 
A 1 101 ALA 101 99  99  ALA ALA A . n 
A 1 102 PHE 102 100 100 PHE PHE A . n 
A 1 103 ILE 103 101 101 ILE ILE A . n 
A 1 104 SER 104 102 102 SER SER A . n 
A 1 105 THR 105 103 103 THR THR A . n 
A 1 106 GLU 106 104 104 GLU GLU A . n 
A 1 107 ILE 107 105 105 ILE ILE A . n 
A 1 108 HIS 108 106 106 HIS HIS A . n 
A 1 109 LYS 109 107 107 LYS LYS A . n 
A 1 110 THR 110 108 108 THR THR A . n 
A 1 111 PHE 111 109 109 PHE PHE A . n 
A 1 112 GLY 112 110 110 GLY GLY A . n 
A 1 113 PRO 113 111 111 PRO PRO A . n 
A 1 114 PHE 114 112 112 PHE PHE A . n 
A 1 115 TRP 115 113 113 TRP TRP A . n 
A 1 116 ASN 116 114 114 ASN ASN A . n 
A 1 117 PRO 117 115 115 PRO PRO A . n 
A 1 118 GLU 118 116 116 GLU GLU A . n 
A 1 119 SER 119 117 117 SER SER A . n 
A 1 120 PRO 120 118 118 PRO PRO A . n 
A 1 121 GLU 121 119 119 GLU GLU A . n 
A 1 122 ALA 122 120 120 ALA ALA A . n 
A 1 123 SER 123 121 121 SER SER A . n 
A 1 124 LYS 124 122 122 LYS LYS A . n 
A 1 125 GLN 125 123 123 GLN GLN A . n 
A 1 126 ILE 126 124 124 ILE ILE A . n 
A 1 127 ALA 127 125 125 ALA ALA A . n 
A 1 128 LEU 128 126 126 LEU LEU A . n 
A 1 129 GLY 129 127 127 GLY GLY A . n 
A 1 130 LEU 130 128 128 LEU LEU A . n 
A 1 131 LEU 131 129 129 LEU LEU A . n 
A 1 132 SER 132 130 130 SER SER A . n 
A 1 133 ARG 133 131 131 ARG ARG A . n 
A 1 134 ARG 134 132 132 ARG ARG A . n 
A 1 135 LEU 135 133 133 LEU LEU A . n 
A 1 136 ASP 136 134 134 ASP ASP A . n 
A 1 137 TYR 137 135 135 TYR TYR A . n 
A 1 138 VAL 138 136 136 VAL VAL A . n 
A 1 139 GLU 139 137 137 GLU GLU A . n 
A 1 140 ASP 140 138 138 ASP ASP A . n 
A 1 141 ARG 141 139 139 ARG ARG A . n 
A 1 142 LEU 142 140 140 LEU LEU A . n 
A 1 143 GLU 143 141 141 GLU GLU A . n 
A 1 144 ALA 144 142 142 ALA ALA A . n 
A 1 145 GLY 145 143 143 GLY GLY A . n 
A 1 146 GLY 146 144 144 GLY GLY A . n 
A 1 147 PRO 147 145 145 PRO PRO A . n 
A 1 148 TRP 148 146 146 TRP TRP A . n 
A 1 149 LEU 149 147 147 LEU LEU A . n 
A 1 150 MET 150 148 148 MET MET A . n 
A 1 151 GLY 151 149 149 GLY GLY A . n 
A 1 152 ASP 152 150 150 ASP ASP A . n 
A 1 153 ARG 153 151 151 ARG ARG A . n 
A 1 154 TYR 154 152 152 TYR TYR A . n 
A 1 155 SER 155 153 153 SER SER A . n 
A 1 156 VAL 156 154 154 VAL VAL A . n 
A 1 157 ALA 157 155 155 ALA ALA A . n 
A 1 158 ASP 158 156 156 ASP ASP A . n 
A 1 159 ALA 159 157 157 ALA ALA A . n 
A 1 160 TYR 160 158 158 TYR TYR A . n 
A 1 161 LEU 161 159 159 LEU LEU A . n 
A 1 162 SER 162 160 160 SER SER A . n 
A 1 163 THR 163 161 161 THR THR A . n 
A 1 164 VAL 164 162 162 VAL VAL A . n 
A 1 165 LEU 165 163 163 LEU LEU A . n 
A 1 166 GLY 166 164 164 GLY GLY A . n 
A 1 167 TRP 167 165 165 TRP TRP A . n 
A 1 168 CYS 168 166 166 CYS CYS A . n 
A 1 169 GLU 169 167 167 GLU GLU A . n 
A 1 170 TYR 170 168 168 TYR TYR A . n 
A 1 171 LEU 171 169 169 LEU LEU A . n 
A 1 172 LYS 172 170 170 LYS LYS A . n 
A 1 173 ILE 173 171 171 ILE ILE A . n 
A 1 174 ASP 174 172 172 ASP ASP A . n 
A 1 175 LEU 175 173 173 LEU LEU A . n 
A 1 176 SER 176 174 174 SER SER A . n 
A 1 177 LYS 177 175 175 LYS LYS A . n 
A 1 178 TRP 178 176 176 TRP TRP A . n 
A 1 179 PRO 179 177 177 PRO PRO A . n 
A 1 180 ARG 180 178 178 ARG ARG A . n 
A 1 181 ILE 181 179 179 ILE ILE A . n 
A 1 182 LEU 182 180 180 LEU LEU A . n 
A 1 183 ALA 183 181 181 ALA ALA A . n 
A 1 184 TYR 184 182 182 TYR TYR A . n 
A 1 185 LEU 185 183 183 LEU LEU A . n 
A 1 186 GLU 186 184 184 GLU GLU A . n 
A 1 187 ARG 187 185 185 ARG ARG A . n 
A 1 188 ASN 188 186 186 ASN ASN A . n 
A 1 189 GLN 189 187 187 GLN GLN A . n 
A 1 190 ALA 190 188 188 ALA ALA A . n 
A 1 191 ARG 191 189 189 ARG ARG A . n 
A 1 192 PRO 192 190 190 PRO PRO A . n 
A 1 193 ALA 193 191 191 ALA ALA A . n 
A 1 194 VAL 194 192 192 VAL VAL A . n 
A 1 195 GLN 195 193 193 GLN GLN A . n 
A 1 196 ALA 196 194 194 ALA ALA A . n 
A 1 197 ALA 197 195 195 ALA ALA A . n 
A 1 198 MET 198 196 196 MET MET A . n 
A 1 199 LYS 199 197 197 LYS LYS A . n 
A 1 200 ALA 200 198 198 ALA ALA A . n 
A 1 201 GLU 201 199 199 GLU GLU A . n 
A 1 202 GLY 202 200 200 GLY GLY A . n 
A 1 203 LEU 203 201 201 LEU LEU A . n 
A 1 204 ILE 204 202 202 ILE ILE A . n 
A 1 205 GLN 205 203 ?   ?   ?   A . n 
A 1 206 ALA 206 204 ?   ?   ?   A . n 
A 1 207 GLU 207 205 ?   ?   ?   A . n 
A 1 208 ASN 208 206 ?   ?   ?   A . n 
A 1 209 LEU 209 207 ?   ?   ?   A . n 
A 1 210 TYR 210 208 ?   ?   ?   A . n 
A 1 211 PHE 211 209 ?   ?   ?   A . n 
A 1 212 GLN 212 210 ?   ?   ?   A . n 
A 1 213 SER 213 211 ?   ?   ?   A . n 
A 1 214 HIS 214 212 ?   ?   ?   A . n 
A 1 215 HIS 215 213 ?   ?   ?   A . n 
A 1 216 HIS 216 214 ?   ?   ?   A . n 
A 1 217 HIS 217 215 ?   ?   ?   A . n 
A 1 218 HIS 218 216 ?   ?   ?   A . n 
A 1 219 HIS 219 217 ?   ?   ?   A . n 
A 1 220 TRP 220 218 ?   ?   ?   A . n 
A 1 221 SER 221 219 ?   ?   ?   A . n 
A 1 222 HIS 222 220 ?   ?   ?   A . n 
A 1 223 PRO 223 221 ?   ?   ?   A . n 
A 1 224 GLN 224 222 ?   ?   ?   A . n 
A 1 225 PHE 225 223 ?   ?   ?   A . n 
A 1 226 GLU 226 224 ?   ?   ?   A . n 
A 1 227 LYS 227 225 ?   ?   ?   A . n 
# 
_pdbx_SG_project.id                    1 
_pdbx_SG_project.project_name          'Enzyme Function Initiative' 
_pdbx_SG_project.full_name_of_center   ? 
_pdbx_SG_project.initial_of_center     ? 
# 
loop_
_pdbx_nonpoly_scheme.asym_id 
_pdbx_nonpoly_scheme.entity_id 
_pdbx_nonpoly_scheme.mon_id 
_pdbx_nonpoly_scheme.ndb_seq_num 
_pdbx_nonpoly_scheme.pdb_seq_num 
_pdbx_nonpoly_scheme.auth_seq_num 
_pdbx_nonpoly_scheme.pdb_mon_id 
_pdbx_nonpoly_scheme.auth_mon_id 
_pdbx_nonpoly_scheme.pdb_strand_id 
_pdbx_nonpoly_scheme.pdb_ins_code 
B 2 GSH 1 226 1 GSH GSH A . 
C 3 GOL 1 227 1 GOL GOL A . 
D 4 HOH 1 228 1 HOH HOH A . 
D 4 HOH 2 229 2 HOH HOH A . 
D 4 HOH 3 230 3 HOH HOH A . 
D 4 HOH 4 231 4 HOH HOH A . 
D 4 HOH 5 232 6 HOH HOH A . 
D 4 HOH 6 233 7 HOH HOH A . 
D 4 HOH 7 234 8 HOH HOH A . 
D 4 HOH 8 235 9 HOH HOH A . 
# 
_pdbx_struct_assembly.id                   1 
_pdbx_struct_assembly.details              author_and_software_defined_assembly 
_pdbx_struct_assembly.method_details       PISA 
_pdbx_struct_assembly.oligomeric_details   dimeric 
_pdbx_struct_assembly.oligomeric_count     2 
# 
_pdbx_struct_assembly_gen.assembly_id       1 
_pdbx_struct_assembly_gen.oper_expression   1,2 
_pdbx_struct_assembly_gen.asym_id_list      A,B,C,D 
# 
loop_
_pdbx_struct_assembly_prop.biol_id 
_pdbx_struct_assembly_prop.type 
_pdbx_struct_assembly_prop.value 
_pdbx_struct_assembly_prop.details 
1 'ABSA (A^2)' 5080  ? 
1 MORE         -27   ? 
1 'SSA (A^2)'  16210 ? 
# 
loop_
_pdbx_struct_oper_list.id 
_pdbx_struct_oper_list.type 
_pdbx_struct_oper_list.name 
_pdbx_struct_oper_list.symmetry_operation 
_pdbx_struct_oper_list.matrix[1][1] 
_pdbx_struct_oper_list.matrix[1][2] 
_pdbx_struct_oper_list.matrix[1][3] 
_pdbx_struct_oper_list.vector[1] 
_pdbx_struct_oper_list.matrix[2][1] 
_pdbx_struct_oper_list.matrix[2][2] 
_pdbx_struct_oper_list.matrix[2][3] 
_pdbx_struct_oper_list.vector[2] 
_pdbx_struct_oper_list.matrix[3][1] 
_pdbx_struct_oper_list.matrix[3][2] 
_pdbx_struct_oper_list.matrix[3][3] 
_pdbx_struct_oper_list.vector[3] 
1 'identity operation'         1_555  x,y,z              1.0000000000  0.0000000000  0.0000000000 0.0000000000  0.0000000000  1.0000000000 0.0000000000  0.0000000000 0.0000000000 0.0000000000  1.0000000000  0.0000000000 
2 'crystal symmetry operation' 18_454 -x-1/4,z+1/4,y-1/4 -0.9989499985 -0.0454014506 0.0061325984 23.5127758608 -0.0454014506 0.9631321795 -0.2651699703 0.7031194957 0.0061325984 -0.2651699703 -0.9641821810 1.1796297131 
# 
loop_
_pdbx_audit_revision_history.ordinal 
_pdbx_audit_revision_history.data_content_type 
_pdbx_audit_revision_history.major_revision 
_pdbx_audit_revision_history.minor_revision 
_pdbx_audit_revision_history.revision_date 
1 'Structure model' 1 0 2011-11-02 
2 'Structure model' 1 1 2012-02-29 
3 'Structure model' 1 2 2018-01-24 
4 'Structure model' 1 3 2023-09-13 
# 
_pdbx_audit_revision_details.ordinal             1 
_pdbx_audit_revision_details.revision_ordinal    1 
_pdbx_audit_revision_details.data_content_type   'Structure model' 
_pdbx_audit_revision_details.provider            repository 
_pdbx_audit_revision_details.type                'Initial release' 
_pdbx_audit_revision_details.description         ? 
_pdbx_audit_revision_details.details             ? 
# 
loop_
_pdbx_audit_revision_group.ordinal 
_pdbx_audit_revision_group.revision_ordinal 
_pdbx_audit_revision_group.data_content_type 
_pdbx_audit_revision_group.group 
1 2 'Structure model' 'Database references'    
2 2 'Structure model' 'Structure summary'      
3 3 'Structure model' 'Structure summary'      
4 4 'Structure model' 'Data collection'        
5 4 'Structure model' 'Database references'    
6 4 'Structure model' 'Derived calculations'   
7 4 'Structure model' 'Refinement description' 
# 
loop_
_pdbx_audit_revision_category.ordinal 
_pdbx_audit_revision_category.revision_ordinal 
_pdbx_audit_revision_category.data_content_type 
_pdbx_audit_revision_category.category 
1 3 'Structure model' audit_author                  
2 4 'Structure model' chem_comp_atom                
3 4 'Structure model' chem_comp_bond                
4 4 'Structure model' database_2                    
5 4 'Structure model' pdbx_initial_refinement_model 
6 4 'Structure model' struct_ref_seq_dif            
7 4 'Structure model' struct_site                   
# 
loop_
_pdbx_audit_revision_item.ordinal 
_pdbx_audit_revision_item.revision_ordinal 
_pdbx_audit_revision_item.data_content_type 
_pdbx_audit_revision_item.item 
1 3 'Structure model' '_audit_author.name'                  
2 4 'Structure model' '_database_2.pdbx_DOI'                
3 4 'Structure model' '_database_2.pdbx_database_accession' 
4 4 'Structure model' '_struct_ref_seq_dif.details'         
5 4 'Structure model' '_struct_site.pdbx_auth_asym_id'      
6 4 'Structure model' '_struct_site.pdbx_auth_comp_id'      
7 4 'Structure model' '_struct_site.pdbx_auth_seq_id'       
# 
loop_
_software.name 
_software.classification 
_software.version 
_software.citation_id 
_software.pdbx_ordinal 
PHASER   phasing          .        ? 1 
REFMAC   refinement       5.5.0109 ? 2 
HKL-2000 'data reduction' .        ? 3 
HKL-2000 'data scaling'   .        ? 4 
# 
loop_
_pdbx_validate_torsion.id 
_pdbx_validate_torsion.PDB_model_num 
_pdbx_validate_torsion.auth_comp_id 
_pdbx_validate_torsion.auth_asym_id 
_pdbx_validate_torsion.auth_seq_id 
_pdbx_validate_torsion.PDB_ins_code 
_pdbx_validate_torsion.label_alt_id 
_pdbx_validate_torsion.phi 
_pdbx_validate_torsion.psi 
1 1 GLU A 65  ? ? 83.30   98.25  
2 1 MET A 83  ? ? -176.63 132.39 
3 1 ILE A 105 ? ? -129.76 -55.42 
4 1 PRO A 115 ? ? -49.83  -17.28 
# 
loop_
_pdbx_unobs_or_zero_occ_residues.id 
_pdbx_unobs_or_zero_occ_residues.PDB_model_num 
_pdbx_unobs_or_zero_occ_residues.polymer_flag 
_pdbx_unobs_or_zero_occ_residues.occupancy_flag 
_pdbx_unobs_or_zero_occ_residues.auth_asym_id 
_pdbx_unobs_or_zero_occ_residues.auth_comp_id 
_pdbx_unobs_or_zero_occ_residues.auth_seq_id 
_pdbx_unobs_or_zero_occ_residues.PDB_ins_code 
_pdbx_unobs_or_zero_occ_residues.label_asym_id 
_pdbx_unobs_or_zero_occ_residues.label_comp_id 
_pdbx_unobs_or_zero_occ_residues.label_seq_id 
1  1 Y 1 A MET -1  ? A MET 1   
2  1 Y 1 A GLN 203 ? A GLN 205 
3  1 Y 1 A ALA 204 ? A ALA 206 
4  1 Y 1 A GLU 205 ? A GLU 207 
5  1 Y 1 A ASN 206 ? A ASN 208 
6  1 Y 1 A LEU 207 ? A LEU 209 
7  1 Y 1 A TYR 208 ? A TYR 210 
8  1 Y 1 A PHE 209 ? A PHE 211 
9  1 Y 1 A GLN 210 ? A GLN 212 
10 1 Y 1 A SER 211 ? A SER 213 
11 1 Y 1 A HIS 212 ? A HIS 214 
12 1 Y 1 A HIS 213 ? A HIS 215 
13 1 Y 1 A HIS 214 ? A HIS 216 
14 1 Y 1 A HIS 215 ? A HIS 217 
15 1 Y 1 A HIS 216 ? A HIS 218 
16 1 Y 1 A HIS 217 ? A HIS 219 
17 1 Y 1 A TRP 218 ? A TRP 220 
18 1 Y 1 A SER 219 ? A SER 221 
19 1 Y 1 A HIS 220 ? A HIS 222 
20 1 Y 1 A PRO 221 ? A PRO 223 
21 1 Y 1 A GLN 222 ? A GLN 224 
22 1 Y 1 A PHE 223 ? A PHE 225 
23 1 Y 1 A GLU 224 ? A GLU 226 
24 1 Y 1 A LYS 225 ? A LYS 227 
# 
loop_
_chem_comp_atom.comp_id 
_chem_comp_atom.atom_id 
_chem_comp_atom.type_symbol 
_chem_comp_atom.pdbx_aromatic_flag 
_chem_comp_atom.pdbx_stereo_config 
_chem_comp_atom.pdbx_ordinal 
ALA N    N N N 1   
ALA CA   C N S 2   
ALA C    C N N 3   
ALA O    O N N 4   
ALA CB   C N N 5   
ALA OXT  O N N 6   
ALA H    H N N 7   
ALA H2   H N N 8   
ALA HA   H N N 9   
ALA HB1  H N N 10  
ALA HB2  H N N 11  
ALA HB3  H N N 12  
ALA HXT  H N N 13  
ARG N    N N N 14  
ARG CA   C N S 15  
ARG C    C N N 16  
ARG O    O N N 17  
ARG CB   C N N 18  
ARG CG   C N N 19  
ARG CD   C N N 20  
ARG NE   N N N 21  
ARG CZ   C N N 22  
ARG NH1  N N N 23  
ARG NH2  N N N 24  
ARG OXT  O N N 25  
ARG H    H N N 26  
ARG H2   H N N 27  
ARG HA   H N N 28  
ARG HB2  H N N 29  
ARG HB3  H N N 30  
ARG HG2  H N N 31  
ARG HG3  H N N 32  
ARG HD2  H N N 33  
ARG HD3  H N N 34  
ARG HE   H N N 35  
ARG HH11 H N N 36  
ARG HH12 H N N 37  
ARG HH21 H N N 38  
ARG HH22 H N N 39  
ARG HXT  H N N 40  
ASN N    N N N 41  
ASN CA   C N S 42  
ASN C    C N N 43  
ASN O    O N N 44  
ASN CB   C N N 45  
ASN CG   C N N 46  
ASN OD1  O N N 47  
ASN ND2  N N N 48  
ASN OXT  O N N 49  
ASN H    H N N 50  
ASN H2   H N N 51  
ASN HA   H N N 52  
ASN HB2  H N N 53  
ASN HB3  H N N 54  
ASN HD21 H N N 55  
ASN HD22 H N N 56  
ASN HXT  H N N 57  
ASP N    N N N 58  
ASP CA   C N S 59  
ASP C    C N N 60  
ASP O    O N N 61  
ASP CB   C N N 62  
ASP CG   C N N 63  
ASP OD1  O N N 64  
ASP OD2  O N N 65  
ASP OXT  O N N 66  
ASP H    H N N 67  
ASP H2   H N N 68  
ASP HA   H N N 69  
ASP HB2  H N N 70  
ASP HB3  H N N 71  
ASP HD2  H N N 72  
ASP HXT  H N N 73  
CYS N    N N N 74  
CYS CA   C N R 75  
CYS C    C N N 76  
CYS O    O N N 77  
CYS CB   C N N 78  
CYS SG   S N N 79  
CYS OXT  O N N 80  
CYS H    H N N 81  
CYS H2   H N N 82  
CYS HA   H N N 83  
CYS HB2  H N N 84  
CYS HB3  H N N 85  
CYS HG   H N N 86  
CYS HXT  H N N 87  
GLN N    N N N 88  
GLN CA   C N S 89  
GLN C    C N N 90  
GLN O    O N N 91  
GLN CB   C N N 92  
GLN CG   C N N 93  
GLN CD   C N N 94  
GLN OE1  O N N 95  
GLN NE2  N N N 96  
GLN OXT  O N N 97  
GLN H    H N N 98  
GLN H2   H N N 99  
GLN HA   H N N 100 
GLN HB2  H N N 101 
GLN HB3  H N N 102 
GLN HG2  H N N 103 
GLN HG3  H N N 104 
GLN HE21 H N N 105 
GLN HE22 H N N 106 
GLN HXT  H N N 107 
GLU N    N N N 108 
GLU CA   C N S 109 
GLU C    C N N 110 
GLU O    O N N 111 
GLU CB   C N N 112 
GLU CG   C N N 113 
GLU CD   C N N 114 
GLU OE1  O N N 115 
GLU OE2  O N N 116 
GLU OXT  O N N 117 
GLU H    H N N 118 
GLU H2   H N N 119 
GLU HA   H N N 120 
GLU HB2  H N N 121 
GLU HB3  H N N 122 
GLU HG2  H N N 123 
GLU HG3  H N N 124 
GLU HE2  H N N 125 
GLU HXT  H N N 126 
GLY N    N N N 127 
GLY CA   C N N 128 
GLY C    C N N 129 
GLY O    O N N 130 
GLY OXT  O N N 131 
GLY H    H N N 132 
GLY H2   H N N 133 
GLY HA2  H N N 134 
GLY HA3  H N N 135 
GLY HXT  H N N 136 
GOL C1   C N N 137 
GOL O1   O N N 138 
GOL C2   C N N 139 
GOL O2   O N N 140 
GOL C3   C N N 141 
GOL O3   O N N 142 
GOL H11  H N N 143 
GOL H12  H N N 144 
GOL HO1  H N N 145 
GOL H2   H N N 146 
GOL HO2  H N N 147 
GOL H31  H N N 148 
GOL H32  H N N 149 
GOL HO3  H N N 150 
GSH N1   N N N 151 
GSH CA1  C N S 152 
GSH C1   C N N 153 
GSH O11  O N N 154 
GSH O12  O N N 155 
GSH CB1  C N N 156 
GSH CG1  C N N 157 
GSH CD1  C N N 158 
GSH OE1  O N N 159 
GSH N2   N N N 160 
GSH CA2  C N R 161 
GSH C2   C N N 162 
GSH O2   O N N 163 
GSH CB2  C N N 164 
GSH SG2  S N N 165 
GSH N3   N N N 166 
GSH CA3  C N N 167 
GSH C3   C N N 168 
GSH O31  O N N 169 
GSH O32  O N N 170 
GSH HN11 H N N 171 
GSH HN12 H N N 172 
GSH HA1  H N N 173 
GSH H12  H N N 174 
GSH HB12 H N N 175 
GSH HB13 H N N 176 
GSH HG12 H N N 177 
GSH HG13 H N N 178 
GSH HN2  H N N 179 
GSH HA2  H N N 180 
GSH HB22 H N N 181 
GSH HB23 H N N 182 
GSH HSG  H N N 183 
GSH HN3  H N N 184 
GSH HA31 H N N 185 
GSH HA32 H N N 186 
GSH H32  H N N 187 
HIS N    N N N 188 
HIS CA   C N S 189 
HIS C    C N N 190 
HIS O    O N N 191 
HIS CB   C N N 192 
HIS CG   C Y N 193 
HIS ND1  N Y N 194 
HIS CD2  C Y N 195 
HIS CE1  C Y N 196 
HIS NE2  N Y N 197 
HIS OXT  O N N 198 
HIS H    H N N 199 
HIS H2   H N N 200 
HIS HA   H N N 201 
HIS HB2  H N N 202 
HIS HB3  H N N 203 
HIS HD1  H N N 204 
HIS HD2  H N N 205 
HIS HE1  H N N 206 
HIS HE2  H N N 207 
HIS HXT  H N N 208 
HOH O    O N N 209 
HOH H1   H N N 210 
HOH H2   H N N 211 
ILE N    N N N 212 
ILE CA   C N S 213 
ILE C    C N N 214 
ILE O    O N N 215 
ILE CB   C N S 216 
ILE CG1  C N N 217 
ILE CG2  C N N 218 
ILE CD1  C N N 219 
ILE OXT  O N N 220 
ILE H    H N N 221 
ILE H2   H N N 222 
ILE HA   H N N 223 
ILE HB   H N N 224 
ILE HG12 H N N 225 
ILE HG13 H N N 226 
ILE HG21 H N N 227 
ILE HG22 H N N 228 
ILE HG23 H N N 229 
ILE HD11 H N N 230 
ILE HD12 H N N 231 
ILE HD13 H N N 232 
ILE HXT  H N N 233 
LEU N    N N N 234 
LEU CA   C N S 235 
LEU C    C N N 236 
LEU O    O N N 237 
LEU CB   C N N 238 
LEU CG   C N N 239 
LEU CD1  C N N 240 
LEU CD2  C N N 241 
LEU OXT  O N N 242 
LEU H    H N N 243 
LEU H2   H N N 244 
LEU HA   H N N 245 
LEU HB2  H N N 246 
LEU HB3  H N N 247 
LEU HG   H N N 248 
LEU HD11 H N N 249 
LEU HD12 H N N 250 
LEU HD13 H N N 251 
LEU HD21 H N N 252 
LEU HD22 H N N 253 
LEU HD23 H N N 254 
LEU HXT  H N N 255 
LYS N    N N N 256 
LYS CA   C N S 257 
LYS C    C N N 258 
LYS O    O N N 259 
LYS CB   C N N 260 
LYS CG   C N N 261 
LYS CD   C N N 262 
LYS CE   C N N 263 
LYS NZ   N N N 264 
LYS OXT  O N N 265 
LYS H    H N N 266 
LYS H2   H N N 267 
LYS HA   H N N 268 
LYS HB2  H N N 269 
LYS HB3  H N N 270 
LYS HG2  H N N 271 
LYS HG3  H N N 272 
LYS HD2  H N N 273 
LYS HD3  H N N 274 
LYS HE2  H N N 275 
LYS HE3  H N N 276 
LYS HZ1  H N N 277 
LYS HZ2  H N N 278 
LYS HZ3  H N N 279 
LYS HXT  H N N 280 
MET N    N N N 281 
MET CA   C N S 282 
MET C    C N N 283 
MET O    O N N 284 
MET CB   C N N 285 
MET CG   C N N 286 
MET SD   S N N 287 
MET CE   C N N 288 
MET OXT  O N N 289 
MET H    H N N 290 
MET H2   H N N 291 
MET HA   H N N 292 
MET HB2  H N N 293 
MET HB3  H N N 294 
MET HG2  H N N 295 
MET HG3  H N N 296 
MET HE1  H N N 297 
MET HE2  H N N 298 
MET HE3  H N N 299 
MET HXT  H N N 300 
PHE N    N N N 301 
PHE CA   C N S 302 
PHE C    C N N 303 
PHE O    O N N 304 
PHE CB   C N N 305 
PHE CG   C Y N 306 
PHE CD1  C Y N 307 
PHE CD2  C Y N 308 
PHE CE1  C Y N 309 
PHE CE2  C Y N 310 
PHE CZ   C Y N 311 
PHE OXT  O N N 312 
PHE H    H N N 313 
PHE H2   H N N 314 
PHE HA   H N N 315 
PHE HB2  H N N 316 
PHE HB3  H N N 317 
PHE HD1  H N N 318 
PHE HD2  H N N 319 
PHE HE1  H N N 320 
PHE HE2  H N N 321 
PHE HZ   H N N 322 
PHE HXT  H N N 323 
PRO N    N N N 324 
PRO CA   C N S 325 
PRO C    C N N 326 
PRO O    O N N 327 
PRO CB   C N N 328 
PRO CG   C N N 329 
PRO CD   C N N 330 
PRO OXT  O N N 331 
PRO H    H N N 332 
PRO HA   H N N 333 
PRO HB2  H N N 334 
PRO HB3  H N N 335 
PRO HG2  H N N 336 
PRO HG3  H N N 337 
PRO HD2  H N N 338 
PRO HD3  H N N 339 
PRO HXT  H N N 340 
SER N    N N N 341 
SER CA   C N S 342 
SER C    C N N 343 
SER O    O N N 344 
SER CB   C N N 345 
SER OG   O N N 346 
SER OXT  O N N 347 
SER H    H N N 348 
SER H2   H N N 349 
SER HA   H N N 350 
SER HB2  H N N 351 
SER HB3  H N N 352 
SER HG   H N N 353 
SER HXT  H N N 354 
THR N    N N N 355 
THR CA   C N S 356 
THR C    C N N 357 
THR O    O N N 358 
THR CB   C N R 359 
THR OG1  O N N 360 
THR CG2  C N N 361 
THR OXT  O N N 362 
THR H    H N N 363 
THR H2   H N N 364 
THR HA   H N N 365 
THR HB   H N N 366 
THR HG1  H N N 367 
THR HG21 H N N 368 
THR HG22 H N N 369 
THR HG23 H N N 370 
THR HXT  H N N 371 
TRP N    N N N 372 
TRP CA   C N S 373 
TRP C    C N N 374 
TRP O    O N N 375 
TRP CB   C N N 376 
TRP CG   C Y N 377 
TRP CD1  C Y N 378 
TRP CD2  C Y N 379 
TRP NE1  N Y N 380 
TRP CE2  C Y N 381 
TRP CE3  C Y N 382 
TRP CZ2  C Y N 383 
TRP CZ3  C Y N 384 
TRP CH2  C Y N 385 
TRP OXT  O N N 386 
TRP H    H N N 387 
TRP H2   H N N 388 
TRP HA   H N N 389 
TRP HB2  H N N 390 
TRP HB3  H N N 391 
TRP HD1  H N N 392 
TRP HE1  H N N 393 
TRP HE3  H N N 394 
TRP HZ2  H N N 395 
TRP HZ3  H N N 396 
TRP HH2  H N N 397 
TRP HXT  H N N 398 
TYR N    N N N 399 
TYR CA   C N S 400 
TYR C    C N N 401 
TYR O    O N N 402 
TYR CB   C N N 403 
TYR CG   C Y N 404 
TYR CD1  C Y N 405 
TYR CD2  C Y N 406 
TYR CE1  C Y N 407 
TYR CE2  C Y N 408 
TYR CZ   C Y N 409 
TYR OH   O N N 410 
TYR OXT  O N N 411 
TYR H    H N N 412 
TYR H2   H N N 413 
TYR HA   H N N 414 
TYR HB2  H N N 415 
TYR HB3  H N N 416 
TYR HD1  H N N 417 
TYR HD2  H N N 418 
TYR HE1  H N N 419 
TYR HE2  H N N 420 
TYR HH   H N N 421 
TYR HXT  H N N 422 
VAL N    N N N 423 
VAL CA   C N S 424 
VAL C    C N N 425 
VAL O    O N N 426 
VAL CB   C N N 427 
VAL CG1  C N N 428 
VAL CG2  C N N 429 
VAL OXT  O N N 430 
VAL H    H N N 431 
VAL H2   H N N 432 
VAL HA   H N N 433 
VAL HB   H N N 434 
VAL HG11 H N N 435 
VAL HG12 H N N 436 
VAL HG13 H N N 437 
VAL HG21 H N N 438 
VAL HG22 H N N 439 
VAL HG23 H N N 440 
VAL HXT  H N N 441 
# 
loop_
_chem_comp_bond.comp_id 
_chem_comp_bond.atom_id_1 
_chem_comp_bond.atom_id_2 
_chem_comp_bond.value_order 
_chem_comp_bond.pdbx_aromatic_flag 
_chem_comp_bond.pdbx_stereo_config 
_chem_comp_bond.pdbx_ordinal 
ALA N   CA   sing N N 1   
ALA N   H    sing N N 2   
ALA N   H2   sing N N 3   
ALA CA  C    sing N N 4   
ALA CA  CB   sing N N 5   
ALA CA  HA   sing N N 6   
ALA C   O    doub N N 7   
ALA C   OXT  sing N N 8   
ALA CB  HB1  sing N N 9   
ALA CB  HB2  sing N N 10  
ALA CB  HB3  sing N N 11  
ALA OXT HXT  sing N N 12  
ARG N   CA   sing N N 13  
ARG N   H    sing N N 14  
ARG N   H2   sing N N 15  
ARG CA  C    sing N N 16  
ARG CA  CB   sing N N 17  
ARG CA  HA   sing N N 18  
ARG C   O    doub N N 19  
ARG C   OXT  sing N N 20  
ARG CB  CG   sing N N 21  
ARG CB  HB2  sing N N 22  
ARG CB  HB3  sing N N 23  
ARG CG  CD   sing N N 24  
ARG CG  HG2  sing N N 25  
ARG CG  HG3  sing N N 26  
ARG CD  NE   sing N N 27  
ARG CD  HD2  sing N N 28  
ARG CD  HD3  sing N N 29  
ARG NE  CZ   sing N N 30  
ARG NE  HE   sing N N 31  
ARG CZ  NH1  sing N N 32  
ARG CZ  NH2  doub N N 33  
ARG NH1 HH11 sing N N 34  
ARG NH1 HH12 sing N N 35  
ARG NH2 HH21 sing N N 36  
ARG NH2 HH22 sing N N 37  
ARG OXT HXT  sing N N 38  
ASN N   CA   sing N N 39  
ASN N   H    sing N N 40  
ASN N   H2   sing N N 41  
ASN CA  C    sing N N 42  
ASN CA  CB   sing N N 43  
ASN CA  HA   sing N N 44  
ASN C   O    doub N N 45  
ASN C   OXT  sing N N 46  
ASN CB  CG   sing N N 47  
ASN CB  HB2  sing N N 48  
ASN CB  HB3  sing N N 49  
ASN CG  OD1  doub N N 50  
ASN CG  ND2  sing N N 51  
ASN ND2 HD21 sing N N 52  
ASN ND2 HD22 sing N N 53  
ASN OXT HXT  sing N N 54  
ASP N   CA   sing N N 55  
ASP N   H    sing N N 56  
ASP N   H2   sing N N 57  
ASP CA  C    sing N N 58  
ASP CA  CB   sing N N 59  
ASP CA  HA   sing N N 60  
ASP C   O    doub N N 61  
ASP C   OXT  sing N N 62  
ASP CB  CG   sing N N 63  
ASP CB  HB2  sing N N 64  
ASP CB  HB3  sing N N 65  
ASP CG  OD1  doub N N 66  
ASP CG  OD2  sing N N 67  
ASP OD2 HD2  sing N N 68  
ASP OXT HXT  sing N N 69  
CYS N   CA   sing N N 70  
CYS N   H    sing N N 71  
CYS N   H2   sing N N 72  
CYS CA  C    sing N N 73  
CYS CA  CB   sing N N 74  
CYS CA  HA   sing N N 75  
CYS C   O    doub N N 76  
CYS C   OXT  sing N N 77  
CYS CB  SG   sing N N 78  
CYS CB  HB2  sing N N 79  
CYS CB  HB3  sing N N 80  
CYS SG  HG   sing N N 81  
CYS OXT HXT  sing N N 82  
GLN N   CA   sing N N 83  
GLN N   H    sing N N 84  
GLN N   H2   sing N N 85  
GLN CA  C    sing N N 86  
GLN CA  CB   sing N N 87  
GLN CA  HA   sing N N 88  
GLN C   O    doub N N 89  
GLN C   OXT  sing N N 90  
GLN CB  CG   sing N N 91  
GLN CB  HB2  sing N N 92  
GLN CB  HB3  sing N N 93  
GLN CG  CD   sing N N 94  
GLN CG  HG2  sing N N 95  
GLN CG  HG3  sing N N 96  
GLN CD  OE1  doub N N 97  
GLN CD  NE2  sing N N 98  
GLN NE2 HE21 sing N N 99  
GLN NE2 HE22 sing N N 100 
GLN OXT HXT  sing N N 101 
GLU N   CA   sing N N 102 
GLU N   H    sing N N 103 
GLU N   H2   sing N N 104 
GLU CA  C    sing N N 105 
GLU CA  CB   sing N N 106 
GLU CA  HA   sing N N 107 
GLU C   O    doub N N 108 
GLU C   OXT  sing N N 109 
GLU CB  CG   sing N N 110 
GLU CB  HB2  sing N N 111 
GLU CB  HB3  sing N N 112 
GLU CG  CD   sing N N 113 
GLU CG  HG2  sing N N 114 
GLU CG  HG3  sing N N 115 
GLU CD  OE1  doub N N 116 
GLU CD  OE2  sing N N 117 
GLU OE2 HE2  sing N N 118 
GLU OXT HXT  sing N N 119 
GLY N   CA   sing N N 120 
GLY N   H    sing N N 121 
GLY N   H2   sing N N 122 
GLY CA  C    sing N N 123 
GLY CA  HA2  sing N N 124 
GLY CA  HA3  sing N N 125 
GLY C   O    doub N N 126 
GLY C   OXT  sing N N 127 
GLY OXT HXT  sing N N 128 
GOL C1  O1   sing N N 129 
GOL C1  C2   sing N N 130 
GOL C1  H11  sing N N 131 
GOL C1  H12  sing N N 132 
GOL O1  HO1  sing N N 133 
GOL C2  O2   sing N N 134 
GOL C2  C3   sing N N 135 
GOL C2  H2   sing N N 136 
GOL O2  HO2  sing N N 137 
GOL C3  O3   sing N N 138 
GOL C3  H31  sing N N 139 
GOL C3  H32  sing N N 140 
GOL O3  HO3  sing N N 141 
GSH N1  CA1  sing N N 142 
GSH N1  HN11 sing N N 143 
GSH N1  HN12 sing N N 144 
GSH CA1 C1   sing N N 145 
GSH CA1 CB1  sing N N 146 
GSH CA1 HA1  sing N N 147 
GSH C1  O11  doub N N 148 
GSH C1  O12  sing N N 149 
GSH O12 H12  sing N N 150 
GSH CB1 CG1  sing N N 151 
GSH CB1 HB12 sing N N 152 
GSH CB1 HB13 sing N N 153 
GSH CG1 CD1  sing N N 154 
GSH CG1 HG12 sing N N 155 
GSH CG1 HG13 sing N N 156 
GSH CD1 OE1  doub N N 157 
GSH CD1 N2   sing N N 158 
GSH N2  CA2  sing N N 159 
GSH N2  HN2  sing N N 160 
GSH CA2 C2   sing N N 161 
GSH CA2 CB2  sing N N 162 
GSH CA2 HA2  sing N N 163 
GSH C2  O2   doub N N 164 
GSH C2  N3   sing N N 165 
GSH CB2 SG2  sing N N 166 
GSH CB2 HB22 sing N N 167 
GSH CB2 HB23 sing N N 168 
GSH SG2 HSG  sing N N 169 
GSH N3  CA3  sing N N 170 
GSH N3  HN3  sing N N 171 
GSH CA3 C3   sing N N 172 
GSH CA3 HA31 sing N N 173 
GSH CA3 HA32 sing N N 174 
GSH C3  O31  doub N N 175 
GSH C3  O32  sing N N 176 
GSH O32 H32  sing N N 177 
HIS N   CA   sing N N 178 
HIS N   H    sing N N 179 
HIS N   H2   sing N N 180 
HIS CA  C    sing N N 181 
HIS CA  CB   sing N N 182 
HIS CA  HA   sing N N 183 
HIS C   O    doub N N 184 
HIS C   OXT  sing N N 185 
HIS CB  CG   sing N N 186 
HIS CB  HB2  sing N N 187 
HIS CB  HB3  sing N N 188 
HIS CG  ND1  sing Y N 189 
HIS CG  CD2  doub Y N 190 
HIS ND1 CE1  doub Y N 191 
HIS ND1 HD1  sing N N 192 
HIS CD2 NE2  sing Y N 193 
HIS CD2 HD2  sing N N 194 
HIS CE1 NE2  sing Y N 195 
HIS CE1 HE1  sing N N 196 
HIS NE2 HE2  sing N N 197 
HIS OXT HXT  sing N N 198 
HOH O   H1   sing N N 199 
HOH O   H2   sing N N 200 
ILE N   CA   sing N N 201 
ILE N   H    sing N N 202 
ILE N   H2   sing N N 203 
ILE CA  C    sing N N 204 
ILE CA  CB   sing N N 205 
ILE CA  HA   sing N N 206 
ILE C   O    doub N N 207 
ILE C   OXT  sing N N 208 
ILE CB  CG1  sing N N 209 
ILE CB  CG2  sing N N 210 
ILE CB  HB   sing N N 211 
ILE CG1 CD1  sing N N 212 
ILE CG1 HG12 sing N N 213 
ILE CG1 HG13 sing N N 214 
ILE CG2 HG21 sing N N 215 
ILE CG2 HG22 sing N N 216 
ILE CG2 HG23 sing N N 217 
ILE CD1 HD11 sing N N 218 
ILE CD1 HD12 sing N N 219 
ILE CD1 HD13 sing N N 220 
ILE OXT HXT  sing N N 221 
LEU N   CA   sing N N 222 
LEU N   H    sing N N 223 
LEU N   H2   sing N N 224 
LEU CA  C    sing N N 225 
LEU CA  CB   sing N N 226 
LEU CA  HA   sing N N 227 
LEU C   O    doub N N 228 
LEU C   OXT  sing N N 229 
LEU CB  CG   sing N N 230 
LEU CB  HB2  sing N N 231 
LEU CB  HB3  sing N N 232 
LEU CG  CD1  sing N N 233 
LEU CG  CD2  sing N N 234 
LEU CG  HG   sing N N 235 
LEU CD1 HD11 sing N N 236 
LEU CD1 HD12 sing N N 237 
LEU CD1 HD13 sing N N 238 
LEU CD2 HD21 sing N N 239 
LEU CD2 HD22 sing N N 240 
LEU CD2 HD23 sing N N 241 
LEU OXT HXT  sing N N 242 
LYS N   CA   sing N N 243 
LYS N   H    sing N N 244 
LYS N   H2   sing N N 245 
LYS CA  C    sing N N 246 
LYS CA  CB   sing N N 247 
LYS CA  HA   sing N N 248 
LYS C   O    doub N N 249 
LYS C   OXT  sing N N 250 
LYS CB  CG   sing N N 251 
LYS CB  HB2  sing N N 252 
LYS CB  HB3  sing N N 253 
LYS CG  CD   sing N N 254 
LYS CG  HG2  sing N N 255 
LYS CG  HG3  sing N N 256 
LYS CD  CE   sing N N 257 
LYS CD  HD2  sing N N 258 
LYS CD  HD3  sing N N 259 
LYS CE  NZ   sing N N 260 
LYS CE  HE2  sing N N 261 
LYS CE  HE3  sing N N 262 
LYS NZ  HZ1  sing N N 263 
LYS NZ  HZ2  sing N N 264 
LYS NZ  HZ3  sing N N 265 
LYS OXT HXT  sing N N 266 
MET N   CA   sing N N 267 
MET N   H    sing N N 268 
MET N   H2   sing N N 269 
MET CA  C    sing N N 270 
MET CA  CB   sing N N 271 
MET CA  HA   sing N N 272 
MET C   O    doub N N 273 
MET C   OXT  sing N N 274 
MET CB  CG   sing N N 275 
MET CB  HB2  sing N N 276 
MET CB  HB3  sing N N 277 
MET CG  SD   sing N N 278 
MET CG  HG2  sing N N 279 
MET CG  HG3  sing N N 280 
MET SD  CE   sing N N 281 
MET CE  HE1  sing N N 282 
MET CE  HE2  sing N N 283 
MET CE  HE3  sing N N 284 
MET OXT HXT  sing N N 285 
PHE N   CA   sing N N 286 
PHE N   H    sing N N 287 
PHE N   H2   sing N N 288 
PHE CA  C    sing N N 289 
PHE CA  CB   sing N N 290 
PHE CA  HA   sing N N 291 
PHE C   O    doub N N 292 
PHE C   OXT  sing N N 293 
PHE CB  CG   sing N N 294 
PHE CB  HB2  sing N N 295 
PHE CB  HB3  sing N N 296 
PHE CG  CD1  doub Y N 297 
PHE CG  CD2  sing Y N 298 
PHE CD1 CE1  sing Y N 299 
PHE CD1 HD1  sing N N 300 
PHE CD2 CE2  doub Y N 301 
PHE CD2 HD2  sing N N 302 
PHE CE1 CZ   doub Y N 303 
PHE CE1 HE1  sing N N 304 
PHE CE2 CZ   sing Y N 305 
PHE CE2 HE2  sing N N 306 
PHE CZ  HZ   sing N N 307 
PHE OXT HXT  sing N N 308 
PRO N   CA   sing N N 309 
PRO N   CD   sing N N 310 
PRO N   H    sing N N 311 
PRO CA  C    sing N N 312 
PRO CA  CB   sing N N 313 
PRO CA  HA   sing N N 314 
PRO C   O    doub N N 315 
PRO C   OXT  sing N N 316 
PRO CB  CG   sing N N 317 
PRO CB  HB2  sing N N 318 
PRO CB  HB3  sing N N 319 
PRO CG  CD   sing N N 320 
PRO CG  HG2  sing N N 321 
PRO CG  HG3  sing N N 322 
PRO CD  HD2  sing N N 323 
PRO CD  HD3  sing N N 324 
PRO OXT HXT  sing N N 325 
SER N   CA   sing N N 326 
SER N   H    sing N N 327 
SER N   H2   sing N N 328 
SER CA  C    sing N N 329 
SER CA  CB   sing N N 330 
SER CA  HA   sing N N 331 
SER C   O    doub N N 332 
SER C   OXT  sing N N 333 
SER CB  OG   sing N N 334 
SER CB  HB2  sing N N 335 
SER CB  HB3  sing N N 336 
SER OG  HG   sing N N 337 
SER OXT HXT  sing N N 338 
THR N   CA   sing N N 339 
THR N   H    sing N N 340 
THR N   H2   sing N N 341 
THR CA  C    sing N N 342 
THR CA  CB   sing N N 343 
THR CA  HA   sing N N 344 
THR C   O    doub N N 345 
THR C   OXT  sing N N 346 
THR CB  OG1  sing N N 347 
THR CB  CG2  sing N N 348 
THR CB  HB   sing N N 349 
THR OG1 HG1  sing N N 350 
THR CG2 HG21 sing N N 351 
THR CG2 HG22 sing N N 352 
THR CG2 HG23 sing N N 353 
THR OXT HXT  sing N N 354 
TRP N   CA   sing N N 355 
TRP N   H    sing N N 356 
TRP N   H2   sing N N 357 
TRP CA  C    sing N N 358 
TRP CA  CB   sing N N 359 
TRP CA  HA   sing N N 360 
TRP C   O    doub N N 361 
TRP C   OXT  sing N N 362 
TRP CB  CG   sing N N 363 
TRP CB  HB2  sing N N 364 
TRP CB  HB3  sing N N 365 
TRP CG  CD1  doub Y N 366 
TRP CG  CD2  sing Y N 367 
TRP CD1 NE1  sing Y N 368 
TRP CD1 HD1  sing N N 369 
TRP CD2 CE2  doub Y N 370 
TRP CD2 CE3  sing Y N 371 
TRP NE1 CE2  sing Y N 372 
TRP NE1 HE1  sing N N 373 
TRP CE2 CZ2  sing Y N 374 
TRP CE3 CZ3  doub Y N 375 
TRP CE3 HE3  sing N N 376 
TRP CZ2 CH2  doub Y N 377 
TRP CZ2 HZ2  sing N N 378 
TRP CZ3 CH2  sing Y N 379 
TRP CZ3 HZ3  sing N N 380 
TRP CH2 HH2  sing N N 381 
TRP OXT HXT  sing N N 382 
TYR N   CA   sing N N 383 
TYR N   H    sing N N 384 
TYR N   H2   sing N N 385 
TYR CA  C    sing N N 386 
TYR CA  CB   sing N N 387 
TYR CA  HA   sing N N 388 
TYR C   O    doub N N 389 
TYR C   OXT  sing N N 390 
TYR CB  CG   sing N N 391 
TYR CB  HB2  sing N N 392 
TYR CB  HB3  sing N N 393 
TYR CG  CD1  doub Y N 394 
TYR CG  CD2  sing Y N 395 
TYR CD1 CE1  sing Y N 396 
TYR CD1 HD1  sing N N 397 
TYR CD2 CE2  doub Y N 398 
TYR CD2 HD2  sing N N 399 
TYR CE1 CZ   doub Y N 400 
TYR CE1 HE1  sing N N 401 
TYR CE2 CZ   sing Y N 402 
TYR CE2 HE2  sing N N 403 
TYR CZ  OH   sing N N 404 
TYR OH  HH   sing N N 405 
TYR OXT HXT  sing N N 406 
VAL N   CA   sing N N 407 
VAL N   H    sing N N 408 
VAL N   H2   sing N N 409 
VAL CA  C    sing N N 410 
VAL CA  CB   sing N N 411 
VAL CA  HA   sing N N 412 
VAL C   O    doub N N 413 
VAL C   OXT  sing N N 414 
VAL CB  CG1  sing N N 415 
VAL CB  CG2  sing N N 416 
VAL CB  HB   sing N N 417 
VAL CG1 HG11 sing N N 418 
VAL CG1 HG12 sing N N 419 
VAL CG1 HG13 sing N N 420 
VAL CG2 HG21 sing N N 421 
VAL CG2 HG22 sing N N 422 
VAL CG2 HG23 sing N N 423 
VAL OXT HXT  sing N N 424 
# 
loop_
_pdbx_entity_nonpoly.entity_id 
_pdbx_entity_nonpoly.name 
_pdbx_entity_nonpoly.comp_id 
2 GLUTATHIONE GSH 
3 GLYCEROL    GOL 
4 water       HOH 
# 
_pdbx_initial_refinement_model.id               1 
_pdbx_initial_refinement_model.entity_id_list   ? 
_pdbx_initial_refinement_model.type             'experimental model' 
_pdbx_initial_refinement_model.source_name      PDB 
_pdbx_initial_refinement_model.accession_code   3UAP 
_pdbx_initial_refinement_model.details          'PDB ENTRY 3UAP' 
# 
